data_2RKH
# 
_entry.id   2RKH 
# 
_audit_conform.dict_name       mmcif_pdbx.dic 
_audit_conform.dict_version    5.397 
_audit_conform.dict_location   http://mmcif.pdb.org/dictionaries/ascii/mmcif_pdbx.dic 
# 
loop_
_database_2.database_id 
_database_2.database_code 
_database_2.pdbx_database_accession 
_database_2.pdbx_DOI 
PDB   2RKH         pdb_00002rkh 10.2210/pdb2rkh/pdb 
RCSB  RCSB044969   ?            ?                   
WWPDB D_1000044969 ?            ?                   
# 
loop_
_pdbx_audit_revision_history.ordinal 
_pdbx_audit_revision_history.data_content_type 
_pdbx_audit_revision_history.major_revision 
_pdbx_audit_revision_history.minor_revision 
_pdbx_audit_revision_history.revision_date 
1 'Structure model' 1 0 2007-10-30 
2 'Structure model' 1 1 2011-07-13 
3 'Structure model' 1 2 2017-10-25 
4 'Structure model' 1 3 2019-07-24 
5 'Structure model' 1 4 2024-10-30 
# 
_pdbx_audit_revision_details.ordinal             1 
_pdbx_audit_revision_details.revision_ordinal    1 
_pdbx_audit_revision_details.data_content_type   'Structure model' 
_pdbx_audit_revision_details.provider            repository 
_pdbx_audit_revision_details.type                'Initial release' 
_pdbx_audit_revision_details.description         ? 
_pdbx_audit_revision_details.details             ? 
# 
loop_
_pdbx_audit_revision_group.ordinal 
_pdbx_audit_revision_group.revision_ordinal 
_pdbx_audit_revision_group.data_content_type 
_pdbx_audit_revision_group.group 
1  2 'Structure model' Advisory                     
2  2 'Structure model' 'Source and taxonomy'        
3  2 'Structure model' 'Version format compliance'  
4  3 'Structure model' 'Author supporting evidence' 
5  3 'Structure model' 'Refinement description'     
6  4 'Structure model' 'Data collection'            
7  4 'Structure model' 'Derived calculations'       
8  4 'Structure model' 'Refinement description'     
9  5 'Structure model' 'Data collection'            
10 5 'Structure model' 'Database references'        
11 5 'Structure model' 'Structure summary'          
# 
loop_
_pdbx_audit_revision_category.ordinal 
_pdbx_audit_revision_category.revision_ordinal 
_pdbx_audit_revision_category.data_content_type 
_pdbx_audit_revision_category.category 
1 3 'Structure model' pdbx_struct_assembly_auth_evidence 
2 3 'Structure model' software                           
3 4 'Structure model' software                           
4 4 'Structure model' struct_conn                        
5 5 'Structure model' chem_comp_atom                     
6 5 'Structure model' chem_comp_bond                     
7 5 'Structure model' database_2                         
8 5 'Structure model' pdbx_entry_details                 
9 5 'Structure model' pdbx_modification_feature          
# 
loop_
_pdbx_audit_revision_item.ordinal 
_pdbx_audit_revision_item.revision_ordinal 
_pdbx_audit_revision_item.data_content_type 
_pdbx_audit_revision_item.item 
1  3 'Structure model' '_software.classification'                     
2  3 'Structure model' '_software.name'                               
3  4 'Structure model' '_software.classification'                     
4  4 'Structure model' '_software.contact_author'                     
5  4 'Structure model' '_software.contact_author_email'               
6  4 'Structure model' '_software.language'                           
7  4 'Structure model' '_software.location'                           
8  4 'Structure model' '_software.name'                               
9  4 'Structure model' '_software.type'                               
10 4 'Structure model' '_software.version'                            
11 4 'Structure model' '_struct_conn.pdbx_leaving_atom_flag'          
12 5 'Structure model' '_database_2.pdbx_DOI'                         
13 5 'Structure model' '_database_2.pdbx_database_accession'          
14 5 'Structure model' '_pdbx_entry_details.has_protein_modification' 
# 
_pdbx_database_status.SG_entry                        Y 
_pdbx_database_status.entry_id                        2RKH 
_pdbx_database_status.deposit_site                    RCSB 
_pdbx_database_status.process_site                    RCSB 
_pdbx_database_status.recvd_initial_deposition_date   2007-10-16 
_pdbx_database_status.status_code                     REL 
_pdbx_database_status.status_code_sf                  REL 
_pdbx_database_status.status_code_mr                  ? 
_pdbx_database_status.pdb_format_compatible           Y 
_pdbx_database_status.status_code_cs                  ? 
_pdbx_database_status.methods_development_category    ? 
_pdbx_database_status.status_code_nmr_data            ? 
# 
_pdbx_database_related.db_name        TargetDB 
_pdbx_database_related.db_id          377966 
_pdbx_database_related.details        . 
_pdbx_database_related.content_type   unspecified 
# 
_audit_author.name           'Joint Center for Structural Genomics (JCSG)' 
_audit_author.pdbx_ordinal   1 
# 
_citation.id                        primary 
_citation.title                     
;Crystal structure of a putative AphA-like transcription factor (ZP_00208345.1) from Magnetospirillum magnetotacticum MS-1 at 2.00 A resolution
;
_citation.journal_abbrev            'To be published' 
_citation.journal_volume            ? 
_citation.page_first                ? 
_citation.page_last                 ? 
_citation.year                      ? 
_citation.journal_id_ASTM           ? 
_citation.country                   ? 
_citation.journal_id_ISSN           ? 
_citation.journal_id_CSD            0353 
_citation.book_publisher            ? 
_citation.pdbx_database_id_PubMed   ? 
_citation.pdbx_database_id_DOI      ? 
# 
_citation_author.citation_id        primary 
_citation_author.name               'Joint Center for Structural Genomics (JCSG)' 
_citation_author.ordinal            1 
_citation_author.identifier_ORCID   ? 
# 
loop_
_entity.id 
_entity.type 
_entity.src_method 
_entity.pdbx_description 
_entity.formula_weight 
_entity.pdbx_number_of_molecules 
_entity.pdbx_ec 
_entity.pdbx_mutation 
_entity.pdbx_fragment 
_entity.details 
1 polymer man 'Putative AphA-like transcription factor' 20110.652 1  ? ? ? ? 
2 water   nat water                                     18.015    57 ? ? ? ? 
# 
_entity_poly.entity_id                      1 
_entity_poly.type                           'polypeptide(L)' 
_entity_poly.nstd_linkage                   no 
_entity_poly.nstd_monomer                   yes 
_entity_poly.pdbx_seq_one_letter_code       
;G(MSE)FADNTLTPKEAVRLCALGTIASQP(MSE)RYSELAGSVRHFTSRI(MSE)GPSLEL(MSE)GISIELLRYEGLV
EAVDDGQG(MSE)EDDA(MSE)LAISAAGRRELHSLLTARLRPGSDLSKLVVALK(MSE)RFLGL(MSE)EAEERAHQID
LLIEGVDSELARLADLRGSDGEGGSALAAWLDHD(MSE)ALLESRLAWLEDFRARL
;
_entity_poly.pdbx_seq_one_letter_code_can   
;GMFADNTLTPKEAVRLCALGTIASQPMRYSELAGSVRHFTSRIMGPSLELMGISIELLRYEGLVEAVDDGQGMEDDAMLA
ISAAGRRELHSLLTARLRPGSDLSKLVVALKMRFLGLMEAEERAHQIDLLIEGVDSELARLADLRGSDGEGGSALAAWLD
HDMALLESRLAWLEDFRARL
;
_entity_poly.pdbx_strand_id                 A 
_entity_poly.pdbx_target_identifier         377966 
# 
_pdbx_entity_nonpoly.entity_id   2 
_pdbx_entity_nonpoly.name        water 
_pdbx_entity_nonpoly.comp_id     HOH 
# 
loop_
_entity_poly_seq.entity_id 
_entity_poly_seq.num 
_entity_poly_seq.mon_id 
_entity_poly_seq.hetero 
1 1   GLY n 
1 2   MSE n 
1 3   PHE n 
1 4   ALA n 
1 5   ASP n 
1 6   ASN n 
1 7   THR n 
1 8   LEU n 
1 9   THR n 
1 10  PRO n 
1 11  LYS n 
1 12  GLU n 
1 13  ALA n 
1 14  VAL n 
1 15  ARG n 
1 16  LEU n 
1 17  CYS n 
1 18  ALA n 
1 19  LEU n 
1 20  GLY n 
1 21  THR n 
1 22  ILE n 
1 23  ALA n 
1 24  SER n 
1 25  GLN n 
1 26  PRO n 
1 27  MSE n 
1 28  ARG n 
1 29  TYR n 
1 30  SER n 
1 31  GLU n 
1 32  LEU n 
1 33  ALA n 
1 34  GLY n 
1 35  SER n 
1 36  VAL n 
1 37  ARG n 
1 38  HIS n 
1 39  PHE n 
1 40  THR n 
1 41  SER n 
1 42  ARG n 
1 43  ILE n 
1 44  MSE n 
1 45  GLY n 
1 46  PRO n 
1 47  SER n 
1 48  LEU n 
1 49  GLU n 
1 50  LEU n 
1 51  MSE n 
1 52  GLY n 
1 53  ILE n 
1 54  SER n 
1 55  ILE n 
1 56  GLU n 
1 57  LEU n 
1 58  LEU n 
1 59  ARG n 
1 60  TYR n 
1 61  GLU n 
1 62  GLY n 
1 63  LEU n 
1 64  VAL n 
1 65  GLU n 
1 66  ALA n 
1 67  VAL n 
1 68  ASP n 
1 69  ASP n 
1 70  GLY n 
1 71  GLN n 
1 72  GLY n 
1 73  MSE n 
1 74  GLU n 
1 75  ASP n 
1 76  ASP n 
1 77  ALA n 
1 78  MSE n 
1 79  LEU n 
1 80  ALA n 
1 81  ILE n 
1 82  SER n 
1 83  ALA n 
1 84  ALA n 
1 85  GLY n 
1 86  ARG n 
1 87  ARG n 
1 88  GLU n 
1 89  LEU n 
1 90  HIS n 
1 91  SER n 
1 92  LEU n 
1 93  LEU n 
1 94  THR n 
1 95  ALA n 
1 96  ARG n 
1 97  LEU n 
1 98  ARG n 
1 99  PRO n 
1 100 GLY n 
1 101 SER n 
1 102 ASP n 
1 103 LEU n 
1 104 SER n 
1 105 LYS n 
1 106 LEU n 
1 107 VAL n 
1 108 VAL n 
1 109 ALA n 
1 110 LEU n 
1 111 LYS n 
1 112 MSE n 
1 113 ARG n 
1 114 PHE n 
1 115 LEU n 
1 116 GLY n 
1 117 LEU n 
1 118 MSE n 
1 119 GLU n 
1 120 ALA n 
1 121 GLU n 
1 122 GLU n 
1 123 ARG n 
1 124 ALA n 
1 125 HIS n 
1 126 GLN n 
1 127 ILE n 
1 128 ASP n 
1 129 LEU n 
1 130 LEU n 
1 131 ILE n 
1 132 GLU n 
1 133 GLY n 
1 134 VAL n 
1 135 ASP n 
1 136 SER n 
1 137 GLU n 
1 138 LEU n 
1 139 ALA n 
1 140 ARG n 
1 141 LEU n 
1 142 ALA n 
1 143 ASP n 
1 144 LEU n 
1 145 ARG n 
1 146 GLY n 
1 147 SER n 
1 148 ASP n 
1 149 GLY n 
1 150 GLU n 
1 151 GLY n 
1 152 GLY n 
1 153 SER n 
1 154 ALA n 
1 155 LEU n 
1 156 ALA n 
1 157 ALA n 
1 158 TRP n 
1 159 LEU n 
1 160 ASP n 
1 161 HIS n 
1 162 ASP n 
1 163 MSE n 
1 164 ALA n 
1 165 LEU n 
1 166 LEU n 
1 167 GLU n 
1 168 SER n 
1 169 ARG n 
1 170 LEU n 
1 171 ALA n 
1 172 TRP n 
1 173 LEU n 
1 174 GLU n 
1 175 ASP n 
1 176 PHE n 
1 177 ARG n 
1 178 ALA n 
1 179 ARG n 
1 180 LEU n 
# 
_entity_src_gen.entity_id                          1 
_entity_src_gen.pdbx_src_id                        1 
_entity_src_gen.pdbx_alt_source_flag               sample 
_entity_src_gen.pdbx_seq_type                      ? 
_entity_src_gen.pdbx_beg_seq_num                   ? 
_entity_src_gen.pdbx_end_seq_num                   ? 
_entity_src_gen.gene_src_common_name               ? 
_entity_src_gen.gene_src_genus                     Magnetospirillum 
_entity_src_gen.pdbx_gene_src_gene                 ZP_00208345.1 
_entity_src_gen.gene_src_species                   'Magnetospirillum magnetotacticum' 
_entity_src_gen.gene_src_strain                    MS-1 
_entity_src_gen.gene_src_tissue                    ? 
_entity_src_gen.gene_src_tissue_fraction           ? 
_entity_src_gen.gene_src_details                   ? 
_entity_src_gen.pdbx_gene_src_fragment             ? 
_entity_src_gen.pdbx_gene_src_scientific_name      'Magnetospirillum magnetotacticum' 
_entity_src_gen.pdbx_gene_src_ncbi_taxonomy_id     272627 
_entity_src_gen.pdbx_gene_src_variant              ? 
_entity_src_gen.pdbx_gene_src_cell_line            ? 
_entity_src_gen.pdbx_gene_src_atcc                 ? 
_entity_src_gen.pdbx_gene_src_organ                ? 
_entity_src_gen.pdbx_gene_src_organelle            ? 
_entity_src_gen.pdbx_gene_src_cell                 ? 
_entity_src_gen.pdbx_gene_src_cellular_location    ? 
_entity_src_gen.host_org_common_name               ? 
_entity_src_gen.pdbx_host_org_scientific_name      'Escherichia coli' 
_entity_src_gen.pdbx_host_org_ncbi_taxonomy_id     562 
_entity_src_gen.host_org_genus                     Escherichia 
_entity_src_gen.pdbx_host_org_gene                 ? 
_entity_src_gen.pdbx_host_org_organ                ? 
_entity_src_gen.host_org_species                   ? 
_entity_src_gen.pdbx_host_org_tissue               ? 
_entity_src_gen.pdbx_host_org_tissue_fraction      ? 
_entity_src_gen.pdbx_host_org_strain               HK100 
_entity_src_gen.pdbx_host_org_variant              ? 
_entity_src_gen.pdbx_host_org_cell_line            ? 
_entity_src_gen.pdbx_host_org_atcc                 ? 
_entity_src_gen.pdbx_host_org_culture_collection   ? 
_entity_src_gen.pdbx_host_org_cell                 ? 
_entity_src_gen.pdbx_host_org_organelle            ? 
_entity_src_gen.pdbx_host_org_cellular_location    ? 
_entity_src_gen.pdbx_host_org_vector_type          Plasmid 
_entity_src_gen.pdbx_host_org_vector               ? 
_entity_src_gen.host_org_details                   ? 
_entity_src_gen.expression_system_id               ? 
_entity_src_gen.plasmid_name                       speedET 
_entity_src_gen.plasmid_details                    ? 
_entity_src_gen.pdbx_description                   ? 
# 
loop_
_chem_comp.id 
_chem_comp.type 
_chem_comp.mon_nstd_flag 
_chem_comp.name 
_chem_comp.pdbx_synonyms 
_chem_comp.formula 
_chem_comp.formula_weight 
ALA 'L-peptide linking' y ALANINE          ? 'C3 H7 N O2'     89.093  
ARG 'L-peptide linking' y ARGININE         ? 'C6 H15 N4 O2 1' 175.209 
ASN 'L-peptide linking' y ASPARAGINE       ? 'C4 H8 N2 O3'    132.118 
ASP 'L-peptide linking' y 'ASPARTIC ACID'  ? 'C4 H7 N O4'     133.103 
CYS 'L-peptide linking' y CYSTEINE         ? 'C3 H7 N O2 S'   121.158 
GLN 'L-peptide linking' y GLUTAMINE        ? 'C5 H10 N2 O3'   146.144 
GLU 'L-peptide linking' y 'GLUTAMIC ACID'  ? 'C5 H9 N O4'     147.129 
GLY 'peptide linking'   y GLYCINE          ? 'C2 H5 N O2'     75.067  
HIS 'L-peptide linking' y HISTIDINE        ? 'C6 H10 N3 O2 1' 156.162 
HOH non-polymer         . WATER            ? 'H2 O'           18.015  
ILE 'L-peptide linking' y ISOLEUCINE       ? 'C6 H13 N O2'    131.173 
LEU 'L-peptide linking' y LEUCINE          ? 'C6 H13 N O2'    131.173 
LYS 'L-peptide linking' y LYSINE           ? 'C6 H15 N2 O2 1' 147.195 
MSE 'L-peptide linking' n SELENOMETHIONINE ? 'C5 H11 N O2 Se' 196.106 
PHE 'L-peptide linking' y PHENYLALANINE    ? 'C9 H11 N O2'    165.189 
PRO 'L-peptide linking' y PROLINE          ? 'C5 H9 N O2'     115.130 
SER 'L-peptide linking' y SERINE           ? 'C3 H7 N O3'     105.093 
THR 'L-peptide linking' y THREONINE        ? 'C4 H9 N O3'     119.119 
TRP 'L-peptide linking' y TRYPTOPHAN       ? 'C11 H12 N2 O2'  204.225 
TYR 'L-peptide linking' y TYROSINE         ? 'C9 H11 N O3'    181.189 
VAL 'L-peptide linking' y VALINE           ? 'C5 H11 N O2'    117.146 
# 
loop_
_pdbx_poly_seq_scheme.asym_id 
_pdbx_poly_seq_scheme.entity_id 
_pdbx_poly_seq_scheme.seq_id 
_pdbx_poly_seq_scheme.mon_id 
_pdbx_poly_seq_scheme.ndb_seq_num 
_pdbx_poly_seq_scheme.pdb_seq_num 
_pdbx_poly_seq_scheme.auth_seq_num 
_pdbx_poly_seq_scheme.pdb_mon_id 
_pdbx_poly_seq_scheme.auth_mon_id 
_pdbx_poly_seq_scheme.pdb_strand_id 
_pdbx_poly_seq_scheme.pdb_ins_code 
_pdbx_poly_seq_scheme.hetero 
A 1 1   GLY 1   0   ?   ?   ?   A . n 
A 1 2   MSE 2   1   ?   ?   ?   A . n 
A 1 3   PHE 3   2   ?   ?   ?   A . n 
A 1 4   ALA 4   3   ?   ?   ?   A . n 
A 1 5   ASP 5   4   ?   ?   ?   A . n 
A 1 6   ASN 6   5   ?   ?   ?   A . n 
A 1 7   THR 7   6   6   THR THR A . n 
A 1 8   LEU 8   7   7   LEU LEU A . n 
A 1 9   THR 9   8   8   THR THR A . n 
A 1 10  PRO 10  9   9   PRO PRO A . n 
A 1 11  LYS 11  10  10  LYS LYS A . n 
A 1 12  GLU 12  11  11  GLU GLU A . n 
A 1 13  ALA 13  12  12  ALA ALA A . n 
A 1 14  VAL 14  13  13  VAL VAL A . n 
A 1 15  ARG 15  14  14  ARG ARG A . n 
A 1 16  LEU 16  15  15  LEU LEU A . n 
A 1 17  CYS 17  16  16  CYS CYS A . n 
A 1 18  ALA 18  17  17  ALA ALA A . n 
A 1 19  LEU 19  18  18  LEU LEU A . n 
A 1 20  GLY 20  19  19  GLY GLY A . n 
A 1 21  THR 21  20  20  THR THR A . n 
A 1 22  ILE 22  21  21  ILE ILE A . n 
A 1 23  ALA 23  22  22  ALA ALA A . n 
A 1 24  SER 24  23  23  SER SER A . n 
A 1 25  GLN 25  24  24  GLN GLN A . n 
A 1 26  PRO 26  25  25  PRO PRO A . n 
A 1 27  MSE 27  26  26  MSE MSE A . n 
A 1 28  ARG 28  27  27  ARG ARG A . n 
A 1 29  TYR 29  28  28  TYR TYR A . n 
A 1 30  SER 30  29  29  SER SER A . n 
A 1 31  GLU 31  30  30  GLU GLU A . n 
A 1 32  LEU 32  31  31  LEU LEU A . n 
A 1 33  ALA 33  32  32  ALA ALA A . n 
A 1 34  GLY 34  33  33  GLY GLY A . n 
A 1 35  SER 35  34  34  SER SER A . n 
A 1 36  VAL 36  35  35  VAL VAL A . n 
A 1 37  ARG 37  36  36  ARG ARG A . n 
A 1 38  HIS 38  37  37  HIS HIS A . n 
A 1 39  PHE 39  38  38  PHE PHE A . n 
A 1 40  THR 40  39  39  THR THR A . n 
A 1 41  SER 41  40  40  SER SER A . n 
A 1 42  ARG 42  41  41  ARG ARG A . n 
A 1 43  ILE 43  42  42  ILE ILE A . n 
A 1 44  MSE 44  43  43  MSE MSE A . n 
A 1 45  GLY 45  44  44  GLY GLY A . n 
A 1 46  PRO 46  45  45  PRO PRO A . n 
A 1 47  SER 47  46  46  SER SER A . n 
A 1 48  LEU 48  47  47  LEU LEU A . n 
A 1 49  GLU 49  48  48  GLU GLU A . n 
A 1 50  LEU 50  49  49  LEU LEU A . n 
A 1 51  MSE 51  50  50  MSE MSE A . n 
A 1 52  GLY 52  51  51  GLY GLY A . n 
A 1 53  ILE 53  52  52  ILE ILE A . n 
A 1 54  SER 54  53  53  SER SER A . n 
A 1 55  ILE 55  54  54  ILE ILE A . n 
A 1 56  GLU 56  55  55  GLU GLU A . n 
A 1 57  LEU 57  56  56  LEU LEU A . n 
A 1 58  LEU 58  57  57  LEU LEU A . n 
A 1 59  ARG 59  58  58  ARG ARG A . n 
A 1 60  TYR 60  59  59  TYR TYR A . n 
A 1 61  GLU 61  60  60  GLU GLU A . n 
A 1 62  GLY 62  61  61  GLY GLY A . n 
A 1 63  LEU 63  62  62  LEU LEU A . n 
A 1 64  VAL 64  63  63  VAL VAL A . n 
A 1 65  GLU 65  64  64  GLU GLU A . n 
A 1 66  ALA 66  65  65  ALA ALA A . n 
A 1 67  VAL 67  66  66  VAL VAL A . n 
A 1 68  ASP 68  67  ?   ?   ?   A . n 
A 1 69  ASP 69  68  ?   ?   ?   A . n 
A 1 70  GLY 70  69  ?   ?   ?   A . n 
A 1 71  GLN 71  70  ?   ?   ?   A . n 
A 1 72  GLY 72  71  ?   ?   ?   A . n 
A 1 73  MSE 73  72  ?   ?   ?   A . n 
A 1 74  GLU 74  73  ?   ?   ?   A . n 
A 1 75  ASP 75  74  ?   ?   ?   A . n 
A 1 76  ASP 76  75  75  ASP ASP A . n 
A 1 77  ALA 77  76  76  ALA ALA A . n 
A 1 78  MSE 78  77  77  MSE MSE A . n 
A 1 79  LEU 79  78  78  LEU LEU A . n 
A 1 80  ALA 80  79  79  ALA ALA A . n 
A 1 81  ILE 81  80  80  ILE ILE A . n 
A 1 82  SER 82  81  81  SER SER A . n 
A 1 83  ALA 83  82  82  ALA ALA A . n 
A 1 84  ALA 84  83  83  ALA ALA A . n 
A 1 85  GLY 85  84  84  GLY GLY A . n 
A 1 86  ARG 86  85  85  ARG ARG A . n 
A 1 87  ARG 87  86  86  ARG ARG A . n 
A 1 88  GLU 88  87  87  GLU GLU A . n 
A 1 89  LEU 89  88  88  LEU LEU A . n 
A 1 90  HIS 90  89  89  HIS HIS A . n 
A 1 91  SER 91  90  90  SER SER A . n 
A 1 92  LEU 92  91  91  LEU LEU A . n 
A 1 93  LEU 93  92  92  LEU LEU A . n 
A 1 94  THR 94  93  93  THR THR A . n 
A 1 95  ALA 95  94  94  ALA ALA A . n 
A 1 96  ARG 96  95  95  ARG ARG A . n 
A 1 97  LEU 97  96  96  LEU LEU A . n 
A 1 98  ARG 98  97  97  ARG ARG A . n 
A 1 99  PRO 99  98  98  PRO PRO A . n 
A 1 100 GLY 100 99  99  GLY GLY A . n 
A 1 101 SER 101 100 100 SER SER A . n 
A 1 102 ASP 102 101 101 ASP ASP A . n 
A 1 103 LEU 103 102 102 LEU LEU A . n 
A 1 104 SER 104 103 103 SER SER A . n 
A 1 105 LYS 105 104 104 LYS LYS A . n 
A 1 106 LEU 106 105 105 LEU LEU A . n 
A 1 107 VAL 107 106 106 VAL VAL A . n 
A 1 108 VAL 108 107 107 VAL VAL A . n 
A 1 109 ALA 109 108 108 ALA ALA A . n 
A 1 110 LEU 110 109 109 LEU LEU A . n 
A 1 111 LYS 111 110 110 LYS LYS A . n 
A 1 112 MSE 112 111 111 MSE MSE A . n 
A 1 113 ARG 113 112 112 ARG ARG A . n 
A 1 114 PHE 114 113 113 PHE PHE A . n 
A 1 115 LEU 115 114 114 LEU LEU A . n 
A 1 116 GLY 116 115 115 GLY GLY A . n 
A 1 117 LEU 117 116 116 LEU LEU A . n 
A 1 118 MSE 118 117 117 MSE MSE A . n 
A 1 119 GLU 119 118 118 GLU GLU A . n 
A 1 120 ALA 120 119 119 ALA ALA A . n 
A 1 121 GLU 121 120 120 GLU GLU A . n 
A 1 122 GLU 122 121 121 GLU GLU A . n 
A 1 123 ARG 123 122 122 ARG ARG A . n 
A 1 124 ALA 124 123 123 ALA ALA A . n 
A 1 125 HIS 125 124 124 HIS HIS A . n 
A 1 126 GLN 126 125 125 GLN GLN A . n 
A 1 127 ILE 127 126 126 ILE ILE A . n 
A 1 128 ASP 128 127 127 ASP ASP A . n 
A 1 129 LEU 129 128 128 LEU LEU A . n 
A 1 130 LEU 130 129 129 LEU LEU A . n 
A 1 131 ILE 131 130 130 ILE ILE A . n 
A 1 132 GLU 132 131 131 GLU GLU A . n 
A 1 133 GLY 133 132 132 GLY GLY A . n 
A 1 134 VAL 134 133 133 VAL VAL A . n 
A 1 135 ASP 135 134 134 ASP ASP A . n 
A 1 136 SER 136 135 135 SER SER A . n 
A 1 137 GLU 137 136 136 GLU GLU A . n 
A 1 138 LEU 138 137 137 LEU LEU A . n 
A 1 139 ALA 139 138 138 ALA ALA A . n 
A 1 140 ARG 140 139 139 ARG ARG A . n 
A 1 141 LEU 141 140 140 LEU LEU A . n 
A 1 142 ALA 142 141 141 ALA ALA A . n 
A 1 143 ASP 143 142 142 ASP ASP A . n 
A 1 144 LEU 144 143 143 LEU LEU A . n 
A 1 145 ARG 145 144 144 ARG ARG A . n 
A 1 146 GLY 146 145 145 GLY GLY A . n 
A 1 147 SER 147 146 ?   ?   ?   A . n 
A 1 148 ASP 148 147 ?   ?   ?   A . n 
A 1 149 GLY 149 148 148 GLY GLY A . n 
A 1 150 GLU 150 149 149 GLU GLU A . n 
A 1 151 GLY 151 150 150 GLY GLY A . n 
A 1 152 GLY 152 151 151 GLY GLY A . n 
A 1 153 SER 153 152 152 SER SER A . n 
A 1 154 ALA 154 153 153 ALA ALA A . n 
A 1 155 LEU 155 154 154 LEU LEU A . n 
A 1 156 ALA 156 155 155 ALA ALA A . n 
A 1 157 ALA 157 156 156 ALA ALA A . n 
A 1 158 TRP 158 157 157 TRP TRP A . n 
A 1 159 LEU 159 158 158 LEU LEU A . n 
A 1 160 ASP 160 159 159 ASP ASP A . n 
A 1 161 HIS 161 160 160 HIS HIS A . n 
A 1 162 ASP 162 161 161 ASP ASP A . n 
A 1 163 MSE 163 162 162 MSE MSE A . n 
A 1 164 ALA 164 163 163 ALA ALA A . n 
A 1 165 LEU 165 164 164 LEU LEU A . n 
A 1 166 LEU 166 165 165 LEU LEU A . n 
A 1 167 GLU 167 166 166 GLU GLU A . n 
A 1 168 SER 168 167 167 SER SER A . n 
A 1 169 ARG 169 168 168 ARG ARG A . n 
A 1 170 LEU 170 169 169 LEU LEU A . n 
A 1 171 ALA 171 170 170 ALA ALA A . n 
A 1 172 TRP 172 171 171 TRP TRP A . n 
A 1 173 LEU 173 172 172 LEU LEU A . n 
A 1 174 GLU 174 173 173 GLU GLU A . n 
A 1 175 ASP 175 174 174 ASP ASP A . n 
A 1 176 PHE 176 175 175 PHE PHE A . n 
A 1 177 ARG 177 176 176 ARG ARG A . n 
A 1 178 ALA 178 177 177 ALA ALA A . n 
A 1 179 ARG 179 178 178 ARG ARG A . n 
A 1 180 LEU 180 179 179 LEU LEU A . n 
# 
loop_
_pdbx_nonpoly_scheme.asym_id 
_pdbx_nonpoly_scheme.entity_id 
_pdbx_nonpoly_scheme.mon_id 
_pdbx_nonpoly_scheme.ndb_seq_num 
_pdbx_nonpoly_scheme.pdb_seq_num 
_pdbx_nonpoly_scheme.auth_seq_num 
_pdbx_nonpoly_scheme.pdb_mon_id 
_pdbx_nonpoly_scheme.auth_mon_id 
_pdbx_nonpoly_scheme.pdb_strand_id 
_pdbx_nonpoly_scheme.pdb_ins_code 
B 2 HOH 1  180 1  HOH HOH A . 
B 2 HOH 2  181 2  HOH HOH A . 
B 2 HOH 3  182 3  HOH HOH A . 
B 2 HOH 4  183 4  HOH HOH A . 
B 2 HOH 5  184 5  HOH HOH A . 
B 2 HOH 6  185 6  HOH HOH A . 
B 2 HOH 7  186 7  HOH HOH A . 
B 2 HOH 8  187 8  HOH HOH A . 
B 2 HOH 9  188 9  HOH HOH A . 
B 2 HOH 10 189 10 HOH HOH A . 
B 2 HOH 11 190 11 HOH HOH A . 
B 2 HOH 12 191 12 HOH HOH A . 
B 2 HOH 13 192 13 HOH HOH A . 
B 2 HOH 14 193 14 HOH HOH A . 
B 2 HOH 15 194 15 HOH HOH A . 
B 2 HOH 16 195 16 HOH HOH A . 
B 2 HOH 17 196 17 HOH HOH A . 
B 2 HOH 18 197 18 HOH HOH A . 
B 2 HOH 19 198 19 HOH HOH A . 
B 2 HOH 20 199 20 HOH HOH A . 
B 2 HOH 21 200 21 HOH HOH A . 
B 2 HOH 22 201 22 HOH HOH A . 
B 2 HOH 23 202 23 HOH HOH A . 
B 2 HOH 24 203 24 HOH HOH A . 
B 2 HOH 25 204 25 HOH HOH A . 
B 2 HOH 26 205 26 HOH HOH A . 
B 2 HOH 27 206 27 HOH HOH A . 
B 2 HOH 28 207 28 HOH HOH A . 
B 2 HOH 29 208 29 HOH HOH A . 
B 2 HOH 30 209 30 HOH HOH A . 
B 2 HOH 31 210 31 HOH HOH A . 
B 2 HOH 32 211 32 HOH HOH A . 
B 2 HOH 33 212 33 HOH HOH A . 
B 2 HOH 34 213 34 HOH HOH A . 
B 2 HOH 35 214 35 HOH HOH A . 
B 2 HOH 36 215 36 HOH HOH A . 
B 2 HOH 37 216 37 HOH HOH A . 
B 2 HOH 38 217 38 HOH HOH A . 
B 2 HOH 39 218 39 HOH HOH A . 
B 2 HOH 40 219 40 HOH HOH A . 
B 2 HOH 41 220 41 HOH HOH A . 
B 2 HOH 42 221 42 HOH HOH A . 
B 2 HOH 43 222 43 HOH HOH A . 
B 2 HOH 44 223 44 HOH HOH A . 
B 2 HOH 45 224 45 HOH HOH A . 
B 2 HOH 46 225 46 HOH HOH A . 
B 2 HOH 47 226 47 HOH HOH A . 
B 2 HOH 48 227 48 HOH HOH A . 
B 2 HOH 49 228 49 HOH HOH A . 
B 2 HOH 50 229 50 HOH HOH A . 
B 2 HOH 51 230 51 HOH HOH A . 
B 2 HOH 52 231 52 HOH HOH A . 
B 2 HOH 53 232 53 HOH HOH A . 
B 2 HOH 54 233 54 HOH HOH A . 
B 2 HOH 55 234 55 HOH HOH A . 
B 2 HOH 56 235 56 HOH HOH A . 
B 2 HOH 57 236 57 HOH HOH A . 
# 
loop_
_pdbx_unobs_or_zero_occ_atoms.id 
_pdbx_unobs_or_zero_occ_atoms.PDB_model_num 
_pdbx_unobs_or_zero_occ_atoms.polymer_flag 
_pdbx_unobs_or_zero_occ_atoms.occupancy_flag 
_pdbx_unobs_or_zero_occ_atoms.auth_asym_id 
_pdbx_unobs_or_zero_occ_atoms.auth_comp_id 
_pdbx_unobs_or_zero_occ_atoms.auth_seq_id 
_pdbx_unobs_or_zero_occ_atoms.PDB_ins_code 
_pdbx_unobs_or_zero_occ_atoms.auth_atom_id 
_pdbx_unobs_or_zero_occ_atoms.label_alt_id 
_pdbx_unobs_or_zero_occ_atoms.label_asym_id 
_pdbx_unobs_or_zero_occ_atoms.label_comp_id 
_pdbx_unobs_or_zero_occ_atoms.label_seq_id 
_pdbx_unobs_or_zero_occ_atoms.label_atom_id 
1  1 Y 1 A LYS 10  ? CG  ? A LYS 11  CG  
2  1 Y 1 A LYS 10  ? CD  ? A LYS 11  CD  
3  1 Y 1 A LYS 10  ? CE  ? A LYS 11  CE  
4  1 Y 1 A LYS 10  ? NZ  ? A LYS 11  NZ  
5  1 Y 1 A GLN 24  ? CG  ? A GLN 25  CG  
6  1 Y 1 A GLN 24  ? CD  ? A GLN 25  CD  
7  1 Y 1 A GLN 24  ? OE1 ? A GLN 25  OE1 
8  1 Y 1 A GLN 24  ? NE2 ? A GLN 25  NE2 
9  1 Y 1 A GLU 55  ? CG  ? A GLU 56  CG  
10 1 Y 1 A GLU 55  ? CD  ? A GLU 56  CD  
11 1 Y 1 A GLU 55  ? OE1 ? A GLU 56  OE1 
12 1 Y 1 A GLU 55  ? OE2 ? A GLU 56  OE2 
13 1 Y 1 A ARG 58  ? CG  ? A ARG 59  CG  
14 1 Y 1 A ARG 58  ? CD  ? A ARG 59  CD  
15 1 Y 1 A ARG 58  ? NE  ? A ARG 59  NE  
16 1 Y 1 A ARG 58  ? CZ  ? A ARG 59  CZ  
17 1 Y 1 A ARG 58  ? NH1 ? A ARG 59  NH1 
18 1 Y 1 A ARG 58  ? NH2 ? A ARG 59  NH2 
19 1 Y 1 A TYR 59  ? CG  ? A TYR 60  CG  
20 1 Y 1 A TYR 59  ? CD1 ? A TYR 60  CD1 
21 1 Y 1 A TYR 59  ? CD2 ? A TYR 60  CD2 
22 1 Y 1 A TYR 59  ? CE1 ? A TYR 60  CE1 
23 1 Y 1 A TYR 59  ? CE2 ? A TYR 60  CE2 
24 1 Y 1 A TYR 59  ? CZ  ? A TYR 60  CZ  
25 1 Y 1 A TYR 59  ? OH  ? A TYR 60  OH  
26 1 Y 1 A ARG 95  ? CG  ? A ARG 96  CG  
27 1 Y 1 A ARG 95  ? CD  ? A ARG 96  CD  
28 1 Y 1 A ARG 95  ? NE  ? A ARG 96  NE  
29 1 Y 1 A ARG 95  ? CZ  ? A ARG 96  CZ  
30 1 Y 1 A ARG 95  ? NH1 ? A ARG 96  NH1 
31 1 Y 1 A ARG 95  ? NH2 ? A ARG 96  NH2 
32 1 Y 1 A ARG 97  ? CG  ? A ARG 98  CG  
33 1 Y 1 A ARG 97  ? CD  ? A ARG 98  CD  
34 1 Y 1 A ARG 97  ? NE  ? A ARG 98  NE  
35 1 Y 1 A ARG 97  ? CZ  ? A ARG 98  CZ  
36 1 Y 1 A ARG 97  ? NH1 ? A ARG 98  NH1 
37 1 Y 1 A ARG 97  ? NH2 ? A ARG 98  NH2 
38 1 Y 1 A LYS 104 ? CE  ? A LYS 105 CE  
39 1 Y 1 A LYS 104 ? NZ  ? A LYS 105 NZ  
40 1 Y 1 A GLU 118 ? OE1 ? A GLU 119 OE1 
41 1 Y 1 A GLU 118 ? OE2 ? A GLU 119 OE2 
42 1 Y 1 A GLU 120 ? CG  ? A GLU 121 CG  
43 1 Y 1 A GLU 120 ? CD  ? A GLU 121 CD  
44 1 Y 1 A GLU 120 ? OE1 ? A GLU 121 OE1 
45 1 Y 1 A GLU 120 ? OE2 ? A GLU 121 OE2 
46 1 Y 1 A GLU 149 ? CD  ? A GLU 150 CD  
47 1 Y 1 A GLU 149 ? OE1 ? A GLU 150 OE1 
48 1 Y 1 A GLU 149 ? OE2 ? A GLU 150 OE2 
# 
loop_
_software.name 
_software.version 
_software.date 
_software.type 
_software.contact_author 
_software.contact_author_email 
_software.classification 
_software.location 
_software.language 
_software.citation_id 
_software.pdbx_ordinal 
REFMAC      5.3.0040 ?              program 'Murshudov, G.N.'            ccp4@dl.ac.uk                        refinement        
http://www.ccp4.ac.uk/main.html                                    Fortran_77 ? 1  
PHENIX      .        ?              package 'P.D. Adams'                 PDAdams@lbl.gov                      refinement        
http://www.phenix-online.org/                                      C++        ? 2  
SHELX       .        ?              package 'George Sheldrick'           gsheldr@shelx.uni-ac.gwdg.de         phasing           
http://shelx.uni-ac.gwdg.de/SHELX/                                 Fortran_77 ? 3  
MolProbity  3beta29  ?              package 'D.C. & J.S. Richardson lab' molprobity@kinemage.biochem.duke.edu 'model building'  
http://kinemage.biochem.duke.edu/molprobity/                       ?          ? 4  
XSCALE      .        ?              package 'Wolfgang Kabsch'            ?                                    'data scaling'    
http://www.mpimf-heidelberg.mpg.de/~kabsch/xds/xscale_program.html ?          ? 5  
PDB_EXTRACT 3.000    'July 2, 2007' package PDB                          sw-help@rcsb.rutgers.edu             'data extraction' 
http://pdb.rutgers.edu/software/                                   C++        ? 6  
ADSC        Quantum  ?              ?       ?                            ?                                    'data collection' ? 
?          ? 7  
XDS         .        ?              ?       ?                            ?                                    'data reduction'  ? 
?          ? 8  
SHELXD      .        ?              ?       ?                            ?                                    phasing           ? 
?          ? 9  
SHARP       .        ?              ?       ?                            ?                                    phasing           ? 
?          ? 10 
# 
_cell.entry_id           2RKH 
_cell.length_a           66.620 
_cell.length_b           66.620 
_cell.length_c           92.600 
_cell.angle_alpha        90.000 
_cell.angle_beta         90.000 
_cell.angle_gamma        90.000 
_cell.pdbx_unique_axis   ? 
_cell.Z_PDB              8 
_cell.length_a_esd       ? 
_cell.length_b_esd       ? 
_cell.length_c_esd       ? 
_cell.angle_alpha_esd    ? 
_cell.angle_beta_esd     ? 
_cell.angle_gamma_esd    ? 
# 
_symmetry.entry_id                         2RKH 
_symmetry.Int_Tables_number                96 
_symmetry.space_group_name_H-M             'P 43 21 2' 
_symmetry.pdbx_full_space_group_name_H-M   ? 
_symmetry.cell_setting                     ? 
_symmetry.space_group_name_Hall            ? 
# 
_exptl.crystals_number   1 
_exptl.method            'X-RAY DIFFRACTION' 
_exptl.entry_id          2RKH 
# 
_exptl_crystal.id                    1 
_exptl_crystal.density_Matthews      2.55 
_exptl_crystal.density_meas          ? 
_exptl_crystal.density_percent_sol   51.85 
_exptl_crystal.description           ? 
_exptl_crystal.F_000                 ? 
_exptl_crystal.preparation           ? 
# 
_exptl_crystal_grow.crystal_id      1 
_exptl_crystal_grow.method          'VAPOR DIFFUSION, SITTING DROP' 
_exptl_crystal_grow.pH              8.5 
_exptl_crystal_grow.temp            277 
_exptl_crystal_grow.pdbx_details    
'NANODROP, 15.0% Glycerol, 0.17M NaOAc, 25.5% PEG 4000, 0.1M Tris-HCl pH 8.5, VAPOR DIFFUSION, SITTING DROP, temperature 277K' 
_exptl_crystal_grow.temp_details    ? 
_exptl_crystal_grow.pdbx_pH_range   . 
# 
_diffrn.id                     1 
_diffrn.ambient_temp           100 
_diffrn.ambient_temp_details   ? 
_diffrn.crystal_id             1 
# 
_diffrn_detector.diffrn_id              1 
_diffrn_detector.detector               CCD 
_diffrn_detector.type                   'ADSC QUANTUM 315' 
_diffrn_detector.details                ? 
_diffrn_detector.pdbx_collection_date   2007-09-15 
# 
_diffrn_radiation.diffrn_id                        1 
_diffrn_radiation.pdbx_monochromatic_or_laue_m_l   M 
_diffrn_radiation.monochromator                    'Double crystal Si(111)' 
_diffrn_radiation.pdbx_diffrn_protocol             MAD 
_diffrn_radiation.wavelength_id                    1 
_diffrn_radiation.pdbx_scattering_type             x-ray 
# 
loop_
_diffrn_radiation_wavelength.id 
_diffrn_radiation_wavelength.wavelength 
_diffrn_radiation_wavelength.wt 
1 1.0000 1.0 
2 0.9795 1.0 
3 0.9797 1.0 
# 
_diffrn_source.diffrn_id                   1 
_diffrn_source.source                      SYNCHROTRON 
_diffrn_source.pdbx_synchrotron_beamline   8.2.1 
_diffrn_source.type                        'ALS BEAMLINE 8.2.1' 
_diffrn_source.pdbx_wavelength_list        '1.0000, 0.9795, 0.9797' 
_diffrn_source.pdbx_wavelength             ? 
_diffrn_source.pdbx_synchrotron_site       ALS 
# 
_reflns.entry_id                     2RKH 
_reflns.d_resolution_high            2.00 
_reflns.d_resolution_low             28.364 
_reflns.number_obs                   14688 
_reflns.pdbx_Rmerge_I_obs            0.046 
_reflns.pdbx_netI_over_sigmaI        16.260 
_reflns.percent_possible_obs         99.700 
_reflns.B_iso_Wilson_estimate        44.566 
_reflns.observed_criterion_sigma_I   -3.00 
_reflns.observed_criterion_sigma_F   ? 
_reflns.number_all                   ? 
_reflns.pdbx_Rsym_value              ? 
_reflns.pdbx_redundancy              ? 
_reflns.R_free_details               ? 
_reflns.limit_h_max                  ? 
_reflns.limit_h_min                  ? 
_reflns.limit_k_max                  ? 
_reflns.limit_k_min                  ? 
_reflns.limit_l_max                  ? 
_reflns.limit_l_min                  ? 
_reflns.observed_criterion_F_max     ? 
_reflns.observed_criterion_F_min     ? 
_reflns.pdbx_chi_squared             ? 
_reflns.pdbx_scaling_rejects         ? 
_reflns.pdbx_ordinal                 1 
_reflns.pdbx_diffrn_id               1 
# 
loop_
_reflns_shell.d_res_high 
_reflns_shell.d_res_low 
_reflns_shell.number_measured_obs 
_reflns_shell.number_measured_all 
_reflns_shell.number_unique_obs 
_reflns_shell.Rmerge_I_obs 
_reflns_shell.meanI_over_sigI_obs 
_reflns_shell.pdbx_Rsym_value 
_reflns_shell.pdbx_chi_squared 
_reflns_shell.pdbx_redundancy 
_reflns_shell.percent_possible_obs 
_reflns_shell.number_unique_all 
_reflns_shell.percent_possible_all 
_reflns_shell.pdbx_ordinal 
_reflns_shell.pdbx_diffrn_id 
2.00 2.07   9495  ? 2578 0.665 2.0  ? ? ? ? ? 97.40  1  1 
2.07 2.15   9857  ? 2613 0.473 2.9  ? ? ? ? ? 100.00 2  1 
2.15 2.25   10451 ? 2754 0.335 4.1  ? ? ? ? ? 100.00 3  1 
2.25 2.37   10424 ? 2740 0.226 5.9  ? ? ? ? ? 100.00 4  1 
2.37 2.52   10285 ? 2697 0.156 8.5  ? ? ? ? ? 100.00 5  1 
2.52 2.71   10083 ? 2645 0.102 12.4 ? ? ? ? ? 100.00 6  1 
2.71 2.99   10572 ? 2771 0.064 18.4 ? ? ? ? ? 99.90  7  1 
2.99 3.42   10165 ? 2663 0.041 26.8 ? ? ? ? ? 100.00 8  1 
3.42 4.30   10128 ? 2689 0.029 37.8 ? ? ? ? ? 99.90  9  1 
4.30 28.364 10208 ? 2724 0.023 42.9 ? ? ? ? ? 99.40  10 1 
# 
_refine.entry_id                                 2RKH 
_refine.ls_d_res_high                            2.000 
_refine.ls_d_res_low                             28.364 
_refine.pdbx_ls_sigma_F                          0.00 
_refine.ls_percent_reflns_obs                    99.790 
_refine.ls_number_reflns_obs                     14640 
_refine.pdbx_ls_cross_valid_method               THROUGHOUT 
_refine.pdbx_R_Free_selection_details            RANDOM 
_refine.details                                  
;1. HYDROGENS HAVE BEEN ADDED IN THE RIDING POSITIONS.
 2. ATOM RECORDS CONTAIN RESIDUAL B FACTORS ONLY.
 3. A MET-INHIBITION PROTOCOL WAS USED FOR SELENOMETHIONINE
 INCORPORATION DURING PROTEIN EXPRESSION. THE OCCUPANCY
 OF THE SE ATOMS IN THE MSE RESIDUES WAS REDUCED TO 0.75
 FOR THE REDUCED SCATTERING POWER DUE TO PARTIAL S-MET INCORPORATION.
 4. RAMACHANDRAN OUTLIER RESIDUE 100 LIES IN A POORLY ORDERED REGION.
 5. THERE IS SOME UNIDENTIFIED DENSITY NEAR RESIDUE 37.
;
_refine.ls_R_factor_obs                          0.214 
_refine.ls_R_factor_R_work                       0.212 
_refine.ls_R_factor_R_free                       0.256 
_refine.ls_percent_reflns_R_free                 5.000 
_refine.ls_number_reflns_R_free                  736 
_refine.B_iso_mean                               39.306 
_refine.aniso_B[1][1]                            -0.270 
_refine.aniso_B[2][2]                            -0.270 
_refine.aniso_B[3][3]                            0.540 
_refine.aniso_B[1][2]                            0.000 
_refine.aniso_B[1][3]                            0.000 
_refine.aniso_B[2][3]                            0.000 
_refine.correlation_coeff_Fo_to_Fc               0.948 
_refine.correlation_coeff_Fo_to_Fc_free          0.933 
_refine.pdbx_overall_ESU_R                       0.166 
_refine.pdbx_overall_ESU_R_Free                  0.159 
_refine.overall_SU_ML                            0.116 
_refine.overall_SU_B                             8.358 
_refine.solvent_model_details                    'BABINET MODEL WITH MASK' 
_refine.pdbx_solvent_vdw_probe_radii             1.200 
_refine.pdbx_solvent_ion_probe_radii             0.800 
_refine.pdbx_solvent_shrinkage_radii             0.800 
_refine.pdbx_method_to_determine_struct          MAD 
_refine.pdbx_stereochemistry_target_values       'MAXIMUM LIKELIHOOD WITH PHASES' 
_refine.pdbx_ls_sigma_I                          ? 
_refine.ls_number_reflns_all                     ? 
_refine.ls_R_factor_all                          ? 
_refine.ls_redundancy_reflns_obs                 ? 
_refine.pdbx_data_cutoff_high_absF               ? 
_refine.pdbx_data_cutoff_low_absF                ? 
_refine.ls_number_parameters                     ? 
_refine.ls_number_restraints                     ? 
_refine.ls_R_factor_R_free_error                 ? 
_refine.ls_R_factor_R_free_error_details         ? 
_refine.pdbx_starting_model                      ? 
_refine.pdbx_stereochem_target_val_spec_case     ? 
_refine.solvent_model_param_bsol                 ? 
_refine.solvent_model_param_ksol                 ? 
_refine.occupancy_max                            ? 
_refine.occupancy_min                            ? 
_refine.pdbx_isotropic_thermal_model             ? 
_refine.B_iso_min                                ? 
_refine.B_iso_max                                ? 
_refine.overall_SU_R_Cruickshank_DPI             ? 
_refine.overall_SU_R_free                        ? 
_refine.pdbx_data_cutoff_high_rms_absF           ? 
_refine.ls_wR_factor_R_free                      ? 
_refine.ls_wR_factor_R_work                      ? 
_refine.overall_FOM_free_R_set                   ? 
_refine.overall_FOM_work_R_set                   ? 
_refine.pdbx_refine_id                           'X-RAY DIFFRACTION' 
_refine.pdbx_TLS_residual_ADP_flag               'LIKELY RESIDUAL' 
_refine.pdbx_diffrn_id                           1 
_refine.pdbx_overall_phase_error                 ? 
_refine.pdbx_overall_SU_R_free_Cruickshank_DPI   ? 
_refine.pdbx_overall_SU_R_Blow_DPI               ? 
_refine.pdbx_overall_SU_R_free_Blow_DPI          ? 
# 
_refine_hist.pdbx_refine_id                   'X-RAY DIFFRACTION' 
_refine_hist.cycle_id                         LAST 
_refine_hist.pdbx_number_atoms_protein        1211 
_refine_hist.pdbx_number_atoms_nucleic_acid   0 
_refine_hist.pdbx_number_atoms_ligand         0 
_refine_hist.number_atoms_solvent             57 
_refine_hist.number_atoms_total               1268 
_refine_hist.d_res_high                       2.000 
_refine_hist.d_res_low                        28.364 
# 
loop_
_refine_ls_restr.type 
_refine_ls_restr.number 
_refine_ls_restr.dev_ideal 
_refine_ls_restr.dev_ideal_target 
_refine_ls_restr.weight 
_refine_ls_restr.pdbx_refine_id 
_refine_ls_restr.pdbx_restraint_function 
r_bond_refined_d         1253 0.014  0.021  ? 'X-RAY DIFFRACTION' ? 
r_bond_other_d           851  0.003  0.020  ? 'X-RAY DIFFRACTION' ? 
r_angle_refined_deg      1697 1.456  1.998  ? 'X-RAY DIFFRACTION' ? 
r_angle_other_deg        2069 1.341  3.000  ? 'X-RAY DIFFRACTION' ? 
r_dihedral_angle_1_deg   168  3.608  5.000  ? 'X-RAY DIFFRACTION' ? 
r_dihedral_angle_2_deg   46   24.380 21.522 ? 'X-RAY DIFFRACTION' ? 
r_dihedral_angle_3_deg   220  10.605 15.000 ? 'X-RAY DIFFRACTION' ? 
r_dihedral_angle_4_deg   14   13.118 15.000 ? 'X-RAY DIFFRACTION' ? 
r_chiral_restr           205  0.080  0.200  ? 'X-RAY DIFFRACTION' ? 
r_gen_planes_refined     1396 0.005  0.020  ? 'X-RAY DIFFRACTION' ? 
r_gen_planes_other       256  0.002  0.020  ? 'X-RAY DIFFRACTION' ? 
r_nbd_refined            253  0.187  0.200  ? 'X-RAY DIFFRACTION' ? 
r_nbd_other              782  0.125  0.200  ? 'X-RAY DIFFRACTION' ? 
r_nbtor_refined          620  0.139  0.200  ? 'X-RAY DIFFRACTION' ? 
r_nbtor_other            621  0.074  0.200  ? 'X-RAY DIFFRACTION' ? 
r_xyhbond_nbd_refined    46   0.100  0.200  ? 'X-RAY DIFFRACTION' ? 
r_symmetry_vdw_refined   14   0.131  0.200  ? 'X-RAY DIFFRACTION' ? 
r_symmetry_vdw_other     67   0.175  0.200  ? 'X-RAY DIFFRACTION' ? 
r_symmetry_hbond_refined 6    0.062  0.200  ? 'X-RAY DIFFRACTION' ? 
r_mcbond_it              967  2.035  3.000  ? 'X-RAY DIFFRACTION' ? 
r_mcbond_other           340  0.392  3.000  ? 'X-RAY DIFFRACTION' ? 
r_mcangle_it             1292 2.621  5.000  ? 'X-RAY DIFFRACTION' ? 
r_scbond_it              458  4.326  8.000  ? 'X-RAY DIFFRACTION' ? 
r_scangle_it             401  5.758  11.000 ? 'X-RAY DIFFRACTION' ? 
# 
_refine_ls_shell.d_res_high                       2.000 
_refine_ls_shell.d_res_low                        2.052 
_refine_ls_shell.pdbx_total_number_of_bins_used   20 
_refine_ls_shell.percent_reflns_obs               98.370 
_refine_ls_shell.number_reflns_R_work             974 
_refine_ls_shell.R_factor_all                     ? 
_refine_ls_shell.R_factor_R_work                  0.263 
_refine_ls_shell.R_factor_R_free                  0.346 
_refine_ls_shell.percent_reflns_R_free            ? 
_refine_ls_shell.number_reflns_R_free             51 
_refine_ls_shell.R_factor_R_free_error            ? 
_refine_ls_shell.number_reflns_all                1025 
_refine_ls_shell.number_reflns_obs                ? 
_refine_ls_shell.redundancy_reflns_obs            ? 
_refine_ls_shell.pdbx_refine_id                   'X-RAY DIFFRACTION' 
# 
_struct.entry_id                  2RKH 
_struct.title                     
;Crystal structure of a putative AphA-like transcription factor (ZP_00208345.1) from Magnetospirillum magnetotacticum MS-1 at 2.00 A resolution
;
_struct.pdbx_model_details        ? 
_struct.pdbx_CASP_flag            ? 
_struct.pdbx_model_type_details   ? 
# 
_struct_keywords.text            
;ZP_00208345.1, Putative AphA-like Transcription Factor, Structural Genomics, Joint Center for Structural Genomics, JCSG, Protein Structure Initiative, PSI-2, TRANSCRIPTION
;
_struct_keywords.pdbx_keywords   TRANSCRIPTION 
_struct_keywords.entry_id        2RKH 
# 
loop_
_struct_asym.id 
_struct_asym.pdbx_blank_PDB_chainid_flag 
_struct_asym.pdbx_modified 
_struct_asym.entity_id 
_struct_asym.details 
A N N 1 ? 
B N N 2 ? 
# 
_struct_ref.id                         1 
_struct_ref.entity_id                  1 
_struct_ref.db_name                    PDB 
_struct_ref.db_code                    2RKH 
_struct_ref.pdbx_db_accession          2RKH 
_struct_ref.pdbx_db_isoform            ? 
_struct_ref.pdbx_seq_one_letter_code   ? 
_struct_ref.pdbx_align_begin           ? 
# 
_struct_ref_seq.align_id                      1 
_struct_ref_seq.ref_id                        1 
_struct_ref_seq.pdbx_PDB_id_code              2RKH 
_struct_ref_seq.pdbx_strand_id                A 
_struct_ref_seq.seq_align_beg                 1 
_struct_ref_seq.pdbx_seq_align_beg_ins_code   ? 
_struct_ref_seq.seq_align_end                 180 
_struct_ref_seq.pdbx_seq_align_end_ins_code   ? 
_struct_ref_seq.pdbx_db_accession             2RKH 
_struct_ref_seq.db_align_beg                  0 
_struct_ref_seq.pdbx_db_align_beg_ins_code    ? 
_struct_ref_seq.db_align_end                  179 
_struct_ref_seq.pdbx_db_align_end_ins_code    ? 
_struct_ref_seq.pdbx_auth_seq_align_beg       0 
_struct_ref_seq.pdbx_auth_seq_align_end       179 
# 
_pdbx_struct_assembly.id                   1 
_pdbx_struct_assembly.details              author_and_software_defined_assembly 
_pdbx_struct_assembly.method_details       PISA 
_pdbx_struct_assembly.oligomeric_details   dimeric 
_pdbx_struct_assembly.oligomeric_count     2 
# 
_pdbx_struct_assembly_prop.biol_id   1 
_pdbx_struct_assembly_prop.type      'ABSA (A^2)' 
_pdbx_struct_assembly_prop.value     5810 
_pdbx_struct_assembly_prop.details   ? 
# 
_pdbx_struct_assembly_gen.assembly_id       1 
_pdbx_struct_assembly_gen.oper_expression   1,2 
_pdbx_struct_assembly_gen.asym_id_list      A,B 
# 
loop_
_pdbx_struct_assembly_auth_evidence.id 
_pdbx_struct_assembly_auth_evidence.assembly_id 
_pdbx_struct_assembly_auth_evidence.experimental_support 
_pdbx_struct_assembly_auth_evidence.details 
1 1 'gel filtration'   ? 
2 1 'light scattering' ? 
# 
loop_
_pdbx_struct_oper_list.id 
_pdbx_struct_oper_list.type 
_pdbx_struct_oper_list.name 
_pdbx_struct_oper_list.symmetry_operation 
_pdbx_struct_oper_list.matrix[1][1] 
_pdbx_struct_oper_list.matrix[1][2] 
_pdbx_struct_oper_list.matrix[1][3] 
_pdbx_struct_oper_list.vector[1] 
_pdbx_struct_oper_list.matrix[2][1] 
_pdbx_struct_oper_list.matrix[2][2] 
_pdbx_struct_oper_list.matrix[2][3] 
_pdbx_struct_oper_list.vector[2] 
_pdbx_struct_oper_list.matrix[3][1] 
_pdbx_struct_oper_list.matrix[3][2] 
_pdbx_struct_oper_list.matrix[3][3] 
_pdbx_struct_oper_list.vector[3] 
1 'identity operation'         1_555 x,y,z  1.0000000000 0.0000000000  0.0000000000 0.0000000000 0.0000000000  1.0000000000  0.0000000000  0.0000000000  0.0000000000 0.0000000000  1.0000000000  0.0000000000  
2 'crystal symmetry operation' 7_555 y,x,-z 0.8271092022 -0.4427326853 0.3462342226 5.3237695572 -0.4427326853 -0.8927200244 -0.0838971239 16.4297181663 0.3462342226 -0.0838971239 -0.9343891779 -7.0851895776 
# 
_struct_biol.id        1 
_struct_biol.details   
;THE ASSIGNMENT OF A DIMER AS A SIGNIFICANT OLIGOMERIZATION STATE IN SOLUTION IS SUPPORTED BY SIZE EXCLUSION CHROMATOGRAPHY WITH STATIC LIGHT SCATTERING.
;
# 
loop_
_struct_conf.conf_type_id 
_struct_conf.id 
_struct_conf.pdbx_PDB_helix_id 
_struct_conf.beg_label_comp_id 
_struct_conf.beg_label_asym_id 
_struct_conf.beg_label_seq_id 
_struct_conf.pdbx_beg_PDB_ins_code 
_struct_conf.end_label_comp_id 
_struct_conf.end_label_asym_id 
_struct_conf.end_label_seq_id 
_struct_conf.pdbx_end_PDB_ins_code 
_struct_conf.beg_auth_comp_id 
_struct_conf.beg_auth_asym_id 
_struct_conf.beg_auth_seq_id 
_struct_conf.end_auth_comp_id 
_struct_conf.end_auth_asym_id 
_struct_conf.end_auth_seq_id 
_struct_conf.pdbx_PDB_helix_class 
_struct_conf.details 
_struct_conf.pdbx_PDB_helix_length 
HELX_P HELX_P1 1 THR A 9   ? GLN A 25  ? THR A 8   GLN A 24  1 ? 17 
HELX_P HELX_P2 2 TYR A 29  ? GLY A 45  ? TYR A 28  GLY A 44  1 ? 17 
HELX_P HELX_P3 3 SER A 47  ? MSE A 51  ? SER A 46  MSE A 50  5 ? 5  
HELX_P HELX_P4 4 ILE A 55  ? GLU A 61  ? ILE A 54  GLU A 60  1 ? 7  
HELX_P HELX_P5 5 SER A 82  ? THR A 94  ? SER A 81  THR A 93  1 ? 13 
HELX_P HELX_P6 6 LEU A 103 ? PHE A 114 ? LEU A 102 PHE A 113 1 ? 12 
HELX_P HELX_P7 7 LEU A 115 ? MSE A 118 ? LEU A 114 MSE A 117 5 ? 4  
HELX_P HELX_P8 8 GLU A 119 ? GLY A 146 ? GLU A 118 GLY A 145 1 ? 28 
HELX_P HELX_P9 9 SER A 153 ? LEU A 180 ? SER A 152 LEU A 179 1 ? 28 
# 
_struct_conf_type.id          HELX_P 
_struct_conf_type.criteria    ? 
_struct_conf_type.reference   ? 
# 
loop_
_struct_conn.id 
_struct_conn.conn_type_id 
_struct_conn.pdbx_leaving_atom_flag 
_struct_conn.pdbx_PDB_id 
_struct_conn.ptnr1_label_asym_id 
_struct_conn.ptnr1_label_comp_id 
_struct_conn.ptnr1_label_seq_id 
_struct_conn.ptnr1_label_atom_id 
_struct_conn.pdbx_ptnr1_label_alt_id 
_struct_conn.pdbx_ptnr1_PDB_ins_code 
_struct_conn.pdbx_ptnr1_standard_comp_id 
_struct_conn.ptnr1_symmetry 
_struct_conn.ptnr2_label_asym_id 
_struct_conn.ptnr2_label_comp_id 
_struct_conn.ptnr2_label_seq_id 
_struct_conn.ptnr2_label_atom_id 
_struct_conn.pdbx_ptnr2_label_alt_id 
_struct_conn.pdbx_ptnr2_PDB_ins_code 
_struct_conn.ptnr1_auth_asym_id 
_struct_conn.ptnr1_auth_comp_id 
_struct_conn.ptnr1_auth_seq_id 
_struct_conn.ptnr2_auth_asym_id 
_struct_conn.ptnr2_auth_comp_id 
_struct_conn.ptnr2_auth_seq_id 
_struct_conn.ptnr2_symmetry 
_struct_conn.pdbx_ptnr3_label_atom_id 
_struct_conn.pdbx_ptnr3_label_seq_id 
_struct_conn.pdbx_ptnr3_label_comp_id 
_struct_conn.pdbx_ptnr3_label_asym_id 
_struct_conn.pdbx_ptnr3_label_alt_id 
_struct_conn.pdbx_ptnr3_PDB_ins_code 
_struct_conn.details 
_struct_conn.pdbx_dist_value 
_struct_conn.pdbx_value_order 
_struct_conn.pdbx_role 
covale1  covale both ? A PRO 26  C ? ? ? 1_555 A MSE 27  N ? ? A PRO 25  A MSE 26  1_555 ? ? ? ? ? ? ? 1.330 ? ? 
covale2  covale both ? A MSE 27  C ? ? ? 1_555 A ARG 28  N ? ? A MSE 26  A ARG 27  1_555 ? ? ? ? ? ? ? 1.325 ? ? 
covale3  covale both ? A ILE 43  C ? ? ? 1_555 A MSE 44  N ? ? A ILE 42  A MSE 43  1_555 ? ? ? ? ? ? ? 1.340 ? ? 
covale4  covale both ? A MSE 44  C ? ? ? 1_555 A GLY 45  N ? ? A MSE 43  A GLY 44  1_555 ? ? ? ? ? ? ? 1.325 ? ? 
covale5  covale both ? A LEU 50  C ? ? ? 1_555 A MSE 51  N ? ? A LEU 49  A MSE 50  1_555 ? ? ? ? ? ? ? 1.335 ? ? 
covale6  covale both ? A MSE 51  C ? ? ? 1_555 A GLY 52  N ? ? A MSE 50  A GLY 51  1_555 ? ? ? ? ? ? ? 1.335 ? ? 
covale7  covale both ? A ALA 77  C ? ? ? 1_555 A MSE 78  N ? ? A ALA 76  A MSE 77  1_555 ? ? ? ? ? ? ? 1.342 ? ? 
covale8  covale both ? A MSE 78  C ? ? ? 1_555 A LEU 79  N ? ? A MSE 77  A LEU 78  1_555 ? ? ? ? ? ? ? 1.340 ? ? 
covale9  covale both ? A LYS 111 C ? ? ? 1_555 A MSE 112 N ? ? A LYS 110 A MSE 111 1_555 ? ? ? ? ? ? ? 1.333 ? ? 
covale10 covale both ? A MSE 112 C ? ? ? 1_555 A ARG 113 N ? ? A MSE 111 A ARG 112 1_555 ? ? ? ? ? ? ? 1.338 ? ? 
covale11 covale both ? A LEU 117 C ? ? ? 1_555 A MSE 118 N ? ? A LEU 116 A MSE 117 1_555 ? ? ? ? ? ? ? 1.333 ? ? 
covale12 covale both ? A MSE 118 C ? ? ? 1_555 A GLU 119 N ? ? A MSE 117 A GLU 118 1_555 ? ? ? ? ? ? ? 1.333 ? ? 
covale13 covale both ? A ASP 162 C ? ? ? 1_555 A MSE 163 N ? ? A ASP 161 A MSE 162 1_555 ? ? ? ? ? ? ? 1.326 ? ? 
covale14 covale both ? A MSE 163 C ? ? ? 1_555 A ALA 164 N ? ? A MSE 162 A ALA 163 1_555 ? ? ? ? ? ? ? 1.341 ? ? 
# 
_struct_conn_type.id          covale 
_struct_conn_type.criteria    ? 
_struct_conn_type.reference   ? 
# 
loop_
_pdbx_modification_feature.ordinal 
_pdbx_modification_feature.label_comp_id 
_pdbx_modification_feature.label_asym_id 
_pdbx_modification_feature.label_seq_id 
_pdbx_modification_feature.label_alt_id 
_pdbx_modification_feature.modified_residue_label_comp_id 
_pdbx_modification_feature.modified_residue_label_asym_id 
_pdbx_modification_feature.modified_residue_label_seq_id 
_pdbx_modification_feature.modified_residue_label_alt_id 
_pdbx_modification_feature.auth_comp_id 
_pdbx_modification_feature.auth_asym_id 
_pdbx_modification_feature.auth_seq_id 
_pdbx_modification_feature.PDB_ins_code 
_pdbx_modification_feature.symmetry 
_pdbx_modification_feature.modified_residue_auth_comp_id 
_pdbx_modification_feature.modified_residue_auth_asym_id 
_pdbx_modification_feature.modified_residue_auth_seq_id 
_pdbx_modification_feature.modified_residue_PDB_ins_code 
_pdbx_modification_feature.modified_residue_symmetry 
_pdbx_modification_feature.comp_id_linking_atom 
_pdbx_modification_feature.modified_residue_id_linking_atom 
_pdbx_modification_feature.modified_residue_id 
_pdbx_modification_feature.ref_pcm_id 
_pdbx_modification_feature.ref_comp_id 
_pdbx_modification_feature.type 
_pdbx_modification_feature.category 
1 MSE A 27  ? . . . . MSE A 26  ? 1_555 . . . . . . . MET 1 MSE Selenomethionine 'Named protein modification' 
2 MSE A 44  ? . . . . MSE A 43  ? 1_555 . . . . . . . MET 1 MSE Selenomethionine 'Named protein modification' 
3 MSE A 51  ? . . . . MSE A 50  ? 1_555 . . . . . . . MET 1 MSE Selenomethionine 'Named protein modification' 
4 MSE A 78  ? . . . . MSE A 77  ? 1_555 . . . . . . . MET 1 MSE Selenomethionine 'Named protein modification' 
5 MSE A 112 ? . . . . MSE A 111 ? 1_555 . . . . . . . MET 1 MSE Selenomethionine 'Named protein modification' 
6 MSE A 118 ? . . . . MSE A 117 ? 1_555 . . . . . . . MET 1 MSE Selenomethionine 'Named protein modification' 
7 MSE A 163 ? . . . . MSE A 162 ? 1_555 . . . . . . . MET 1 MSE Selenomethionine 'Named protein modification' 
# 
_struct_sheet.id               A 
_struct_sheet.type             ? 
_struct_sheet.number_strands   3 
_struct_sheet.details          ? 
# 
loop_
_struct_sheet_order.sheet_id 
_struct_sheet_order.range_id_1 
_struct_sheet_order.range_id_2 
_struct_sheet_order.offset 
_struct_sheet_order.sense 
A 1 2 ? anti-parallel 
A 2 3 ? anti-parallel 
# 
loop_
_struct_sheet_range.sheet_id 
_struct_sheet_range.id 
_struct_sheet_range.beg_label_comp_id 
_struct_sheet_range.beg_label_asym_id 
_struct_sheet_range.beg_label_seq_id 
_struct_sheet_range.pdbx_beg_PDB_ins_code 
_struct_sheet_range.end_label_comp_id 
_struct_sheet_range.end_label_asym_id 
_struct_sheet_range.end_label_seq_id 
_struct_sheet_range.pdbx_end_PDB_ins_code 
_struct_sheet_range.beg_auth_comp_id 
_struct_sheet_range.beg_auth_asym_id 
_struct_sheet_range.beg_auth_seq_id 
_struct_sheet_range.end_auth_comp_id 
_struct_sheet_range.end_auth_asym_id 
_struct_sheet_range.end_auth_seq_id 
A 1 MSE A 27 ? ARG A 28 ? MSE A 26 ARG A 27 
A 2 MSE A 78 ? ILE A 81 ? MSE A 77 ILE A 80 
A 3 VAL A 64 ? GLU A 65 ? VAL A 63 GLU A 64 
# 
loop_
_pdbx_struct_sheet_hbond.sheet_id 
_pdbx_struct_sheet_hbond.range_id_1 
_pdbx_struct_sheet_hbond.range_id_2 
_pdbx_struct_sheet_hbond.range_1_label_atom_id 
_pdbx_struct_sheet_hbond.range_1_label_comp_id 
_pdbx_struct_sheet_hbond.range_1_label_asym_id 
_pdbx_struct_sheet_hbond.range_1_label_seq_id 
_pdbx_struct_sheet_hbond.range_1_PDB_ins_code 
_pdbx_struct_sheet_hbond.range_1_auth_atom_id 
_pdbx_struct_sheet_hbond.range_1_auth_comp_id 
_pdbx_struct_sheet_hbond.range_1_auth_asym_id 
_pdbx_struct_sheet_hbond.range_1_auth_seq_id 
_pdbx_struct_sheet_hbond.range_2_label_atom_id 
_pdbx_struct_sheet_hbond.range_2_label_comp_id 
_pdbx_struct_sheet_hbond.range_2_label_asym_id 
_pdbx_struct_sheet_hbond.range_2_label_seq_id 
_pdbx_struct_sheet_hbond.range_2_PDB_ins_code 
_pdbx_struct_sheet_hbond.range_2_auth_atom_id 
_pdbx_struct_sheet_hbond.range_2_auth_comp_id 
_pdbx_struct_sheet_hbond.range_2_auth_asym_id 
_pdbx_struct_sheet_hbond.range_2_auth_seq_id 
A 1 2 N MSE A 27 ? N MSE A 26 O LEU A 79 ? O LEU A 78 
A 2 3 O ALA A 80 ? O ALA A 79 N GLU A 65 ? N GLU A 64 
# 
_pdbx_entry_details.entry_id                   2RKH 
_pdbx_entry_details.compound_details           ? 
_pdbx_entry_details.source_details             ? 
_pdbx_entry_details.nonpolymer_details         ? 
_pdbx_entry_details.sequence_details           
;REMARK 999 SEQUENCE:  THE CONSTRUCT WAS EXPRESSED WITH A PURIFICATION
REMARK 999 TAG MGSDKIHHHHHHENLYFQG. THE TAG WAS REMOVED WITH TEV PROTEASE
REMARK 999 LEAVING ONLY A GLYCINE (0) FOLLOWED BY THE TARGET SEQUENCE.
;
_pdbx_entry_details.has_ligand_of_interest     ? 
_pdbx_entry_details.has_protein_modification   Y 
# 
loop_
_pdbx_validate_torsion.id 
_pdbx_validate_torsion.PDB_model_num 
_pdbx_validate_torsion.auth_comp_id 
_pdbx_validate_torsion.auth_asym_id 
_pdbx_validate_torsion.auth_seq_id 
_pdbx_validate_torsion.PDB_ins_code 
_pdbx_validate_torsion.label_alt_id 
_pdbx_validate_torsion.phi 
_pdbx_validate_torsion.psi 
1 1 THR A 93  ? ? -103.15 62.99 
2 1 SER A 100 ? ? 96.75   42.06 
3 1 ASP A 101 ? ? -170.79 58.10 
4 1 GLU A 149 ? ? 59.81   86.04 
# 
_pdbx_SG_project.project_name          'PSI, Protein Structure Initiative' 
_pdbx_SG_project.full_name_of_center   'Joint Center for Structural Genomics' 
_pdbx_SG_project.id                    1 
_pdbx_SG_project.initial_of_center     JCSG 
# 
loop_
_pdbx_struct_mod_residue.id 
_pdbx_struct_mod_residue.label_asym_id 
_pdbx_struct_mod_residue.label_comp_id 
_pdbx_struct_mod_residue.label_seq_id 
_pdbx_struct_mod_residue.auth_asym_id 
_pdbx_struct_mod_residue.auth_comp_id 
_pdbx_struct_mod_residue.auth_seq_id 
_pdbx_struct_mod_residue.PDB_ins_code 
_pdbx_struct_mod_residue.parent_comp_id 
_pdbx_struct_mod_residue.details 
1 A MSE 27  A MSE 26  ? MET SELENOMETHIONINE 
2 A MSE 44  A MSE 43  ? MET SELENOMETHIONINE 
3 A MSE 51  A MSE 50  ? MET SELENOMETHIONINE 
4 A MSE 78  A MSE 77  ? MET SELENOMETHIONINE 
5 A MSE 112 A MSE 111 ? MET SELENOMETHIONINE 
6 A MSE 118 A MSE 117 ? MET SELENOMETHIONINE 
7 A MSE 163 A MSE 162 ? MET SELENOMETHIONINE 
# 
_pdbx_refine_tls.id               1 
_pdbx_refine_tls.details          ? 
_pdbx_refine_tls.method           refined 
_pdbx_refine_tls.origin_x         0.1402 
_pdbx_refine_tls.origin_y         0.8018 
_pdbx_refine_tls.origin_z         0.2921 
_pdbx_refine_tls.T[1][1]          -0.1618 
_pdbx_refine_tls.T[2][2]          -0.1202 
_pdbx_refine_tls.T[3][3]          -0.1009 
_pdbx_refine_tls.T[1][2]          -0.0016 
_pdbx_refine_tls.T[1][3]          0.0264 
_pdbx_refine_tls.T[2][3]          -0.0383 
_pdbx_refine_tls.L[1][1]          2.7638 
_pdbx_refine_tls.L[2][2]          3.9344 
_pdbx_refine_tls.L[3][3]          1.3602 
_pdbx_refine_tls.L[1][2]          0.7024 
_pdbx_refine_tls.L[1][3]          0.0047 
_pdbx_refine_tls.L[2][3]          -0.1978 
_pdbx_refine_tls.S[1][1]          -0.0649 
_pdbx_refine_tls.S[2][2]          -0.0623 
_pdbx_refine_tls.S[3][3]          0.1272 
_pdbx_refine_tls.S[1][2]          0.1016 
_pdbx_refine_tls.S[1][3]          -0.1935 
_pdbx_refine_tls.S[2][3]          0.5744 
_pdbx_refine_tls.S[2][1]          -0.0591 
_pdbx_refine_tls.S[3][1]          0.0433 
_pdbx_refine_tls.S[3][2]          -0.2882 
_pdbx_refine_tls.pdbx_refine_id   'X-RAY DIFFRACTION' 
# 
loop_
_pdbx_refine_tls_group.id 
_pdbx_refine_tls_group.refine_tls_id 
_pdbx_refine_tls_group.beg_label_asym_id 
_pdbx_refine_tls_group.beg_label_seq_id 
_pdbx_refine_tls_group.end_label_asym_id 
_pdbx_refine_tls_group.end_label_seq_id 
_pdbx_refine_tls_group.selection 
_pdbx_refine_tls_group.beg_auth_asym_id 
_pdbx_refine_tls_group.beg_auth_seq_id 
_pdbx_refine_tls_group.end_auth_asym_id 
_pdbx_refine_tls_group.end_auth_seq_id 
_pdbx_refine_tls_group.pdbx_refine_id 
_pdbx_refine_tls_group.selection_details 
1 1 A 7   A 67  ? A 6   A 66  'X-RAY DIFFRACTION' ? 
2 1 A 76  A 146 ? A 75  A 145 'X-RAY DIFFRACTION' ? 
3 1 A 149 A 180 ? A 148 A 179 'X-RAY DIFFRACTION' ? 
# 
_phasing.method   MAD 
# 
_pdbx_database_remark.id     999 
_pdbx_database_remark.text   
;
SEQUENCE
1. THE CONSTRUCT WAS EXPRESSED WITH A PURIFICATION TAG
MGSDKIHHHHHHENLYFQG. THE TAG WAS REMOVED WITH TEV PROTEASE
LEAVING ONLY A GLYCINE (0) FOLLOWED BY THE TARGET SEQUENCE.
2. THE SEQUENCE OF THIS PROTEIN WAS NOT AVAILABLE AT THE
UNIPROT DATABASE AT THE TIME OF DEPOSITION. THE SEQUENCE
INFORMATION IS AVAILABLE AT GENBANK WITH ACCESSION CODE
ZP_00208345.1.
;
# 
loop_
_pdbx_unobs_or_zero_occ_residues.id 
_pdbx_unobs_or_zero_occ_residues.PDB_model_num 
_pdbx_unobs_or_zero_occ_residues.polymer_flag 
_pdbx_unobs_or_zero_occ_residues.occupancy_flag 
_pdbx_unobs_or_zero_occ_residues.auth_asym_id 
_pdbx_unobs_or_zero_occ_residues.auth_comp_id 
_pdbx_unobs_or_zero_occ_residues.auth_seq_id 
_pdbx_unobs_or_zero_occ_residues.PDB_ins_code 
_pdbx_unobs_or_zero_occ_residues.label_asym_id 
_pdbx_unobs_or_zero_occ_residues.label_comp_id 
_pdbx_unobs_or_zero_occ_residues.label_seq_id 
1  1 Y 1 A GLY 0   ? A GLY 1   
2  1 Y 1 A MSE 1   ? A MSE 2   
3  1 Y 1 A PHE 2   ? A PHE 3   
4  1 Y 1 A ALA 3   ? A ALA 4   
5  1 Y 1 A ASP 4   ? A ASP 5   
6  1 Y 1 A ASN 5   ? A ASN 6   
7  1 Y 1 A ASP 67  ? A ASP 68  
8  1 Y 1 A ASP 68  ? A ASP 69  
9  1 Y 1 A GLY 69  ? A GLY 70  
10 1 Y 1 A GLN 70  ? A GLN 71  
11 1 Y 1 A GLY 71  ? A GLY 72  
12 1 Y 1 A MSE 72  ? A MSE 73  
13 1 Y 1 A GLU 73  ? A GLU 74  
14 1 Y 1 A ASP 74  ? A ASP 75  
15 1 Y 1 A SER 146 ? A SER 147 
16 1 Y 1 A ASP 147 ? A ASP 148 
# 
loop_
_chem_comp_atom.comp_id 
_chem_comp_atom.atom_id 
_chem_comp_atom.type_symbol 
_chem_comp_atom.pdbx_aromatic_flag 
_chem_comp_atom.pdbx_stereo_config 
_chem_comp_atom.pdbx_ordinal 
ALA N    N  N N 1   
ALA CA   C  N S 2   
ALA C    C  N N 3   
ALA O    O  N N 4   
ALA CB   C  N N 5   
ALA OXT  O  N N 6   
ALA H    H  N N 7   
ALA H2   H  N N 8   
ALA HA   H  N N 9   
ALA HB1  H  N N 10  
ALA HB2  H  N N 11  
ALA HB3  H  N N 12  
ALA HXT  H  N N 13  
ARG N    N  N N 14  
ARG CA   C  N S 15  
ARG C    C  N N 16  
ARG O    O  N N 17  
ARG CB   C  N N 18  
ARG CG   C  N N 19  
ARG CD   C  N N 20  
ARG NE   N  N N 21  
ARG CZ   C  N N 22  
ARG NH1  N  N N 23  
ARG NH2  N  N N 24  
ARG OXT  O  N N 25  
ARG H    H  N N 26  
ARG H2   H  N N 27  
ARG HA   H  N N 28  
ARG HB2  H  N N 29  
ARG HB3  H  N N 30  
ARG HG2  H  N N 31  
ARG HG3  H  N N 32  
ARG HD2  H  N N 33  
ARG HD3  H  N N 34  
ARG HE   H  N N 35  
ARG HH11 H  N N 36  
ARG HH12 H  N N 37  
ARG HH21 H  N N 38  
ARG HH22 H  N N 39  
ARG HXT  H  N N 40  
ASN N    N  N N 41  
ASN CA   C  N S 42  
ASN C    C  N N 43  
ASN O    O  N N 44  
ASN CB   C  N N 45  
ASN CG   C  N N 46  
ASN OD1  O  N N 47  
ASN ND2  N  N N 48  
ASN OXT  O  N N 49  
ASN H    H  N N 50  
ASN H2   H  N N 51  
ASN HA   H  N N 52  
ASN HB2  H  N N 53  
ASN HB3  H  N N 54  
ASN HD21 H  N N 55  
ASN HD22 H  N N 56  
ASN HXT  H  N N 57  
ASP N    N  N N 58  
ASP CA   C  N S 59  
ASP C    C  N N 60  
ASP O    O  N N 61  
ASP CB   C  N N 62  
ASP CG   C  N N 63  
ASP OD1  O  N N 64  
ASP OD2  O  N N 65  
ASP OXT  O  N N 66  
ASP H    H  N N 67  
ASP H2   H  N N 68  
ASP HA   H  N N 69  
ASP HB2  H  N N 70  
ASP HB3  H  N N 71  
ASP HD2  H  N N 72  
ASP HXT  H  N N 73  
CYS N    N  N N 74  
CYS CA   C  N R 75  
CYS C    C  N N 76  
CYS O    O  N N 77  
CYS CB   C  N N 78  
CYS SG   S  N N 79  
CYS OXT  O  N N 80  
CYS H    H  N N 81  
CYS H2   H  N N 82  
CYS HA   H  N N 83  
CYS HB2  H  N N 84  
CYS HB3  H  N N 85  
CYS HG   H  N N 86  
CYS HXT  H  N N 87  
GLN N    N  N N 88  
GLN CA   C  N S 89  
GLN C    C  N N 90  
GLN O    O  N N 91  
GLN CB   C  N N 92  
GLN CG   C  N N 93  
GLN CD   C  N N 94  
GLN OE1  O  N N 95  
GLN NE2  N  N N 96  
GLN OXT  O  N N 97  
GLN H    H  N N 98  
GLN H2   H  N N 99  
GLN HA   H  N N 100 
GLN HB2  H  N N 101 
GLN HB3  H  N N 102 
GLN HG2  H  N N 103 
GLN HG3  H  N N 104 
GLN HE21 H  N N 105 
GLN HE22 H  N N 106 
GLN HXT  H  N N 107 
GLU N    N  N N 108 
GLU CA   C  N S 109 
GLU C    C  N N 110 
GLU O    O  N N 111 
GLU CB   C  N N 112 
GLU CG   C  N N 113 
GLU CD   C  N N 114 
GLU OE1  O  N N 115 
GLU OE2  O  N N 116 
GLU OXT  O  N N 117 
GLU H    H  N N 118 
GLU H2   H  N N 119 
GLU HA   H  N N 120 
GLU HB2  H  N N 121 
GLU HB3  H  N N 122 
GLU HG2  H  N N 123 
GLU HG3  H  N N 124 
GLU HE2  H  N N 125 
GLU HXT  H  N N 126 
GLY N    N  N N 127 
GLY CA   C  N N 128 
GLY C    C  N N 129 
GLY O    O  N N 130 
GLY OXT  O  N N 131 
GLY H    H  N N 132 
GLY H2   H  N N 133 
GLY HA2  H  N N 134 
GLY HA3  H  N N 135 
GLY HXT  H  N N 136 
HIS N    N  N N 137 
HIS CA   C  N S 138 
HIS C    C  N N 139 
HIS O    O  N N 140 
HIS CB   C  N N 141 
HIS CG   C  Y N 142 
HIS ND1  N  Y N 143 
HIS CD2  C  Y N 144 
HIS CE1  C  Y N 145 
HIS NE2  N  Y N 146 
HIS OXT  O  N N 147 
HIS H    H  N N 148 
HIS H2   H  N N 149 
HIS HA   H  N N 150 
HIS HB2  H  N N 151 
HIS HB3  H  N N 152 
HIS HD1  H  N N 153 
HIS HD2  H  N N 154 
HIS HE1  H  N N 155 
HIS HE2  H  N N 156 
HIS HXT  H  N N 157 
HOH O    O  N N 158 
HOH H1   H  N N 159 
HOH H2   H  N N 160 
ILE N    N  N N 161 
ILE CA   C  N S 162 
ILE C    C  N N 163 
ILE O    O  N N 164 
ILE CB   C  N S 165 
ILE CG1  C  N N 166 
ILE CG2  C  N N 167 
ILE CD1  C  N N 168 
ILE OXT  O  N N 169 
ILE H    H  N N 170 
ILE H2   H  N N 171 
ILE HA   H  N N 172 
ILE HB   H  N N 173 
ILE HG12 H  N N 174 
ILE HG13 H  N N 175 
ILE HG21 H  N N 176 
ILE HG22 H  N N 177 
ILE HG23 H  N N 178 
ILE HD11 H  N N 179 
ILE HD12 H  N N 180 
ILE HD13 H  N N 181 
ILE HXT  H  N N 182 
LEU N    N  N N 183 
LEU CA   C  N S 184 
LEU C    C  N N 185 
LEU O    O  N N 186 
LEU CB   C  N N 187 
LEU CG   C  N N 188 
LEU CD1  C  N N 189 
LEU CD2  C  N N 190 
LEU OXT  O  N N 191 
LEU H    H  N N 192 
LEU H2   H  N N 193 
LEU HA   H  N N 194 
LEU HB2  H  N N 195 
LEU HB3  H  N N 196 
LEU HG   H  N N 197 
LEU HD11 H  N N 198 
LEU HD12 H  N N 199 
LEU HD13 H  N N 200 
LEU HD21 H  N N 201 
LEU HD22 H  N N 202 
LEU HD23 H  N N 203 
LEU HXT  H  N N 204 
LYS N    N  N N 205 
LYS CA   C  N S 206 
LYS C    C  N N 207 
LYS O    O  N N 208 
LYS CB   C  N N 209 
LYS CG   C  N N 210 
LYS CD   C  N N 211 
LYS CE   C  N N 212 
LYS NZ   N  N N 213 
LYS OXT  O  N N 214 
LYS H    H  N N 215 
LYS H2   H  N N 216 
LYS HA   H  N N 217 
LYS HB2  H  N N 218 
LYS HB3  H  N N 219 
LYS HG2  H  N N 220 
LYS HG3  H  N N 221 
LYS HD2  H  N N 222 
LYS HD3  H  N N 223 
LYS HE2  H  N N 224 
LYS HE3  H  N N 225 
LYS HZ1  H  N N 226 
LYS HZ2  H  N N 227 
LYS HZ3  H  N N 228 
LYS HXT  H  N N 229 
MSE N    N  N N 230 
MSE CA   C  N S 231 
MSE C    C  N N 232 
MSE O    O  N N 233 
MSE OXT  O  N N 234 
MSE CB   C  N N 235 
MSE CG   C  N N 236 
MSE SE   SE N N 237 
MSE CE   C  N N 238 
MSE H    H  N N 239 
MSE H2   H  N N 240 
MSE HA   H  N N 241 
MSE HXT  H  N N 242 
MSE HB2  H  N N 243 
MSE HB3  H  N N 244 
MSE HG2  H  N N 245 
MSE HG3  H  N N 246 
MSE HE1  H  N N 247 
MSE HE2  H  N N 248 
MSE HE3  H  N N 249 
PHE N    N  N N 250 
PHE CA   C  N S 251 
PHE C    C  N N 252 
PHE O    O  N N 253 
PHE CB   C  N N 254 
PHE CG   C  Y N 255 
PHE CD1  C  Y N 256 
PHE CD2  C  Y N 257 
PHE CE1  C  Y N 258 
PHE CE2  C  Y N 259 
PHE CZ   C  Y N 260 
PHE OXT  O  N N 261 
PHE H    H  N N 262 
PHE H2   H  N N 263 
PHE HA   H  N N 264 
PHE HB2  H  N N 265 
PHE HB3  H  N N 266 
PHE HD1  H  N N 267 
PHE HD2  H  N N 268 
PHE HE1  H  N N 269 
PHE HE2  H  N N 270 
PHE HZ   H  N N 271 
PHE HXT  H  N N 272 
PRO N    N  N N 273 
PRO CA   C  N S 274 
PRO C    C  N N 275 
PRO O    O  N N 276 
PRO CB   C  N N 277 
PRO CG   C  N N 278 
PRO CD   C  N N 279 
PRO OXT  O  N N 280 
PRO H    H  N N 281 
PRO HA   H  N N 282 
PRO HB2  H  N N 283 
PRO HB3  H  N N 284 
PRO HG2  H  N N 285 
PRO HG3  H  N N 286 
PRO HD2  H  N N 287 
PRO HD3  H  N N 288 
PRO HXT  H  N N 289 
SER N    N  N N 290 
SER CA   C  N S 291 
SER C    C  N N 292 
SER O    O  N N 293 
SER CB   C  N N 294 
SER OG   O  N N 295 
SER OXT  O  N N 296 
SER H    H  N N 297 
SER H2   H  N N 298 
SER HA   H  N N 299 
SER HB2  H  N N 300 
SER HB3  H  N N 301 
SER HG   H  N N 302 
SER HXT  H  N N 303 
THR N    N  N N 304 
THR CA   C  N S 305 
THR C    C  N N 306 
THR O    O  N N 307 
THR CB   C  N R 308 
THR OG1  O  N N 309 
THR CG2  C  N N 310 
THR OXT  O  N N 311 
THR H    H  N N 312 
THR H2   H  N N 313 
THR HA   H  N N 314 
THR HB   H  N N 315 
THR HG1  H  N N 316 
THR HG21 H  N N 317 
THR HG22 H  N N 318 
THR HG23 H  N N 319 
THR HXT  H  N N 320 
TRP N    N  N N 321 
TRP CA   C  N S 322 
TRP C    C  N N 323 
TRP O    O  N N 324 
TRP CB   C  N N 325 
TRP CG   C  Y N 326 
TRP CD1  C  Y N 327 
TRP CD2  C  Y N 328 
TRP NE1  N  Y N 329 
TRP CE2  C  Y N 330 
TRP CE3  C  Y N 331 
TRP CZ2  C  Y N 332 
TRP CZ3  C  Y N 333 
TRP CH2  C  Y N 334 
TRP OXT  O  N N 335 
TRP H    H  N N 336 
TRP H2   H  N N 337 
TRP HA   H  N N 338 
TRP HB2  H  N N 339 
TRP HB3  H  N N 340 
TRP HD1  H  N N 341 
TRP HE1  H  N N 342 
TRP HE3  H  N N 343 
TRP HZ2  H  N N 344 
TRP HZ3  H  N N 345 
TRP HH2  H  N N 346 
TRP HXT  H  N N 347 
TYR N    N  N N 348 
TYR CA   C  N S 349 
TYR C    C  N N 350 
TYR O    O  N N 351 
TYR CB   C  N N 352 
TYR CG   C  Y N 353 
TYR CD1  C  Y N 354 
TYR CD2  C  Y N 355 
TYR CE1  C  Y N 356 
TYR CE2  C  Y N 357 
TYR CZ   C  Y N 358 
TYR OH   O  N N 359 
TYR OXT  O  N N 360 
TYR H    H  N N 361 
TYR H2   H  N N 362 
TYR HA   H  N N 363 
TYR HB2  H  N N 364 
TYR HB3  H  N N 365 
TYR HD1  H  N N 366 
TYR HD2  H  N N 367 
TYR HE1  H  N N 368 
TYR HE2  H  N N 369 
TYR HH   H  N N 370 
TYR HXT  H  N N 371 
VAL N    N  N N 372 
VAL CA   C  N S 373 
VAL C    C  N N 374 
VAL O    O  N N 375 
VAL CB   C  N N 376 
VAL CG1  C  N N 377 
VAL CG2  C  N N 378 
VAL OXT  O  N N 379 
VAL H    H  N N 380 
VAL H2   H  N N 381 
VAL HA   H  N N 382 
VAL HB   H  N N 383 
VAL HG11 H  N N 384 
VAL HG12 H  N N 385 
VAL HG13 H  N N 386 
VAL HG21 H  N N 387 
VAL HG22 H  N N 388 
VAL HG23 H  N N 389 
VAL HXT  H  N N 390 
# 
loop_
_chem_comp_bond.comp_id 
_chem_comp_bond.atom_id_1 
_chem_comp_bond.atom_id_2 
_chem_comp_bond.value_order 
_chem_comp_bond.pdbx_aromatic_flag 
_chem_comp_bond.pdbx_stereo_config 
_chem_comp_bond.pdbx_ordinal 
ALA N   CA   sing N N 1   
ALA N   H    sing N N 2   
ALA N   H2   sing N N 3   
ALA CA  C    sing N N 4   
ALA CA  CB   sing N N 5   
ALA CA  HA   sing N N 6   
ALA C   O    doub N N 7   
ALA C   OXT  sing N N 8   
ALA CB  HB1  sing N N 9   
ALA CB  HB2  sing N N 10  
ALA CB  HB3  sing N N 11  
ALA OXT HXT  sing N N 12  
ARG N   CA   sing N N 13  
ARG N   H    sing N N 14  
ARG N   H2   sing N N 15  
ARG CA  C    sing N N 16  
ARG CA  CB   sing N N 17  
ARG CA  HA   sing N N 18  
ARG C   O    doub N N 19  
ARG C   OXT  sing N N 20  
ARG CB  CG   sing N N 21  
ARG CB  HB2  sing N N 22  
ARG CB  HB3  sing N N 23  
ARG CG  CD   sing N N 24  
ARG CG  HG2  sing N N 25  
ARG CG  HG3  sing N N 26  
ARG CD  NE   sing N N 27  
ARG CD  HD2  sing N N 28  
ARG CD  HD3  sing N N 29  
ARG NE  CZ   sing N N 30  
ARG NE  HE   sing N N 31  
ARG CZ  NH1  sing N N 32  
ARG CZ  NH2  doub N N 33  
ARG NH1 HH11 sing N N 34  
ARG NH1 HH12 sing N N 35  
ARG NH2 HH21 sing N N 36  
ARG NH2 HH22 sing N N 37  
ARG OXT HXT  sing N N 38  
ASN N   CA   sing N N 39  
ASN N   H    sing N N 40  
ASN N   H2   sing N N 41  
ASN CA  C    sing N N 42  
ASN CA  CB   sing N N 43  
ASN CA  HA   sing N N 44  
ASN C   O    doub N N 45  
ASN C   OXT  sing N N 46  
ASN CB  CG   sing N N 47  
ASN CB  HB2  sing N N 48  
ASN CB  HB3  sing N N 49  
ASN CG  OD1  doub N N 50  
ASN CG  ND2  sing N N 51  
ASN ND2 HD21 sing N N 52  
ASN ND2 HD22 sing N N 53  
ASN OXT HXT  sing N N 54  
ASP N   CA   sing N N 55  
ASP N   H    sing N N 56  
ASP N   H2   sing N N 57  
ASP CA  C    sing N N 58  
ASP CA  CB   sing N N 59  
ASP CA  HA   sing N N 60  
ASP C   O    doub N N 61  
ASP C   OXT  sing N N 62  
ASP CB  CG   sing N N 63  
ASP CB  HB2  sing N N 64  
ASP CB  HB3  sing N N 65  
ASP CG  OD1  doub N N 66  
ASP CG  OD2  sing N N 67  
ASP OD2 HD2  sing N N 68  
ASP OXT HXT  sing N N 69  
CYS N   CA   sing N N 70  
CYS N   H    sing N N 71  
CYS N   H2   sing N N 72  
CYS CA  C    sing N N 73  
CYS CA  CB   sing N N 74  
CYS CA  HA   sing N N 75  
CYS C   O    doub N N 76  
CYS C   OXT  sing N N 77  
CYS CB  SG   sing N N 78  
CYS CB  HB2  sing N N 79  
CYS CB  HB3  sing N N 80  
CYS SG  HG   sing N N 81  
CYS OXT HXT  sing N N 82  
GLN N   CA   sing N N 83  
GLN N   H    sing N N 84  
GLN N   H2   sing N N 85  
GLN CA  C    sing N N 86  
GLN CA  CB   sing N N 87  
GLN CA  HA   sing N N 88  
GLN C   O    doub N N 89  
GLN C   OXT  sing N N 90  
GLN CB  CG   sing N N 91  
GLN CB  HB2  sing N N 92  
GLN CB  HB3  sing N N 93  
GLN CG  CD   sing N N 94  
GLN CG  HG2  sing N N 95  
GLN CG  HG3  sing N N 96  
GLN CD  OE1  doub N N 97  
GLN CD  NE2  sing N N 98  
GLN NE2 HE21 sing N N 99  
GLN NE2 HE22 sing N N 100 
GLN OXT HXT  sing N N 101 
GLU N   CA   sing N N 102 
GLU N   H    sing N N 103 
GLU N   H2   sing N N 104 
GLU CA  C    sing N N 105 
GLU CA  CB   sing N N 106 
GLU CA  HA   sing N N 107 
GLU C   O    doub N N 108 
GLU C   OXT  sing N N 109 
GLU CB  CG   sing N N 110 
GLU CB  HB2  sing N N 111 
GLU CB  HB3  sing N N 112 
GLU CG  CD   sing N N 113 
GLU CG  HG2  sing N N 114 
GLU CG  HG3  sing N N 115 
GLU CD  OE1  doub N N 116 
GLU CD  OE2  sing N N 117 
GLU OE2 HE2  sing N N 118 
GLU OXT HXT  sing N N 119 
GLY N   CA   sing N N 120 
GLY N   H    sing N N 121 
GLY N   H2   sing N N 122 
GLY CA  C    sing N N 123 
GLY CA  HA2  sing N N 124 
GLY CA  HA3  sing N N 125 
GLY C   O    doub N N 126 
GLY C   OXT  sing N N 127 
GLY OXT HXT  sing N N 128 
HIS N   CA   sing N N 129 
HIS N   H    sing N N 130 
HIS N   H2   sing N N 131 
HIS CA  C    sing N N 132 
HIS CA  CB   sing N N 133 
HIS CA  HA   sing N N 134 
HIS C   O    doub N N 135 
HIS C   OXT  sing N N 136 
HIS CB  CG   sing N N 137 
HIS CB  HB2  sing N N 138 
HIS CB  HB3  sing N N 139 
HIS CG  ND1  sing Y N 140 
HIS CG  CD2  doub Y N 141 
HIS ND1 CE1  doub Y N 142 
HIS ND1 HD1  sing N N 143 
HIS CD2 NE2  sing Y N 144 
HIS CD2 HD2  sing N N 145 
HIS CE1 NE2  sing Y N 146 
HIS CE1 HE1  sing N N 147 
HIS NE2 HE2  sing N N 148 
HIS OXT HXT  sing N N 149 
HOH O   H1   sing N N 150 
HOH O   H2   sing N N 151 
ILE N   CA   sing N N 152 
ILE N   H    sing N N 153 
ILE N   H2   sing N N 154 
ILE CA  C    sing N N 155 
ILE CA  CB   sing N N 156 
ILE CA  HA   sing N N 157 
ILE C   O    doub N N 158 
ILE C   OXT  sing N N 159 
ILE CB  CG1  sing N N 160 
ILE CB  CG2  sing N N 161 
ILE CB  HB   sing N N 162 
ILE CG1 CD1  sing N N 163 
ILE CG1 HG12 sing N N 164 
ILE CG1 HG13 sing N N 165 
ILE CG2 HG21 sing N N 166 
ILE CG2 HG22 sing N N 167 
ILE CG2 HG23 sing N N 168 
ILE CD1 HD11 sing N N 169 
ILE CD1 HD12 sing N N 170 
ILE CD1 HD13 sing N N 171 
ILE OXT HXT  sing N N 172 
LEU N   CA   sing N N 173 
LEU N   H    sing N N 174 
LEU N   H2   sing N N 175 
LEU CA  C    sing N N 176 
LEU CA  CB   sing N N 177 
LEU CA  HA   sing N N 178 
LEU C   O    doub N N 179 
LEU C   OXT  sing N N 180 
LEU CB  CG   sing N N 181 
LEU CB  HB2  sing N N 182 
LEU CB  HB3  sing N N 183 
LEU CG  CD1  sing N N 184 
LEU CG  CD2  sing N N 185 
LEU CG  HG   sing N N 186 
LEU CD1 HD11 sing N N 187 
LEU CD1 HD12 sing N N 188 
LEU CD1 HD13 sing N N 189 
LEU CD2 HD21 sing N N 190 
LEU CD2 HD22 sing N N 191 
LEU CD2 HD23 sing N N 192 
LEU OXT HXT  sing N N 193 
LYS N   CA   sing N N 194 
LYS N   H    sing N N 195 
LYS N   H2   sing N N 196 
LYS CA  C    sing N N 197 
LYS CA  CB   sing N N 198 
LYS CA  HA   sing N N 199 
LYS C   O    doub N N 200 
LYS C   OXT  sing N N 201 
LYS CB  CG   sing N N 202 
LYS CB  HB2  sing N N 203 
LYS CB  HB3  sing N N 204 
LYS CG  CD   sing N N 205 
LYS CG  HG2  sing N N 206 
LYS CG  HG3  sing N N 207 
LYS CD  CE   sing N N 208 
LYS CD  HD2  sing N N 209 
LYS CD  HD3  sing N N 210 
LYS CE  NZ   sing N N 211 
LYS CE  HE2  sing N N 212 
LYS CE  HE3  sing N N 213 
LYS NZ  HZ1  sing N N 214 
LYS NZ  HZ2  sing N N 215 
LYS NZ  HZ3  sing N N 216 
LYS OXT HXT  sing N N 217 
MSE N   CA   sing N N 218 
MSE N   H    sing N N 219 
MSE N   H2   sing N N 220 
MSE CA  C    sing N N 221 
MSE CA  CB   sing N N 222 
MSE CA  HA   sing N N 223 
MSE C   O    doub N N 224 
MSE C   OXT  sing N N 225 
MSE OXT HXT  sing N N 226 
MSE CB  CG   sing N N 227 
MSE CB  HB2  sing N N 228 
MSE CB  HB3  sing N N 229 
MSE CG  SE   sing N N 230 
MSE CG  HG2  sing N N 231 
MSE CG  HG3  sing N N 232 
MSE SE  CE   sing N N 233 
MSE CE  HE1  sing N N 234 
MSE CE  HE2  sing N N 235 
MSE CE  HE3  sing N N 236 
PHE N   CA   sing N N 237 
PHE N   H    sing N N 238 
PHE N   H2   sing N N 239 
PHE CA  C    sing N N 240 
PHE CA  CB   sing N N 241 
PHE CA  HA   sing N N 242 
PHE C   O    doub N N 243 
PHE C   OXT  sing N N 244 
PHE CB  CG   sing N N 245 
PHE CB  HB2  sing N N 246 
PHE CB  HB3  sing N N 247 
PHE CG  CD1  doub Y N 248 
PHE CG  CD2  sing Y N 249 
PHE CD1 CE1  sing Y N 250 
PHE CD1 HD1  sing N N 251 
PHE CD2 CE2  doub Y N 252 
PHE CD2 HD2  sing N N 253 
PHE CE1 CZ   doub Y N 254 
PHE CE1 HE1  sing N N 255 
PHE CE2 CZ   sing Y N 256 
PHE CE2 HE2  sing N N 257 
PHE CZ  HZ   sing N N 258 
PHE OXT HXT  sing N N 259 
PRO N   CA   sing N N 260 
PRO N   CD   sing N N 261 
PRO N   H    sing N N 262 
PRO CA  C    sing N N 263 
PRO CA  CB   sing N N 264 
PRO CA  HA   sing N N 265 
PRO C   O    doub N N 266 
PRO C   OXT  sing N N 267 
PRO CB  CG   sing N N 268 
PRO CB  HB2  sing N N 269 
PRO CB  HB3  sing N N 270 
PRO CG  CD   sing N N 271 
PRO CG  HG2  sing N N 272 
PRO CG  HG3  sing N N 273 
PRO CD  HD2  sing N N 274 
PRO CD  HD3  sing N N 275 
PRO OXT HXT  sing N N 276 
SER N   CA   sing N N 277 
SER N   H    sing N N 278 
SER N   H2   sing N N 279 
SER CA  C    sing N N 280 
SER CA  CB   sing N N 281 
SER CA  HA   sing N N 282 
SER C   O    doub N N 283 
SER C   OXT  sing N N 284 
SER CB  OG   sing N N 285 
SER CB  HB2  sing N N 286 
SER CB  HB3  sing N N 287 
SER OG  HG   sing N N 288 
SER OXT HXT  sing N N 289 
THR N   CA   sing N N 290 
THR N   H    sing N N 291 
THR N   H2   sing N N 292 
THR CA  C    sing N N 293 
THR CA  CB   sing N N 294 
THR CA  HA   sing N N 295 
THR C   O    doub N N 296 
THR C   OXT  sing N N 297 
THR CB  OG1  sing N N 298 
THR CB  CG2  sing N N 299 
THR CB  HB   sing N N 300 
THR OG1 HG1  sing N N 301 
THR CG2 HG21 sing N N 302 
THR CG2 HG22 sing N N 303 
THR CG2 HG23 sing N N 304 
THR OXT HXT  sing N N 305 
TRP N   CA   sing N N 306 
TRP N   H    sing N N 307 
TRP N   H2   sing N N 308 
TRP CA  C    sing N N 309 
TRP CA  CB   sing N N 310 
TRP CA  HA   sing N N 311 
TRP C   O    doub N N 312 
TRP C   OXT  sing N N 313 
TRP CB  CG   sing N N 314 
TRP CB  HB2  sing N N 315 
TRP CB  HB3  sing N N 316 
TRP CG  CD1  doub Y N 317 
TRP CG  CD2  sing Y N 318 
TRP CD1 NE1  sing Y N 319 
TRP CD1 HD1  sing N N 320 
TRP CD2 CE2  doub Y N 321 
TRP CD2 CE3  sing Y N 322 
TRP NE1 CE2  sing Y N 323 
TRP NE1 HE1  sing N N 324 
TRP CE2 CZ2  sing Y N 325 
TRP CE3 CZ3  doub Y N 326 
TRP CE3 HE3  sing N N 327 
TRP CZ2 CH2  doub Y N 328 
TRP CZ2 HZ2  sing N N 329 
TRP CZ3 CH2  sing Y N 330 
TRP CZ3 HZ3  sing N N 331 
TRP CH2 HH2  sing N N 332 
TRP OXT HXT  sing N N 333 
TYR N   CA   sing N N 334 
TYR N   H    sing N N 335 
TYR N   H2   sing N N 336 
TYR CA  C    sing N N 337 
TYR CA  CB   sing N N 338 
TYR CA  HA   sing N N 339 
TYR C   O    doub N N 340 
TYR C   OXT  sing N N 341 
TYR CB  CG   sing N N 342 
TYR CB  HB2  sing N N 343 
TYR CB  HB3  sing N N 344 
TYR CG  CD1  doub Y N 345 
TYR CG  CD2  sing Y N 346 
TYR CD1 CE1  sing Y N 347 
TYR CD1 HD1  sing N N 348 
TYR CD2 CE2  doub Y N 349 
TYR CD2 HD2  sing N N 350 
TYR CE1 CZ   doub Y N 351 
TYR CE1 HE1  sing N N 352 
TYR CE2 CZ   sing Y N 353 
TYR CE2 HE2  sing N N 354 
TYR CZ  OH   sing N N 355 
TYR OH  HH   sing N N 356 
TYR OXT HXT  sing N N 357 
VAL N   CA   sing N N 358 
VAL N   H    sing N N 359 
VAL N   H2   sing N N 360 
VAL CA  C    sing N N 361 
VAL CA  CB   sing N N 362 
VAL CA  HA   sing N N 363 
VAL C   O    doub N N 364 
VAL C   OXT  sing N N 365 
VAL CB  CG1  sing N N 366 
VAL CB  CG2  sing N N 367 
VAL CB  HB   sing N N 368 
VAL CG1 HG11 sing N N 369 
VAL CG1 HG12 sing N N 370 
VAL CG1 HG13 sing N N 371 
VAL CG2 HG21 sing N N 372 
VAL CG2 HG22 sing N N 373 
VAL CG2 HG23 sing N N 374 
VAL OXT HXT  sing N N 375 
# 
_atom_sites.entry_id                    2RKH 
_atom_sites.fract_transf_matrix[1][1]   0.01040289 
_atom_sites.fract_transf_matrix[1][2]   -0.00831496 
_atom_sites.fract_transf_matrix[1][3]   -0.00692614 
_atom_sites.fract_transf_matrix[2][1]   0.00988757 
_atom_sites.fract_transf_matrix[2][2]   0.00339831 
_atom_sites.fract_transf_matrix[2][3]   0.01077115 
_atom_sites.fract_transf_matrix[3][1]   -0.00316424 
_atom_sites.fract_transf_matrix[3][2]   -0.00865212 
_atom_sites.fract_transf_matrix[3][3]   0.00563442 
_atom_sites.fract_transf_vector[1]      0.273527 
_atom_sites.fract_transf_vector[2]      0.241370 
_atom_sites.fract_transf_vector[3]      0.099459 
# 
loop_
_atom_type.symbol 
C  
N  
O  
S  
SE 
# 
loop_
_atom_site.group_PDB 
_atom_site.id 
_atom_site.type_symbol 
_atom_site.label_atom_id 
_atom_site.label_alt_id 
_atom_site.label_comp_id 
_atom_site.label_asym_id 
_atom_site.label_entity_id 
_atom_site.label_seq_id 
_atom_site.pdbx_PDB_ins_code 
_atom_site.Cartn_x 
_atom_site.Cartn_y 
_atom_site.Cartn_z 
_atom_site.occupancy 
_atom_site.B_iso_or_equiv 
_atom_site.pdbx_formal_charge 
_atom_site.auth_seq_id 
_atom_site.auth_comp_id 
_atom_site.auth_asym_id 
_atom_site.auth_atom_id 
_atom_site.pdbx_PDB_model_num 
ATOM   1    N  N   . THR A 1 7   ? -3.423  5.029   -15.267 1.00 71.27 ? 6   THR A N   1 
ATOM   2    C  CA  . THR A 1 7   ? -3.250  4.742   -13.807 1.00 71.89 ? 6   THR A CA  1 
ATOM   3    C  C   . THR A 1 7   ? -4.575  4.278   -13.182 1.00 71.67 ? 6   THR A C   1 
ATOM   4    O  O   . THR A 1 7   ? -5.649  4.796   -13.521 1.00 73.17 ? 6   THR A O   1 
ATOM   5    C  CB  . THR A 1 7   ? -2.651  5.963   -13.057 1.00 72.24 ? 6   THR A CB  1 
ATOM   6    O  OG1 . THR A 1 7   ? -1.339  6.220   -13.572 1.00 73.90 ? 6   THR A OG1 1 
ATOM   7    C  CG2 . THR A 1 7   ? -2.542  5.716   -11.530 1.00 73.00 ? 6   THR A CG2 1 
ATOM   8    N  N   . LEU A 1 8   ? -4.478  3.310   -12.265 1.00 69.17 ? 7   LEU A N   1 
ATOM   9    C  CA  . LEU A 1 8   ? -5.651  2.709   -11.623 1.00 66.40 ? 7   LEU A CA  1 
ATOM   10   C  C   . LEU A 1 8   ? -6.330  3.624   -10.601 1.00 65.10 ? 7   LEU A C   1 
ATOM   11   O  O   . LEU A 1 8   ? -5.688  4.486   -9.991  1.00 64.42 ? 7   LEU A O   1 
ATOM   12   C  CB  . LEU A 1 8   ? -5.261  1.397   -10.917 1.00 65.43 ? 7   LEU A CB  1 
ATOM   13   C  CG  . LEU A 1 8   ? -4.648  0.267   -11.754 1.00 63.81 ? 7   LEU A CG  1 
ATOM   14   C  CD1 . LEU A 1 8   ? -4.307  -0.921  -10.871 1.00 59.67 ? 7   LEU A CD1 1 
ATOM   15   C  CD2 . LEU A 1 8   ? -5.580  -0.164  -12.879 1.00 55.16 ? 7   LEU A CD2 1 
ATOM   16   N  N   . THR A 1 9   ? -7.637  3.433   -10.437 1.00 64.54 ? 8   THR A N   1 
ATOM   17   C  CA  . THR A 1 9   ? -8.397  4.122   -9.391  1.00 63.73 ? 8   THR A CA  1 
ATOM   18   C  C   . THR A 1 9   ? -8.211  3.279   -8.107  1.00 64.70 ? 8   THR A C   1 
ATOM   19   O  O   . THR A 1 9   ? -7.851  2.094   -8.206  1.00 64.58 ? 8   THR A O   1 
ATOM   20   C  CB  . THR A 1 9   ? -9.884  4.215   -9.725  1.00 62.55 ? 8   THR A CB  1 
ATOM   21   O  OG1 . THR A 1 9   ? -10.430 2.900   -9.851  1.00 57.82 ? 8   THR A OG1 1 
ATOM   22   C  CG2 . THR A 1 9   ? -10.106 4.982   -11.033 1.00 62.06 ? 8   THR A CG2 1 
ATOM   23   N  N   . PRO A 1 10  ? -8.408  3.876   -6.908  1.00 65.58 ? 9   PRO A N   1 
ATOM   24   C  CA  . PRO A 1 10  ? -8.332  3.095   -5.654  1.00 64.46 ? 9   PRO A CA  1 
ATOM   25   C  C   . PRO A 1 10  ? -9.219  1.833   -5.621  1.00 63.81 ? 9   PRO A C   1 
ATOM   26   O  O   . PRO A 1 10  ? -8.784  0.808   -5.100  1.00 65.10 ? 9   PRO A O   1 
ATOM   27   C  CB  . PRO A 1 10  ? -8.767  4.107   -4.593  1.00 66.20 ? 9   PRO A CB  1 
ATOM   28   C  CG  . PRO A 1 10  ? -8.314  5.423   -5.158  1.00 66.99 ? 9   PRO A CG  1 
ATOM   29   C  CD  . PRO A 1 10  ? -8.632  5.310   -6.622  1.00 66.41 ? 9   PRO A CD  1 
ATOM   30   N  N   . LYS A 1 11  ? -10.423 1.911   -6.189  1.00 61.26 ? 10  LYS A N   1 
ATOM   31   C  CA  . LYS A 1 11  ? -11.319 0.748   -6.296  1.00 59.83 ? 10  LYS A CA  1 
ATOM   32   C  C   . LYS A 1 11  ? -10.723 -0.355  -7.195  1.00 59.26 ? 10  LYS A C   1 
ATOM   33   O  O   . LYS A 1 11  ? -10.891 -1.544  -6.910  1.00 58.40 ? 10  LYS A O   1 
ATOM   34   C  CB  . LYS A 1 11  ? -12.696 1.158   -6.833  1.00 59.87 ? 10  LYS A CB  1 
ATOM   35   N  N   . GLU A 1 12  ? -10.045 0.052   -8.276  1.00 57.23 ? 11  GLU A N   1 
ATOM   36   C  CA  . GLU A 1 12  ? -9.377  -0.886  -9.200  1.00 54.54 ? 11  GLU A CA  1 
ATOM   37   C  C   . GLU A 1 12  ? -8.160  -1.566  -8.569  1.00 51.33 ? 11  GLU A C   1 
ATOM   38   O  O   . GLU A 1 12  ? -7.894  -2.729  -8.863  1.00 52.74 ? 11  GLU A O   1 
ATOM   39   C  CB  . GLU A 1 12  ? -8.953  -0.184  -10.496 1.00 55.19 ? 11  GLU A CB  1 
ATOM   40   C  CG  . GLU A 1 12  ? -10.101 0.100   -11.458 1.00 53.34 ? 11  GLU A CG  1 
ATOM   41   C  CD  . GLU A 1 12  ? -9.695  0.983   -12.631 1.00 54.61 ? 11  GLU A CD  1 
ATOM   42   O  OE1 . GLU A 1 12  ? -8.835  1.881   -12.466 1.00 55.10 ? 11  GLU A OE1 1 
ATOM   43   O  OE2 . GLU A 1 12  ? -10.270 0.798   -13.720 1.00 57.67 ? 11  GLU A OE2 1 
ATOM   44   N  N   . ALA A 1 13  ? -7.418  -0.829  -7.750  1.00 49.48 ? 12  ALA A N   1 
ATOM   45   C  CA  . ALA A 1 13  ? -6.252  -1.366  -7.013  1.00 48.33 ? 12  ALA A CA  1 
ATOM   46   C  C   . ALA A 1 13  ? -6.678  -2.458  -6.014  1.00 47.63 ? 12  ALA A C   1 
ATOM   47   O  O   . ALA A 1 13  ? -6.019  -3.496  -5.902  1.00 47.19 ? 12  ALA A O   1 
ATOM   48   C  CB  . ALA A 1 13  ? -5.509  -0.264  -6.302  1.00 46.60 ? 12  ALA A CB  1 
ATOM   49   N  N   . VAL A 1 14  ? -7.791  -2.212  -5.315  1.00 45.21 ? 13  VAL A N   1 
ATOM   50   C  CA  . VAL A 1 14  ? -8.393  -3.168  -4.379  1.00 43.11 ? 13  VAL A CA  1 
ATOM   51   C  C   . VAL A 1 14  ? -8.921  -4.385  -5.149  1.00 42.80 ? 13  VAL A C   1 
ATOM   52   O  O   . VAL A 1 14  ? -8.768  -5.517  -4.689  1.00 42.39 ? 13  VAL A O   1 
ATOM   53   C  CB  . VAL A 1 14  ? -9.505  -2.496  -3.503  1.00 41.43 ? 13  VAL A CB  1 
ATOM   54   C  CG1 . VAL A 1 14  ? -10.274 -3.527  -2.643  1.00 42.36 ? 13  VAL A CG1 1 
ATOM   55   C  CG2 . VAL A 1 14  ? -8.909  -1.407  -2.624  1.00 36.87 ? 13  VAL A CG2 1 
ATOM   56   N  N   . ARG A 1 15  ? -9.543  -4.153  -6.309  1.00 42.31 ? 14  ARG A N   1 
ATOM   57   C  CA  . ARG A 1 15  ? -9.995  -5.241  -7.178  1.00 42.40 ? 14  ARG A CA  1 
ATOM   58   C  C   . ARG A 1 15  ? -8.848  -6.103  -7.683  1.00 39.60 ? 14  ARG A C   1 
ATOM   59   O  O   . ARG A 1 15  ? -8.986  -7.315  -7.750  1.00 38.64 ? 14  ARG A O   1 
ATOM   60   C  CB  . ARG A 1 15  ? -10.781 -4.735  -8.387  1.00 43.63 ? 14  ARG A CB  1 
ATOM   61   C  CG  . ARG A 1 15  ? -12.217 -4.454  -8.097  1.00 48.95 ? 14  ARG A CG  1 
ATOM   62   C  CD  . ARG A 1 15  ? -13.026 -4.377  -9.377  1.00 49.70 ? 14  ARG A CD  1 
ATOM   63   N  NE  . ARG A 1 15  ? -14.448 -4.305  -9.070  1.00 57.63 ? 14  ARG A NE  1 
ATOM   64   C  CZ  . ARG A 1 15  ? -15.420 -4.186  -9.972  1.00 63.80 ? 14  ARG A CZ  1 
ATOM   65   N  NH1 . ARG A 1 15  ? -15.146 -4.105  -11.281 1.00 66.60 ? 14  ARG A NH1 1 
ATOM   66   N  NH2 . ARG A 1 15  ? -16.685 -4.129  -9.549  1.00 65.38 ? 14  ARG A NH2 1 
ATOM   67   N  N   . LEU A 1 16  ? -7.752  -5.461  -8.083  1.00 39.86 ? 15  LEU A N   1 
ATOM   68   C  CA  . LEU A 1 16  ? -6.535  -6.169  -8.502  1.00 39.68 ? 15  LEU A CA  1 
ATOM   69   C  C   . LEU A 1 16  ? -6.044  -7.070  -7.363  1.00 38.53 ? 15  LEU A C   1 
ATOM   70   O  O   . LEU A 1 16  ? -5.756  -8.246  -7.579  1.00 39.71 ? 15  LEU A O   1 
ATOM   71   C  CB  . LEU A 1 16  ? -5.443  -5.179  -8.953  1.00 38.12 ? 15  LEU A CB  1 
ATOM   72   C  CG  . LEU A 1 16  ? -4.044  -5.702  -9.305  1.00 41.34 ? 15  LEU A CG  1 
ATOM   73   C  CD1 . LEU A 1 16  ? -4.107  -6.833  -10.289 1.00 39.15 ? 15  LEU A CD1 1 
ATOM   74   C  CD2 . LEU A 1 16  ? -3.170  -4.552  -9.825  1.00 41.41 ? 15  LEU A CD2 1 
ATOM   75   N  N   . CYS A 1 17  ? -6.033  -6.531  -6.143  1.00 39.45 ? 16  CYS A N   1 
ATOM   76   C  CA  . CYS A 1 17  ? -5.610  -7.300  -4.965  1.00 38.55 ? 16  CYS A CA  1 
ATOM   77   C  C   . CYS A 1 17  ? -6.497  -8.524  -4.747  1.00 38.33 ? 16  CYS A C   1 
ATOM   78   O  O   . CYS A 1 17  ? -5.989  -9.631  -4.619  1.00 37.91 ? 16  CYS A O   1 
ATOM   79   C  CB  . CYS A 1 17  ? -5.566  -6.418  -3.718  1.00 38.76 ? 16  CYS A CB  1 
ATOM   80   S  SG  . CYS A 1 17  ? -4.800  -7.200  -2.326  1.00 40.12 ? 16  CYS A SG  1 
ATOM   81   N  N   . ALA A 1 18  ? -7.816  -8.322  -4.793  1.00 37.73 ? 17  ALA A N   1 
ATOM   82   C  CA  . ALA A 1 18  ? -8.801  -9.402  -4.628  1.00 38.97 ? 17  ALA A CA  1 
ATOM   83   C  C   . ALA A 1 18  ? -8.720  -10.477 -5.714  1.00 38.61 ? 17  ALA A C   1 
ATOM   84   O  O   . ALA A 1 18  ? -8.695  -11.672 -5.400  1.00 38.41 ? 17  ALA A O   1 
ATOM   85   C  CB  . ALA A 1 18  ? -10.223 -8.833  -4.582  1.00 37.14 ? 17  ALA A CB  1 
ATOM   86   N  N   . LEU A 1 19  ? -8.686  -10.050 -6.979  1.00 39.42 ? 18  LEU A N   1 
ATOM   87   C  CA  . LEU A 1 19  ? -8.661  -10.991 -8.123  1.00 40.31 ? 18  LEU A CA  1 
ATOM   88   C  C   . LEU A 1 19  ? -7.356  -11.790 -8.204  1.00 41.41 ? 18  LEU A C   1 
ATOM   89   O  O   . LEU A 1 19  ? -7.384  -12.974 -8.532  1.00 41.01 ? 18  LEU A O   1 
ATOM   90   C  CB  . LEU A 1 19  ? -8.954  -10.270 -9.449  1.00 41.46 ? 18  LEU A CB  1 
ATOM   91   C  CG  . LEU A 1 19  ? -10.393 -9.780  -9.643  1.00 39.07 ? 18  LEU A CG  1 
ATOM   92   C  CD1 . LEU A 1 19  ? -10.502 -8.842  -10.833 1.00 41.49 ? 18  LEU A CD1 1 
ATOM   93   C  CD2 . LEU A 1 19  ? -11.326 -10.952 -9.802  1.00 35.95 ? 18  LEU A CD2 1 
ATOM   94   N  N   . GLY A 1 20  ? -6.227  -11.140 -7.914  1.00 40.29 ? 19  GLY A N   1 
ATOM   95   C  CA  . GLY A 1 20  ? -4.932  -11.826 -7.853  1.00 40.64 ? 19  GLY A CA  1 
ATOM   96   C  C   . GLY A 1 20  ? -4.846  -12.827 -6.698  1.00 39.75 ? 19  GLY A C   1 
ATOM   97   O  O   . GLY A 1 20  ? -4.290  -13.907 -6.855  1.00 40.65 ? 19  GLY A O   1 
ATOM   98   N  N   . THR A 1 21  ? -5.408  -12.467 -5.546  1.00 40.96 ? 20  THR A N   1 
ATOM   99   C  CA  . THR A 1 21  ? -5.408  -13.326 -4.353  1.00 42.42 ? 20  THR A CA  1 
ATOM   100  C  C   . THR A 1 21  ? -6.257  -14.576 -4.574  1.00 45.48 ? 20  THR A C   1 
ATOM   101  O  O   . THR A 1 21  ? -5.835  -15.683 -4.225  1.00 45.48 ? 20  THR A O   1 
ATOM   102  C  CB  . THR A 1 21  ? -5.946  -12.597 -3.107  1.00 42.12 ? 20  THR A CB  1 
ATOM   103  O  OG1 . THR A 1 21  ? -5.248  -11.363 -2.934  1.00 40.94 ? 20  THR A OG1 1 
ATOM   104  C  CG2 . THR A 1 21  ? -5.771  -13.459 -1.856  1.00 40.51 ? 20  THR A CG2 1 
ATOM   105  N  N   . ILE A 1 22  ? -7.447  -14.387 -5.138  1.00 47.52 ? 21  ILE A N   1 
ATOM   106  C  CA  . ILE A 1 22  ? -8.342  -15.507 -5.421  1.00 50.89 ? 21  ILE A CA  1 
ATOM   107  C  C   . ILE A 1 22  ? -7.874  -16.364 -6.622  1.00 51.83 ? 21  ILE A C   1 
ATOM   108  O  O   . ILE A 1 22  ? -8.223  -17.542 -6.688  1.00 50.34 ? 21  ILE A O   1 
ATOM   109  C  CB  . ILE A 1 22  ? -9.828  -15.042 -5.558  1.00 49.68 ? 21  ILE A CB  1 
ATOM   110  C  CG1 . ILE A 1 22  ? -10.782 -16.229 -5.372  1.00 51.33 ? 21  ILE A CG1 1 
ATOM   111  C  CG2 . ILE A 1 22  ? -10.058 -14.282 -6.872  1.00 43.08 ? 21  ILE A CG2 1 
ATOM   112  C  CD1 . ILE A 1 22  ? -12.235 -15.830 -5.247  1.00 52.79 ? 21  ILE A CD1 1 
ATOM   113  N  N   . ALA A 1 23  ? -7.096  -15.782 -7.544  1.00 53.24 ? 22  ALA A N   1 
ATOM   114  C  CA  . ALA A 1 23  ? -6.584  -16.516 -8.715  1.00 56.56 ? 22  ALA A CA  1 
ATOM   115  C  C   . ALA A 1 23  ? -5.647  -17.678 -8.347  1.00 59.32 ? 22  ALA A C   1 
ATOM   116  O  O   . ALA A 1 23  ? -5.632  -18.688 -9.050  1.00 58.97 ? 22  ALA A O   1 
ATOM   117  C  CB  . ALA A 1 23  ? -5.895  -15.573 -9.703  1.00 54.25 ? 22  ALA A CB  1 
ATOM   118  N  N   . SER A 1 24  ? -4.885  -17.530 -7.257  1.00 63.49 ? 23  SER A N   1 
ATOM   119  C  CA  . SER A 1 24  ? -3.962  -18.575 -6.774  1.00 65.34 ? 23  SER A CA  1 
ATOM   120  C  C   . SER A 1 24  ? -4.717  -19.776 -6.218  1.00 68.61 ? 23  SER A C   1 
ATOM   121  O  O   . SER A 1 24  ? -4.561  -20.893 -6.730  1.00 71.40 ? 23  SER A O   1 
ATOM   122  C  CB  . SER A 1 24  ? -3.003  -18.032 -5.706  1.00 68.28 ? 23  SER A CB  1 
ATOM   123  O  OG  . SER A 1 24  ? -2.187  -19.068 -5.177  1.00 73.69 ? 23  SER A OG  1 
ATOM   124  N  N   . GLN A 1 25  ? -5.528  -19.544 -5.181  1.00 69.47 ? 24  GLN A N   1 
ATOM   125  C  CA  . GLN A 1 25  ? -6.334  -20.612 -4.556  1.00 68.94 ? 24  GLN A CA  1 
ATOM   126  C  C   . GLN A 1 25  ? -7.726  -20.111 -4.138  1.00 68.72 ? 24  GLN A C   1 
ATOM   127  O  O   . GLN A 1 25  ? -7.830  -18.985 -3.625  1.00 69.28 ? 24  GLN A O   1 
ATOM   128  C  CB  . GLN A 1 25  ? -5.610  -21.169 -3.325  1.00 69.77 ? 24  GLN A CB  1 
ATOM   129  N  N   . PRO A 1 26  ? -8.797  -20.906 -4.401  1.00 67.12 ? 25  PRO A N   1 
ATOM   130  C  CA  . PRO A 1 26  ? -10.151 -20.617 -3.903  1.00 65.71 ? 25  PRO A CA  1 
ATOM   131  C  C   . PRO A 1 26  ? -10.207 -20.328 -2.392  1.00 62.35 ? 25  PRO A C   1 
ATOM   132  O  O   . PRO A 1 26  ? -9.405  -20.874 -1.619  1.00 63.16 ? 25  PRO A O   1 
ATOM   133  C  CB  . PRO A 1 26  ? -10.918 -21.898 -4.234  1.00 66.17 ? 25  PRO A CB  1 
ATOM   134  C  CG  . PRO A 1 26  ? -10.297 -22.358 -5.471  1.00 66.80 ? 25  PRO A CG  1 
ATOM   135  C  CD  . PRO A 1 26  ? -8.828  -22.080 -5.296  1.00 68.03 ? 25  PRO A CD  1 
HETATM 136  N  N   . MSE A 1 27  ? -11.145 -19.468 -2.002  1.00 57.12 ? 26  MSE A N   1 
HETATM 137  C  CA  . MSE A 1 27  ? -11.269 -18.994 -0.625  1.00 54.03 ? 26  MSE A CA  1 
HETATM 138  C  C   . MSE A 1 27  ? -12.664 -18.612 -0.247  1.00 51.00 ? 26  MSE A C   1 
HETATM 139  O  O   . MSE A 1 27  ? -13.467 -18.234 -1.096  1.00 48.88 ? 26  MSE A O   1 
HETATM 140  C  CB  . MSE A 1 27  ? -10.440 -17.720 -0.441  1.00 53.63 ? 26  MSE A CB  1 
HETATM 141  C  CG  . MSE A 1 27  ? -9.021  -17.919 -0.069  1.00 55.56 ? 26  MSE A CG  1 
HETATM 142  SE SE  . MSE A 1 27  ? -8.239  -16.138 0.005   0.75 54.32 ? 26  MSE A SE  1 
HETATM 143  C  CE  . MSE A 1 27  ? -8.098  -15.876 -1.918  1.00 63.59 ? 26  MSE A CE  1 
ATOM   144  N  N   . ARG A 1 28  ? -12.888 -18.591 1.058   1.00 49.66 ? 27  ARG A N   1 
ATOM   145  C  CA  . ARG A 1 28  ? -14.160 -18.209 1.629   1.00 50.34 ? 27  ARG A CA  1 
ATOM   146  C  C   . ARG A 1 28  ? -14.208 -16.662 1.618   1.00 49.79 ? 27  ARG A C   1 
ATOM   147  O  O   . ARG A 1 28  ? -13.141 -16.015 1.723   1.00 45.34 ? 27  ARG A O   1 
ATOM   148  C  CB  . ARG A 1 28  ? -14.287 -18.828 3.029   1.00 51.17 ? 27  ARG A CB  1 
ATOM   149  C  CG  . ARG A 1 28  ? -15.680 -19.194 3.392   1.00 55.63 ? 27  ARG A CG  1 
ATOM   150  C  CD  . ARG A 1 28  ? -15.767 -20.064 4.646   1.00 56.33 ? 27  ARG A CD  1 
ATOM   151  N  NE  . ARG A 1 28  ? -15.322 -21.448 4.434   1.00 61.55 ? 27  ARG A NE  1 
ATOM   152  C  CZ  . ARG A 1 28  ? -16.023 -22.411 3.818   1.00 61.82 ? 27  ARG A CZ  1 
ATOM   153  N  NH1 . ARG A 1 28  ? -17.220 -22.178 3.270   1.00 61.64 ? 27  ARG A NH1 1 
ATOM   154  N  NH2 . ARG A 1 28  ? -15.501 -23.637 3.718   1.00 65.01 ? 27  ARG A NH2 1 
ATOM   155  N  N   . TYR A 1 29  ? -15.408 -16.081 1.441   1.00 49.54 ? 28  TYR A N   1 
ATOM   156  C  CA  . TYR A 1 29  ? -15.590 -14.610 1.391   1.00 48.51 ? 28  TYR A CA  1 
ATOM   157  C  C   . TYR A 1 29  ? -14.793 -13.906 2.498   1.00 46.98 ? 28  TYR A C   1 
ATOM   158  O  O   . TYR A 1 29  ? -13.991 -13.011 2.210   1.00 44.37 ? 28  TYR A O   1 
ATOM   159  C  CB  . TYR A 1 29  ? -17.078 -14.159 1.438   1.00 52.42 ? 28  TYR A CB  1 
ATOM   160  C  CG  . TYR A 1 29  ? -17.208 -12.641 1.614   1.00 54.78 ? 28  TYR A CG  1 
ATOM   161  C  CD1 . TYR A 1 29  ? -17.182 -11.781 0.503   1.00 64.49 ? 28  TYR A CD1 1 
ATOM   162  C  CD2 . TYR A 1 29  ? -17.261 -12.054 2.899   1.00 59.54 ? 28  TYR A CD2 1 
ATOM   163  C  CE1 . TYR A 1 29  ? -17.253 -10.374 0.665   1.00 62.47 ? 28  TYR A CE1 1 
ATOM   164  C  CE2 . TYR A 1 29  ? -17.320 -10.653 3.068   1.00 59.84 ? 28  TYR A CE2 1 
ATOM   165  C  CZ  . TYR A 1 29  ? -17.321 -9.819  1.945   1.00 62.43 ? 28  TYR A CZ  1 
ATOM   166  O  OH  . TYR A 1 29  ? -17.390 -8.448  2.095   1.00 62.96 ? 28  TYR A OH  1 
ATOM   167  N  N   . SER A 1 30  ? -15.034 -14.328 3.742   1.00 44.45 ? 29  SER A N   1 
ATOM   168  C  CA  . SER A 1 30  ? -14.351 -13.787 4.940   1.00 44.79 ? 29  SER A CA  1 
ATOM   169  C  C   . SER A 1 30  ? -12.817 -13.810 4.870   1.00 42.31 ? 29  SER A C   1 
ATOM   170  O  O   . SER A 1 30  ? -12.144 -12.868 5.317   1.00 43.35 ? 29  SER A O   1 
ATOM   171  C  CB  . SER A 1 30  ? -14.787 -14.571 6.179   1.00 43.22 ? 29  SER A CB  1 
ATOM   172  O  OG  . SER A 1 30  ? -14.394 -15.928 6.063   1.00 45.50 ? 29  SER A OG  1 
ATOM   173  N  N   . GLU A 1 31  ? -12.277 -14.893 4.311   1.00 41.00 ? 30  GLU A N   1 
ATOM   174  C  CA  . GLU A 1 31  ? -10.827 -15.068 4.154   1.00 40.92 ? 30  GLU A CA  1 
ATOM   175  C  C   . GLU A 1 31  ? -10.273 -14.106 3.103   1.00 38.32 ? 30  GLU A C   1 
ATOM   176  O  O   . GLU A 1 31  ? -9.235  -13.490 3.330   1.00 37.63 ? 30  GLU A O   1 
ATOM   177  C  CB  . GLU A 1 31  ? -10.486 -16.516 3.797   1.00 40.92 ? 30  GLU A CB  1 
ATOM   178  C  CG  . GLU A 1 31  ? -10.846 -17.508 4.911   1.00 46.47 ? 30  GLU A CG  1 
ATOM   179  C  CD  . GLU A 1 31  ? -10.873 -18.970 4.470   1.00 46.12 ? 30  GLU A CD  1 
ATOM   180  O  OE1 . GLU A 1 31  ? -10.379 -19.311 3.372   1.00 57.35 ? 30  GLU A OE1 1 
ATOM   181  O  OE2 . GLU A 1 31  ? -11.402 -19.778 5.249   1.00 57.35 ? 30  GLU A OE2 1 
ATOM   182  N  N   . LEU A 1 32  ? -10.980 -13.968 1.979   1.00 36.75 ? 31  LEU A N   1 
ATOM   183  C  CA  . LEU A 1 32  ? -10.565 -13.049 0.904   1.00 37.06 ? 31  LEU A CA  1 
ATOM   184  C  C   . LEU A 1 32  ? -10.626 -11.589 1.370   1.00 36.07 ? 31  LEU A C   1 
ATOM   185  O  O   . LEU A 1 32  ? -9.657  -10.829 1.183   1.00 39.13 ? 31  LEU A O   1 
ATOM   186  C  CB  . LEU A 1 32  ? -11.429 -13.269 -0.344  1.00 35.56 ? 31  LEU A CB  1 
ATOM   187  C  CG  . LEU A 1 32  ? -11.115 -12.438 -1.593  1.00 37.69 ? 31  LEU A CG  1 
ATOM   188  C  CD1 . LEU A 1 32  ? -9.676  -12.581 -2.076  1.00 33.54 ? 31  LEU A CD1 1 
ATOM   189  C  CD2 . LEU A 1 32  ? -12.119 -12.801 -2.688  1.00 36.21 ? 31  LEU A CD2 1 
ATOM   190  N  N   . ALA A 1 33  ? -11.740 -11.215 2.017   1.00 36.97 ? 32  ALA A N   1 
ATOM   191  C  CA  . ALA A 1 33  ? -11.919 -9.851  2.554   1.00 35.90 ? 32  ALA A CA  1 
ATOM   192  C  C   . ALA A 1 33  ? -10.818 -9.501  3.557   1.00 34.71 ? 32  ALA A C   1 
ATOM   193  O  O   . ALA A 1 33  ? -10.194 -8.423  3.456   1.00 34.74 ? 32  ALA A O   1 
ATOM   194  C  CB  . ALA A 1 33  ? -13.301 -9.690  3.191   1.00 36.94 ? 32  ALA A CB  1 
ATOM   195  N  N   . GLY A 1 34  ? -10.561 -10.416 4.493   1.00 32.78 ? 33  GLY A N   1 
ATOM   196  C  CA  . GLY A 1 34  ? -9.485  -10.259 5.482   1.00 34.70 ? 33  GLY A CA  1 
ATOM   197  C  C   . GLY A 1 34  ? -8.087  -10.101 4.897   1.00 34.18 ? 33  GLY A C   1 
ATOM   198  O  O   . GLY A 1 34  ? -7.262  -9.299  5.385   1.00 35.09 ? 33  GLY A O   1 
ATOM   199  N  N   . SER A 1 35  ? -7.814  -10.858 3.840   1.00 35.00 ? 34  SER A N   1 
ATOM   200  C  CA  . SER A 1 35  ? -6.512  -10.822 3.169   1.00 33.73 ? 34  SER A CA  1 
ATOM   201  C  C   . SER A 1 35  ? -6.288  -9.500  2.436   1.00 33.59 ? 34  SER A C   1 
ATOM   202  O  O   . SER A 1 35  ? -5.236  -8.870  2.598   1.00 32.78 ? 34  SER A O   1 
ATOM   203  C  CB  . SER A 1 35  ? -6.380  -12.001 2.182   1.00 35.04 ? 34  SER A CB  1 
ATOM   204  O  OG  . SER A 1 35  ? -5.194  -11.861 1.416   1.00 39.49 ? 34  SER A OG  1 
ATOM   205  N  N   . VAL A 1 36  ? -7.285  -9.081  1.655   1.00 33.68 ? 35  VAL A N   1 
ATOM   206  C  CA  . VAL A 1 36  ? -7.226  -7.822  0.903   1.00 34.35 ? 35  VAL A CA  1 
ATOM   207  C  C   . VAL A 1 36  ? -7.072  -6.634  1.853   1.00 33.22 ? 35  VAL A C   1 
ATOM   208  O  O   . VAL A 1 36  ? -6.230  -5.779  1.637   1.00 34.62 ? 35  VAL A O   1 
ATOM   209  C  CB  . VAL A 1 36  ? -8.453  -7.642  -0.019  1.00 34.02 ? 35  VAL A CB  1 
ATOM   210  C  CG1 . VAL A 1 36  ? -8.438  -6.252  -0.688  1.00 37.22 ? 35  VAL A CG1 1 
ATOM   211  C  CG2 . VAL A 1 36  ? -8.467  -8.749  -1.060  1.00 32.06 ? 35  VAL A CG2 1 
ATOM   212  N  N   . ARG A 1 37  ? -7.880  -6.615  2.907   1.00 33.61 ? 36  ARG A N   1 
ATOM   213  C  CA  . ARG A 1 37  ? -7.830  -5.567  3.933   1.00 34.61 ? 36  ARG A CA  1 
ATOM   214  C  C   . ARG A 1 37  ? -6.458  -5.453  4.576   1.00 34.53 ? 36  ARG A C   1 
ATOM   215  O  O   . ARG A 1 37  ? -5.915  -4.350  4.733   1.00 39.10 ? 36  ARG A O   1 
ATOM   216  C  CB  . ARG A 1 37  ? -8.866  -5.878  5.006   1.00 34.51 ? 36  ARG A CB  1 
ATOM   217  C  CG  . ARG A 1 37  ? -8.882  -4.894  6.167   1.00 37.43 ? 36  ARG A CG  1 
ATOM   218  C  CD  . ARG A 1 37  ? -10.104 -5.122  6.969   1.00 42.91 ? 36  ARG A CD  1 
ATOM   219  N  NE  . ARG A 1 37  ? -10.106 -6.463  7.523   1.00 40.48 ? 36  ARG A NE  1 
ATOM   220  C  CZ  . ARG A 1 37  ? -11.173 -7.221  7.772   1.00 44.70 ? 36  ARG A CZ  1 
ATOM   221  N  NH1 . ARG A 1 37  ? -12.419 -6.835  7.491   1.00 52.09 ? 36  ARG A NH1 1 
ATOM   222  N  NH2 . ARG A 1 37  ? -10.970 -8.425  8.288   1.00 47.20 ? 36  ARG A NH2 1 
ATOM   223  N  N   . HIS A 1 38  ? -5.901  -6.599  4.952   1.00 36.15 ? 37  HIS A N   1 
ATOM   224  C  CA  . HIS A 1 38  ? -4.546  -6.645  5.524   1.00 36.85 ? 37  HIS A CA  1 
ATOM   225  C  C   . HIS A 1 38  ? -3.450  -6.201  4.549   1.00 37.29 ? 37  HIS A C   1 
ATOM   226  O  O   . HIS A 1 38  ? -2.600  -5.372  4.897   1.00 37.20 ? 37  HIS A O   1 
ATOM   227  C  CB  . HIS A 1 38  ? -4.235  -8.033  6.084   1.00 37.46 ? 37  HIS A CB  1 
ATOM   228  C  CG  . HIS A 1 38  ? -2.955  -8.074  6.832   1.00 43.39 ? 37  HIS A CG  1 
ATOM   229  N  ND1 . HIS A 1 38  ? -2.809  -7.491  8.073   1.00 41.98 ? 37  HIS A ND1 1 
ATOM   230  C  CD2 . HIS A 1 38  ? -1.742  -8.575  6.498   1.00 42.31 ? 37  HIS A CD2 1 
ATOM   231  C  CE1 . HIS A 1 38  ? -1.565  -7.658  8.484   1.00 49.93 ? 37  HIS A CE1 1 
ATOM   232  N  NE2 . HIS A 1 38  ? -0.898  -8.314  7.548   1.00 44.78 ? 37  HIS A NE2 1 
ATOM   233  N  N   . PHE A 1 39  ? -3.484  -6.713  3.321   1.00 39.17 ? 38  PHE A N   1 
ATOM   234  C  CA  . PHE A 1 39  ? -2.453  -6.365  2.329   1.00 37.84 ? 38  PHE A CA  1 
ATOM   235  C  C   . PHE A 1 39  ? -2.472  -4.883  1.967   1.00 37.71 ? 38  PHE A C   1 
ATOM   236  O  O   . PHE A 1 39  ? -1.431  -4.201  2.043   1.00 35.44 ? 38  PHE A O   1 
ATOM   237  C  CB  . PHE A 1 39  ? -2.565  -7.201  1.058   1.00 39.25 ? 38  PHE A CB  1 
ATOM   238  C  CG  . PHE A 1 39  ? -1.358  -7.080  0.161   1.00 36.28 ? 38  PHE A CG  1 
ATOM   239  C  CD1 . PHE A 1 39  ? -0.237  -7.881  0.375   1.00 42.87 ? 38  PHE A CD1 1 
ATOM   240  C  CD2 . PHE A 1 39  ? -1.330  -6.146  -0.879  1.00 39.99 ? 38  PHE A CD2 1 
ATOM   241  C  CE1 . PHE A 1 39  ? 0.902   -7.755  -0.446  1.00 40.83 ? 38  PHE A CE1 1 
ATOM   242  C  CE2 . PHE A 1 39  ? -0.209  -6.007  -1.700  1.00 37.22 ? 38  PHE A CE2 1 
ATOM   243  C  CZ  . PHE A 1 39  ? 0.914   -6.821  -1.481  1.00 38.71 ? 38  PHE A CZ  1 
ATOM   244  N  N   . THR A 1 40  ? -3.653  -4.384  1.593   1.00 38.07 ? 39  THR A N   1 
ATOM   245  C  CA  . THR A 1 40  ? -3.811  -2.973  1.199   1.00 36.47 ? 39  THR A CA  1 
ATOM   246  C  C   . THR A 1 40  ? -3.470  -2.017  2.345   1.00 38.38 ? 39  THR A C   1 
ATOM   247  O  O   . THR A 1 40  ? -2.740  -1.023  2.140   1.00 35.30 ? 39  THR A O   1 
ATOM   248  C  CB  . THR A 1 40  ? -5.224  -2.667  0.691   1.00 38.50 ? 39  THR A CB  1 
ATOM   249  O  OG1 . THR A 1 40  ? -6.179  -2.945  1.740   1.00 36.99 ? 39  THR A OG1 1 
ATOM   250  C  CG2 . THR A 1 40  ? -5.543  -3.525  -0.566  1.00 36.30 ? 39  THR A CG2 1 
ATOM   251  N  N   . SER A 1 41  ? -3.937  -2.340  3.551   1.00 37.61 ? 40  SER A N   1 
ATOM   252  C  CA  . SER A 1 41  ? -3.683  -1.475  4.707   1.00 39.31 ? 40  SER A CA  1 
ATOM   253  C  C   . SER A 1 41  ? -2.222  -1.503  5.185   1.00 40.83 ? 40  SER A C   1 
ATOM   254  O  O   . SER A 1 41  ? -1.772  -0.522  5.772   1.00 39.31 ? 40  SER A O   1 
ATOM   255  C  CB  . SER A 1 41  ? -4.649  -1.724  5.860   1.00 38.42 ? 40  SER A CB  1 
ATOM   256  O  OG  . SER A 1 41  ? -4.418  -2.941  6.522   1.00 36.18 ? 40  SER A OG  1 
ATOM   257  N  N   . ARG A 1 42  ? -1.501  -2.615  4.979   1.00 42.62 ? 41  ARG A N   1 
ATOM   258  C  CA  . ARG A 1 42  ? -0.067  -2.649  5.332   1.00 41.94 ? 41  ARG A CA  1 
ATOM   259  C  C   . ARG A 1 42  ? 0.768   -1.762  4.402   1.00 44.71 ? 41  ARG A C   1 
ATOM   260  O  O   . ARG A 1 42  ? 1.736   -1.178  4.852   1.00 46.91 ? 41  ARG A O   1 
ATOM   261  C  CB  . ARG A 1 42  ? 0.560   -4.045  5.332   1.00 43.39 ? 41  ARG A CB  1 
ATOM   262  C  CG  . ARG A 1 42  ? 0.236   -5.044  6.430   1.00 42.59 ? 41  ARG A CG  1 
ATOM   263  C  CD  . ARG A 1 42  ? -0.010  -4.451  7.784   1.00 47.37 ? 41  ARG A CD  1 
ATOM   264  N  NE  . ARG A 1 42  ? -1.430  -4.172  7.978   1.00 48.61 ? 41  ARG A NE  1 
ATOM   265  C  CZ  . ARG A 1 42  ? -1.964  -3.517  9.005   1.00 49.56 ? 41  ARG A CZ  1 
ATOM   266  N  NH1 . ARG A 1 42  ? -1.213  -2.968  9.947   1.00 55.34 ? 41  ARG A NH1 1 
ATOM   267  N  NH2 . ARG A 1 42  ? -3.285  -3.366  9.058   1.00 47.30 ? 41  ARG A NH2 1 
ATOM   268  N  N   . ILE A 1 43  ? 0.408   -1.683  3.125   1.00 44.31 ? 42  ILE A N   1 
ATOM   269  C  CA  . ILE A 1 43  ? 1.127   -0.836  2.175   1.00 43.80 ? 42  ILE A CA  1 
ATOM   270  C  C   . ILE A 1 43  ? 0.708   0.636   2.291   1.00 46.37 ? 42  ILE A C   1 
ATOM   271  O  O   . ILE A 1 43  ? 1.568   1.519   2.302   1.00 44.52 ? 42  ILE A O   1 
ATOM   272  C  CB  . ILE A 1 43  ? 0.901   -1.275  0.706   1.00 43.75 ? 42  ILE A CB  1 
ATOM   273  C  CG1 . ILE A 1 43  ? 1.305   -2.745  0.450   1.00 47.74 ? 42  ILE A CG1 1 
ATOM   274  C  CG2 . ILE A 1 43  ? 1.631   -0.330  -0.249  1.00 41.73 ? 42  ILE A CG2 1 
ATOM   275  C  CD1 . ILE A 1 43  ? 2.740   -3.065  0.596   1.00 49.58 ? 42  ILE A CD1 1 
HETATM 276  N  N   . MSE A 1 44  ? -0.605  0.893   2.367   1.00 44.60 ? 43  MSE A N   1 
HETATM 277  C  CA  . MSE A 1 44  ? -1.152  2.250   2.309   1.00 45.68 ? 43  MSE A CA  1 
HETATM 278  C  C   . MSE A 1 44  ? -1.544  2.901   3.636   1.00 45.87 ? 43  MSE A C   1 
HETATM 279  O  O   . MSE A 1 44  ? -1.993  4.051   3.635   1.00 47.31 ? 43  MSE A O   1 
HETATM 280  C  CB  . MSE A 1 44  ? -2.402  2.239   1.400   1.00 45.88 ? 43  MSE A CB  1 
HETATM 281  C  CG  . MSE A 1 44  ? -2.167  1.800   -0.020  1.00 46.88 ? 43  MSE A CG  1 
HETATM 282  SE SE  . MSE A 1 44  ? -0.891  2.930   -0.987  0.75 53.32 ? 43  MSE A SE  1 
HETATM 283  C  CE  . MSE A 1 44  ? -1.955  4.619   -0.925  1.00 50.85 ? 43  MSE A CE  1 
ATOM   284  N  N   . GLY A 1 45  ? -1.391  2.195   4.747   1.00 42.25 ? 44  GLY A N   1 
ATOM   285  C  CA  . GLY A 1 45  ? -1.861  2.685   6.031   1.00 44.41 ? 44  GLY A CA  1 
ATOM   286  C  C   . GLY A 1 45  ? -3.348  2.400   6.162   1.00 42.05 ? 44  GLY A C   1 
ATOM   287  O  O   . GLY A 1 45  ? -3.944  1.729   5.290   1.00 39.08 ? 44  GLY A O   1 
ATOM   288  N  N   . PRO A 1 46  ? -3.990  2.937   7.217   1.00 42.13 ? 45  PRO A N   1 
ATOM   289  C  CA  . PRO A 1 46  ? -5.402  2.622   7.440   1.00 40.79 ? 45  PRO A CA  1 
ATOM   290  C  C   . PRO A 1 46  ? -6.369  2.710   6.259   1.00 41.59 ? 45  PRO A C   1 
ATOM   291  O  O   . PRO A 1 46  ? -7.303  1.909   6.229   1.00 39.48 ? 45  PRO A O   1 
ATOM   292  C  CB  . PRO A 1 46  ? -5.798  3.545   8.600   1.00 43.33 ? 45  PRO A CB  1 
ATOM   293  C  CG  . PRO A 1 46  ? -4.507  3.766   9.322   1.00 41.65 ? 45  PRO A CG  1 
ATOM   294  C  CD  . PRO A 1 46  ? -3.451  3.812   8.272   1.00 41.68 ? 45  PRO A CD  1 
ATOM   295  N  N   . SER A 1 47  ? -6.191  3.650   5.315   1.00 42.05 ? 46  SER A N   1 
ATOM   296  C  CA  . SER A 1 47  ? -7.024  3.691   4.081   1.00 42.68 ? 46  SER A CA  1 
ATOM   297  C  C   . SER A 1 47  ? -8.516  3.583   4.340   1.00 43.79 ? 46  SER A C   1 
ATOM   298  O  O   . SER A 1 47  ? -9.233  2.831   3.647   1.00 45.71 ? 46  SER A O   1 
ATOM   299  C  CB  . SER A 1 47  ? -6.639  2.496   3.181   1.00 45.96 ? 46  SER A CB  1 
ATOM   300  O  OG  . SER A 1 47  ? -5.264  2.353   3.070   1.00 43.02 ? 46  SER A OG  1 
ATOM   301  N  N   . LEU A 1 48  ? -8.993  4.344   5.327   1.00 42.75 ? 47  LEU A N   1 
ATOM   302  C  CA  . LEU A 1 48  ? -10.390 4.252   5.776   1.00 42.26 ? 47  LEU A CA  1 
ATOM   303  C  C   . LEU A 1 48  ? -11.428 4.544   4.702   1.00 43.47 ? 47  LEU A C   1 
ATOM   304  O  O   . LEU A 1 48  ? -12.578 4.063   4.793   1.00 41.29 ? 47  LEU A O   1 
ATOM   305  C  CB  . LEU A 1 48  ? -10.629 5.123   7.016   1.00 39.74 ? 47  LEU A CB  1 
ATOM   306  C  CG  . LEU A 1 48  ? -9.742  4.843   8.242   1.00 42.52 ? 47  LEU A CG  1 
ATOM   307  C  CD1 . LEU A 1 48  ? -10.177 5.756   9.397   1.00 39.34 ? 47  LEU A CD1 1 
ATOM   308  C  CD2 . LEU A 1 48  ? -9.785  3.345   8.686   1.00 34.87 ? 47  LEU A CD2 1 
ATOM   309  N  N   . GLU A 1 49  ? -11.030 5.316   3.691   1.00 44.08 ? 48  GLU A N   1 
ATOM   310  C  CA  . GLU A 1 49  ? -11.914 5.640   2.557   1.00 46.51 ? 48  GLU A CA  1 
ATOM   311  C  C   . GLU A 1 49  ? -12.238 4.433   1.681   1.00 46.36 ? 48  GLU A C   1 
ATOM   312  O  O   . GLU A 1 49  ? -13.246 4.472   0.987   1.00 44.49 ? 48  GLU A O   1 
ATOM   313  C  CB  . GLU A 1 49  ? -11.362 6.790   1.693   1.00 47.72 ? 48  GLU A CB  1 
ATOM   314  C  CG  . GLU A 1 49  ? -10.136 6.480   0.791   1.00 46.89 ? 48  GLU A CG  1 
ATOM   315  C  CD  . GLU A 1 49  ? -8.816  6.252   1.517   1.00 55.06 ? 48  GLU A CD  1 
ATOM   316  O  OE1 . GLU A 1 49  ? -8.705  6.480   2.743   1.00 51.88 ? 48  GLU A OE1 1 
ATOM   317  O  OE2 . GLU A 1 49  ? -7.860  5.844   0.829   1.00 59.46 ? 48  GLU A OE2 1 
ATOM   318  N  N   . LEU A 1 50  ? -11.374 3.399   1.705   1.00 46.86 ? 49  LEU A N   1 
ATOM   319  C  CA  . LEU A 1 50  ? -11.573 2.141   0.964   1.00 48.47 ? 49  LEU A CA  1 
ATOM   320  C  C   . LEU A 1 50  ? -12.403 1.043   1.679   1.00 49.81 ? 49  LEU A C   1 
ATOM   321  O  O   . LEU A 1 50  ? -12.643 -0.006  1.095   1.00 51.20 ? 49  LEU A O   1 
ATOM   322  C  CB  . LEU A 1 50  ? -10.215 1.553   0.564   1.00 48.24 ? 49  LEU A CB  1 
ATOM   323  C  CG  . LEU A 1 50  ? -9.271  2.473   -0.222  1.00 48.49 ? 49  LEU A CG  1 
ATOM   324  C  CD1 . LEU A 1 50  ? -8.002  1.735   -0.600  1.00 45.18 ? 49  LEU A CD1 1 
ATOM   325  C  CD2 . LEU A 1 50  ? -9.956  3.022   -1.470  1.00 53.63 ? 49  LEU A CD2 1 
HETATM 326  N  N   . MSE A 1 51  ? -12.875 1.288   2.903   1.00 50.83 ? 50  MSE A N   1 
HETATM 327  C  CA  . MSE A 1 51  ? -13.674 0.293   3.654   1.00 50.55 ? 50  MSE A CA  1 
HETATM 328  C  C   . MSE A 1 51  ? -14.938 -0.170  2.921   1.00 55.57 ? 50  MSE A C   1 
HETATM 329  O  O   . MSE A 1 51  ? -15.315 -1.340  3.030   1.00 57.33 ? 50  MSE A O   1 
HETATM 330  C  CB  . MSE A 1 51  ? -14.065 0.826   5.025   1.00 50.06 ? 50  MSE A CB  1 
HETATM 331  C  CG  . MSE A 1 51  ? -12.899 1.036   5.960   1.00 47.74 ? 50  MSE A CG  1 
HETATM 332  SE SE  . MSE A 1 51  ? -13.591 1.815   7.574   0.75 42.88 ? 50  MSE A SE  1 
HETATM 333  C  CE  . MSE A 1 51  ? -14.446 0.190   8.310   1.00 42.61 ? 50  MSE A CE  1 
ATOM   334  N  N   . GLY A 1 52  ? -15.575 0.744   2.186   1.00 59.45 ? 51  GLY A N   1 
ATOM   335  C  CA  . GLY A 1 52  ? -16.756 0.422   1.376   1.00 63.36 ? 51  GLY A CA  1 
ATOM   336  C  C   . GLY A 1 52  ? -16.481 -0.470  0.167   1.00 64.84 ? 51  GLY A C   1 
ATOM   337  O  O   . GLY A 1 52  ? -17.389 -1.168  -0.295  1.00 65.81 ? 51  GLY A O   1 
ATOM   338  N  N   . ILE A 1 53  ? -15.238 -0.459  -0.331  1.00 66.99 ? 52  ILE A N   1 
ATOM   339  C  CA  . ILE A 1 53  ? -14.829 -1.257  -1.494  1.00 67.98 ? 52  ILE A CA  1 
ATOM   340  C  C   . ILE A 1 53  ? -14.719 -2.720  -1.038  1.00 71.38 ? 52  ILE A C   1 
ATOM   341  O  O   . ILE A 1 53  ? -13.626 -3.206  -0.695  1.00 72.16 ? 52  ILE A O   1 
ATOM   342  C  CB  . ILE A 1 53  ? -13.481 -0.754  -2.137  1.00 68.59 ? 52  ILE A CB  1 
ATOM   343  C  CG1 . ILE A 1 53  ? -13.509 0.757   -2.435  1.00 69.46 ? 52  ILE A CG1 1 
ATOM   344  C  CG2 . ILE A 1 53  ? -13.155 -1.558  -3.405  1.00 67.31 ? 52  ILE A CG2 1 
ATOM   345  C  CD1 . ILE A 1 53  ? -14.691 1.228   -3.290  1.00 72.95 ? 52  ILE A CD1 1 
ATOM   346  N  N   . SER A 1 54  ? -15.871 -3.397  -1.034  1.00 74.11 ? 53  SER A N   1 
ATOM   347  C  CA  . SER A 1 54  ? -15.985 -4.787  -0.583  1.00 75.78 ? 53  SER A CA  1 
ATOM   348  C  C   . SER A 1 54  ? -15.931 -5.805  -1.716  1.00 76.21 ? 53  SER A C   1 
ATOM   349  O  O   . SER A 1 54  ? -16.169 -5.491  -2.887  1.00 75.45 ? 53  SER A O   1 
ATOM   350  C  CB  . SER A 1 54  ? -17.284 -5.006  0.204   1.00 75.81 ? 53  SER A CB  1 
ATOM   351  O  OG  . SER A 1 54  ? -18.428 -4.956  -0.635  1.00 80.42 ? 53  SER A OG  1 
ATOM   352  N  N   . ILE A 1 55  ? -15.681 -7.044  -1.299  1.00 77.19 ? 54  ILE A N   1 
ATOM   353  C  CA  . ILE A 1 55  ? -15.562 -8.220  -2.171  1.00 77.22 ? 54  ILE A CA  1 
ATOM   354  C  C   . ILE A 1 55  ? -16.930 -8.713  -2.735  1.00 77.02 ? 54  ILE A C   1 
ATOM   355  O  O   . ILE A 1 55  ? -16.956 -9.474  -3.709  1.00 77.42 ? 54  ILE A O   1 
ATOM   356  C  CB  . ILE A 1 55  ? -14.716 -9.355  -1.421  1.00 77.54 ? 54  ILE A CB  1 
ATOM   357  C  CG1 . ILE A 1 55  ? -13.216 -9.032  -1.460  1.00 75.97 ? 54  ILE A CG1 1 
ATOM   358  C  CG2 . ILE A 1 55  ? -14.913 -10.755 -2.013  1.00 77.47 ? 54  ILE A CG2 1 
ATOM   359  C  CD1 . ILE A 1 55  ? -12.793 -7.720  -0.780  1.00 79.71 ? 54  ILE A CD1 1 
ATOM   360  N  N   . GLU A 1 56  ? -18.049 -8.268  -2.146  1.00 76.86 ? 55  GLU A N   1 
ATOM   361  C  CA  . GLU A 1 56  ? -19.408 -8.650  -2.590  1.00 76.21 ? 55  GLU A CA  1 
ATOM   362  C  C   . GLU A 1 56  ? -19.743 -8.321  -4.060  1.00 75.84 ? 55  GLU A C   1 
ATOM   363  O  O   . GLU A 1 56  ? -20.427 -9.104  -4.725  1.00 76.06 ? 55  GLU A O   1 
ATOM   364  C  CB  . GLU A 1 56  ? -20.462 -8.005  -1.679  1.00 76.12 ? 55  GLU A CB  1 
ATOM   365  N  N   . LEU A 1 57  ? -19.242 -7.184  -4.553  1.00 75.71 ? 56  LEU A N   1 
ATOM   366  C  CA  . LEU A 1 57  ? -19.498 -6.714  -5.938  1.00 75.18 ? 56  LEU A CA  1 
ATOM   367  C  C   . LEU A 1 57  ? -18.871 -7.636  -7.016  1.00 74.79 ? 56  LEU A C   1 
ATOM   368  O  O   . LEU A 1 57  ? -19.438 -7.784  -8.105  1.00 74.96 ? 56  LEU A O   1 
ATOM   369  C  CB  . LEU A 1 57  ? -19.010 -5.251  -6.115  1.00 76.15 ? 56  LEU A CB  1 
ATOM   370  C  CG  . LEU A 1 57  ? -19.690 -4.304  -7.124  1.00 76.63 ? 56  LEU A CG  1 
ATOM   371  C  CD1 . LEU A 1 57  ? -19.022 -2.933  -7.049  1.00 76.36 ? 56  LEU A CD1 1 
ATOM   372  C  CD2 . LEU A 1 57  ? -19.697 -4.783  -8.566  1.00 78.38 ? 56  LEU A CD2 1 
ATOM   373  N  N   . LEU A 1 58  ? -17.718 -8.246  -6.703  1.00 73.77 ? 57  LEU A N   1 
ATOM   374  C  CA  . LEU A 1 58  ? -17.011 -9.175  -7.618  1.00 72.43 ? 57  LEU A CA  1 
ATOM   375  C  C   . LEU A 1 58  ? -17.878 -10.365 -8.022  1.00 71.25 ? 57  LEU A C   1 
ATOM   376  O  O   . LEU A 1 58  ? -17.871 -10.759 -9.190  1.00 70.60 ? 57  LEU A O   1 
ATOM   377  C  CB  . LEU A 1 58  ? -15.693 -9.686  -7.001  1.00 71.63 ? 57  LEU A CB  1 
ATOM   378  C  CG  . LEU A 1 58  ? -14.581 -8.671  -6.719  1.00 67.04 ? 57  LEU A CG  1 
ATOM   379  C  CD1 . LEU A 1 58  ? -13.440 -9.341  -5.969  1.00 61.41 ? 57  LEU A CD1 1 
ATOM   380  C  CD2 . LEU A 1 58  ? -14.080 -8.036  -8.006  1.00 63.27 ? 57  LEU A CD2 1 
ATOM   381  N  N   . ARG A 1 59  ? -18.598 -10.930 -7.050  1.00 70.95 ? 58  ARG A N   1 
ATOM   382  C  CA  . ARG A 1 59  ? -19.558 -12.018 -7.304  1.00 71.05 ? 58  ARG A CA  1 
ATOM   383  C  C   . ARG A 1 59  ? -20.734 -11.515 -8.156  1.00 70.81 ? 58  ARG A C   1 
ATOM   384  O  O   . ARG A 1 59  ? -21.235 -12.254 -9.009  1.00 70.69 ? 58  ARG A O   1 
ATOM   385  C  CB  . ARG A 1 59  ? -20.079 -12.631 -5.997  1.00 70.73 ? 58  ARG A CB  1 
ATOM   386  N  N   . TYR A 1 60  ? -21.151 -10.264 -7.917  1.00 70.85 ? 59  TYR A N   1 
ATOM   387  C  CA  . TYR A 1 60  ? -22.237 -9.599  -8.667  1.00 70.86 ? 59  TYR A CA  1 
ATOM   388  C  C   . TYR A 1 60  ? -21.973 -9.477  -10.176 1.00 70.47 ? 59  TYR A C   1 
ATOM   389  O  O   . TYR A 1 60  ? -22.892 -9.681  -10.978 1.00 69.33 ? 59  TYR A O   1 
ATOM   390  C  CB  . TYR A 1 60  ? -22.521 -8.202  -8.090  1.00 71.17 ? 59  TYR A CB  1 
ATOM   391  N  N   . GLU A 1 61  ? -20.727 -9.154  -10.544 1.00 69.39 ? 60  GLU A N   1 
ATOM   392  C  CA  . GLU A 1 61  ? -20.322 -9.003  -11.960 1.00 69.34 ? 60  GLU A CA  1 
ATOM   393  C  C   . GLU A 1 61  ? -19.812 -10.276 -12.655 1.00 66.81 ? 60  GLU A C   1 
ATOM   394  O  O   . GLU A 1 61  ? -19.392 -10.212 -13.815 1.00 66.74 ? 60  GLU A O   1 
ATOM   395  C  CB  . GLU A 1 61  ? -19.260 -7.915  -12.086 1.00 69.35 ? 60  GLU A CB  1 
ATOM   396  C  CG  . GLU A 1 61  ? -19.751 -6.554  -11.665 1.00 72.03 ? 60  GLU A CG  1 
ATOM   397  C  CD  . GLU A 1 61  ? -18.748 -5.452  -11.945 1.00 72.09 ? 60  GLU A CD  1 
ATOM   398  O  OE1 . GLU A 1 61  ? -17.556 -5.752  -12.172 1.00 76.75 ? 60  GLU A OE1 1 
ATOM   399  O  OE2 . GLU A 1 61  ? -19.153 -4.268  -11.929 1.00 80.68 ? 60  GLU A OE2 1 
ATOM   400  N  N   . GLY A 1 62  ? -19.857 -11.421 -11.971 1.00 64.79 ? 61  GLY A N   1 
ATOM   401  C  CA  . GLY A 1 62  ? -19.378 -12.681 -12.536 1.00 63.50 ? 61  GLY A CA  1 
ATOM   402  C  C   . GLY A 1 62  ? -17.866 -12.794 -12.695 1.00 63.02 ? 61  GLY A C   1 
ATOM   403  O  O   . GLY A 1 62  ? -17.403 -13.611 -13.490 1.00 62.60 ? 61  GLY A O   1 
ATOM   404  N  N   . LEU A 1 63  ? -17.105 -11.974 -11.960 1.00 62.26 ? 62  LEU A N   1 
ATOM   405  C  CA  . LEU A 1 63  ? -15.634 -12.030 -11.952 1.00 61.77 ? 62  LEU A CA  1 
ATOM   406  C  C   . LEU A 1 63  ? -15.181 -13.164 -11.015 1.00 62.03 ? 62  LEU A C   1 
ATOM   407  O  O   . LEU A 1 63  ? -14.156 -13.806 -11.261 1.00 62.37 ? 62  LEU A O   1 
ATOM   408  C  CB  . LEU A 1 63  ? -15.034 -10.689 -11.526 1.00 60.36 ? 62  LEU A CB  1 
ATOM   409  C  CG  . LEU A 1 63  ? -15.484 -9.458  -12.329 1.00 58.20 ? 62  LEU A CG  1 
ATOM   410  C  CD1 . LEU A 1 63  ? -14.798 -8.217  -11.801 1.00 47.04 ? 62  LEU A CD1 1 
ATOM   411  C  CD2 . LEU A 1 63  ? -15.230 -9.606  -13.828 1.00 52.45 ? 62  LEU A CD2 1 
ATOM   412  N  N   . VAL A 1 64  ? -15.947 -13.384 -9.943  1.00 62.31 ? 63  VAL A N   1 
ATOM   413  C  CA  . VAL A 1 64  ? -15.744 -14.471 -8.984  1.00 62.54 ? 63  VAL A CA  1 
ATOM   414  C  C   . VAL A 1 64  ? -17.042 -15.303 -8.950  1.00 63.05 ? 63  VAL A C   1 
ATOM   415  O  O   . VAL A 1 64  ? -18.133 -14.748 -9.114  1.00 62.08 ? 63  VAL A O   1 
ATOM   416  C  CB  . VAL A 1 64  ? -15.429 -13.902 -7.593  1.00 62.59 ? 63  VAL A CB  1 
ATOM   417  C  CG1 . VAL A 1 64  ? -15.204 -15.013 -6.603  1.00 65.06 ? 63  VAL A CG1 1 
ATOM   418  C  CG2 . VAL A 1 64  ? -14.193 -13.007 -7.653  1.00 60.30 ? 63  VAL A CG2 1 
ATOM   419  N  N   . GLU A 1 65  ? -16.906 -16.617 -8.742  1.00 63.79 ? 64  GLU A N   1 
ATOM   420  C  CA  . GLU A 1 65  ? -18.034 -17.576 -8.676  1.00 64.59 ? 64  GLU A CA  1 
ATOM   421  C  C   . GLU A 1 65  ? -17.970 -18.426 -7.399  1.00 65.01 ? 64  GLU A C   1 
ATOM   422  O  O   . GLU A 1 65  ? -16.894 -18.633 -6.844  1.00 65.18 ? 64  GLU A O   1 
ATOM   423  C  CB  . GLU A 1 65  ? -18.000 -18.509 -9.893  1.00 64.45 ? 64  GLU A CB  1 
ATOM   424  C  CG  . GLU A 1 65  ? -18.248 -17.823 -11.238 1.00 64.60 ? 64  GLU A CG  1 
ATOM   425  C  CD  . GLU A 1 65  ? -17.984 -18.726 -12.447 1.00 65.76 ? 64  GLU A CD  1 
ATOM   426  O  OE1 . GLU A 1 65  ? -16.991 -19.495 -12.446 1.00 66.00 ? 64  GLU A OE1 1 
ATOM   427  O  OE2 . GLU A 1 65  ? -18.760 -18.636 -13.423 1.00 68.98 ? 64  GLU A OE2 1 
ATOM   428  N  N   . ALA A 1 66  ? -19.126 -18.942 -6.974  1.00 65.55 ? 65  ALA A N   1 
ATOM   429  C  CA  . ALA A 1 66  ? -19.254 -19.798 -5.774  1.00 65.74 ? 65  ALA A CA  1 
ATOM   430  C  C   . ALA A 1 66  ? -18.968 -21.276 -6.109  1.00 65.92 ? 65  ALA A C   1 
ATOM   431  O  O   . ALA A 1 66  ? -18.360 -21.569 -7.145  1.00 65.78 ? 65  ALA A O   1 
ATOM   432  C  CB  . ALA A 1 66  ? -20.660 -19.632 -5.167  1.00 65.09 ? 65  ALA A CB  1 
ATOM   433  N  N   . VAL A 1 67  ? -19.332 -22.189 -5.199  1.00 66.58 ? 66  VAL A N   1 
ATOM   434  C  CA  . VAL A 1 67  ? -19.227 -23.649 -5.413  1.00 66.71 ? 66  VAL A CA  1 
ATOM   435  C  C   . VAL A 1 67  ? -20.471 -24.333 -4.833  1.00 66.96 ? 66  VAL A C   1 
ATOM   436  O  O   . VAL A 1 67  ? -20.992 -25.290 -5.403  1.00 67.63 ? 66  VAL A O   1 
ATOM   437  C  CB  . VAL A 1 67  ? -17.952 -24.261 -4.768  1.00 66.83 ? 66  VAL A CB  1 
ATOM   438  C  CG1 . VAL A 1 67  ? -17.863 -25.764 -5.070  1.00 66.01 ? 66  VAL A CG1 1 
ATOM   439  C  CG2 . VAL A 1 67  ? -16.691 -23.555 -5.262  1.00 66.26 ? 66  VAL A CG2 1 
ATOM   440  N  N   . ASP A 1 76  ? -21.216 -17.198 4.357   1.00 56.07 ? 75  ASP A N   1 
ATOM   441  C  CA  . ASP A 1 76  ? -19.788 -17.035 4.095   1.00 56.88 ? 75  ASP A CA  1 
ATOM   442  C  C   . ASP A 1 76  ? -19.337 -18.135 3.121   1.00 56.78 ? 75  ASP A C   1 
ATOM   443  O  O   . ASP A 1 76  ? -18.690 -19.103 3.515   1.00 55.74 ? 75  ASP A O   1 
ATOM   444  C  CB  . ASP A 1 76  ? -19.003 -17.074 5.422   1.00 56.43 ? 75  ASP A CB  1 
ATOM   445  C  CG  . ASP A 1 76  ? -17.537 -16.692 5.259   1.00 58.78 ? 75  ASP A CG  1 
ATOM   446  O  OD1 . ASP A 1 76  ? -17.238 -15.783 4.458   1.00 57.11 ? 75  ASP A OD1 1 
ATOM   447  O  OD2 . ASP A 1 76  ? -16.680 -17.294 5.943   1.00 58.17 ? 75  ASP A OD2 1 
ATOM   448  N  N   . ALA A 1 77  ? -19.681 -17.961 1.844   1.00 57.63 ? 76  ALA A N   1 
ATOM   449  C  CA  . ALA A 1 77  ? -19.443 -18.987 0.804   1.00 58.09 ? 76  ALA A CA  1 
ATOM   450  C  C   . ALA A 1 77  ? -18.002 -19.110 0.300   1.00 58.37 ? 76  ALA A C   1 
ATOM   451  O  O   . ALA A 1 77  ? -17.257 -18.121 0.281   1.00 57.64 ? 76  ALA A O   1 
ATOM   452  C  CB  . ALA A 1 77  ? -20.382 -18.756 -0.384  1.00 58.65 ? 76  ALA A CB  1 
HETATM 453  N  N   . MSE A 1 78  ? -17.641 -20.334 -0.113  1.00 58.65 ? 77  MSE A N   1 
HETATM 454  C  CA  . MSE A 1 78  ? -16.331 -20.645 -0.713  1.00 59.08 ? 77  MSE A CA  1 
HETATM 455  C  C   . MSE A 1 78  ? -16.399 -20.159 -2.162  1.00 59.33 ? 77  MSE A C   1 
HETATM 456  O  O   . MSE A 1 78  ? -17.296 -20.578 -2.906  1.00 58.85 ? 77  MSE A O   1 
HETATM 457  C  CB  . MSE A 1 78  ? -16.056 -22.151 -0.677  1.00 59.79 ? 77  MSE A CB  1 
HETATM 458  C  CG  . MSE A 1 78  ? -14.712 -22.606 -1.265  1.00 59.88 ? 77  MSE A CG  1 
HETATM 459  SE SE  . MSE A 1 78  ? -13.161 -22.230 -0.169  0.75 66.58 ? 77  MSE A SE  1 
HETATM 460  C  CE  . MSE A 1 78  ? -13.520 -23.419 1.325   1.00 63.80 ? 77  MSE A CE  1 
ATOM   461  N  N   . LEU A 1 79  ? -15.448 -19.299 -2.552  1.00 57.96 ? 78  LEU A N   1 
ATOM   462  C  CA  . LEU A 1 79  ? -15.410 -18.669 -3.883  1.00 57.42 ? 78  LEU A CA  1 
ATOM   463  C  C   . LEU A 1 79  ? -14.160 -18.984 -4.705  1.00 56.37 ? 78  LEU A C   1 
ATOM   464  O  O   . LEU A 1 79  ? -13.145 -19.433 -4.166  1.00 57.46 ? 78  LEU A O   1 
ATOM   465  C  CB  . LEU A 1 79  ? -15.541 -17.149 -3.744  1.00 56.64 ? 78  LEU A CB  1 
ATOM   466  C  CG  . LEU A 1 79  ? -16.683 -16.616 -2.878  1.00 58.48 ? 78  LEU A CG  1 
ATOM   467  C  CD1 . LEU A 1 79  ? -16.697 -15.102 -2.913  1.00 58.23 ? 78  LEU A CD1 1 
ATOM   468  C  CD2 . LEU A 1 79  ? -18.042 -17.181 -3.314  1.00 57.32 ? 78  LEU A CD2 1 
ATOM   469  N  N   . ALA A 1 80  ? -14.257 -18.730 -6.013  1.00 54.97 ? 79  ALA A N   1 
ATOM   470  C  CA  . ALA A 1 80  ? -13.152 -18.941 -6.969  1.00 54.07 ? 79  ALA A CA  1 
ATOM   471  C  C   . ALA A 1 80  ? -13.290 -18.027 -8.198  1.00 52.77 ? 79  ALA A C   1 
ATOM   472  O  O   . ALA A 1 80  ? -14.398 -17.611 -8.555  1.00 50.93 ? 79  ALA A O   1 
ATOM   473  C  CB  . ALA A 1 80  ? -13.086 -20.398 -7.393  1.00 54.63 ? 79  ALA A CB  1 
ATOM   474  N  N   . ILE A 1 81  ? -12.155 -17.727 -8.834  1.00 51.90 ? 80  ILE A N   1 
ATOM   475  C  CA  . ILE A 1 81  ? -12.117 -16.832 -10.005 1.00 50.96 ? 80  ILE A CA  1 
ATOM   476  C  C   . ILE A 1 81  ? -12.753 -17.480 -11.254 1.00 51.40 ? 80  ILE A C   1 
ATOM   477  O  O   . ILE A 1 81  ? -12.800 -18.715 -11.367 1.00 51.95 ? 80  ILE A O   1 
ATOM   478  C  CB  . ILE A 1 81  ? -10.654 -16.345 -10.296 1.00 50.44 ? 80  ILE A CB  1 
ATOM   479  C  CG1 . ILE A 1 81  ? -10.645 -15.106 -11.199 1.00 50.11 ? 80  ILE A CG1 1 
ATOM   480  C  CG2 . ILE A 1 81  ? -9.802  -17.476 -10.870 1.00 50.12 ? 80  ILE A CG2 1 
ATOM   481  C  CD1 . ILE A 1 81  ? -9.286  -14.488 -11.389 1.00 49.28 ? 80  ILE A CD1 1 
ATOM   482  N  N   . SER A 1 82  ? -13.269 -16.635 -12.151 1.00 50.93 ? 81  SER A N   1 
ATOM   483  C  CA  . SER A 1 82  ? -13.865 -17.054 -13.432 1.00 50.46 ? 81  SER A CA  1 
ATOM   484  C  C   . SER A 1 82  ? -13.080 -16.470 -14.614 1.00 50.19 ? 81  SER A C   1 
ATOM   485  O  O   . SER A 1 82  ? -12.200 -15.617 -14.427 1.00 50.38 ? 81  SER A O   1 
ATOM   486  C  CB  . SER A 1 82  ? -15.316 -16.586 -13.505 1.00 50.40 ? 81  SER A CB  1 
ATOM   487  O  OG  . SER A 1 82  ? -15.395 -15.176 -13.554 1.00 48.19 ? 81  SER A OG  1 
ATOM   488  N  N   . ALA A 1 83  ? -13.433 -16.917 -15.823 1.00 48.86 ? 82  ALA A N   1 
ATOM   489  C  CA  . ALA A 1 83  ? -12.809 -16.455 -17.083 1.00 49.06 ? 82  ALA A CA  1 
ATOM   490  C  C   . ALA A 1 83  ? -12.881 -14.934 -17.252 1.00 49.05 ? 82  ALA A C   1 
ATOM   491  O  O   . ALA A 1 83  ? -11.910 -14.321 -17.704 1.00 50.29 ? 82  ALA A O   1 
ATOM   492  C  CB  . ALA A 1 83  ? -13.445 -17.154 -18.301 1.00 48.64 ? 82  ALA A CB  1 
ATOM   493  N  N   . ALA A 1 84  ? -14.025 -14.344 -16.887 1.00 48.34 ? 83  ALA A N   1 
ATOM   494  C  CA  . ALA A 1 84  ? -14.214 -12.881 -16.902 1.00 48.35 ? 83  ALA A CA  1 
ATOM   495  C  C   . ALA A 1 84  ? -13.289 -12.205 -15.889 1.00 48.53 ? 83  ALA A C   1 
ATOM   496  O  O   . ALA A 1 84  ? -12.749 -11.121 -16.160 1.00 49.03 ? 83  ALA A O   1 
ATOM   497  C  CB  . ALA A 1 84  ? -15.666 -12.515 -16.606 1.00 47.83 ? 83  ALA A CB  1 
ATOM   498  N  N   . GLY A 1 85  ? -13.125 -12.836 -14.724 1.00 48.55 ? 84  GLY A N   1 
ATOM   499  C  CA  . GLY A 1 85  ? -12.223 -12.339 -13.672 1.00 48.28 ? 84  GLY A CA  1 
ATOM   500  C  C   . GLY A 1 85  ? -10.758 -12.356 -14.066 1.00 48.54 ? 84  GLY A C   1 
ATOM   501  O  O   . GLY A 1 85  ? -10.012 -11.446 -13.690 1.00 49.51 ? 84  GLY A O   1 
ATOM   502  N  N   . ARG A 1 86  ? -10.344 -13.394 -14.801 1.00 49.09 ? 85  ARG A N   1 
ATOM   503  C  CA  . ARG A 1 86  ? -8.960  -13.517 -15.286 1.00 50.52 ? 85  ARG A CA  1 
ATOM   504  C  C   . ARG A 1 86  ? -8.585  -12.450 -16.325 1.00 50.46 ? 85  ARG A C   1 
ATOM   505  O  O   . ARG A 1 86  ? -7.445  -11.977 -16.325 1.00 50.25 ? 85  ARG A O   1 
ATOM   506  C  CB  . ARG A 1 86  ? -8.673  -14.918 -15.830 1.00 50.48 ? 85  ARG A CB  1 
ATOM   507  C  CG  . ARG A 1 86  ? -8.744  -16.015 -14.783 1.00 49.74 ? 85  ARG A CG  1 
ATOM   508  C  CD  . ARG A 1 86  ? -8.239  -17.329 -15.357 1.00 53.84 ? 85  ARG A CD  1 
ATOM   509  N  NE  . ARG A 1 86  ? -8.586  -18.486 -14.526 1.00 59.40 ? 85  ARG A NE  1 
ATOM   510  C  CZ  . ARG A 1 86  ? -7.954  -18.887 -13.413 1.00 59.34 ? 85  ARG A CZ  1 
ATOM   511  N  NH1 . ARG A 1 86  ? -6.908  -18.222 -12.908 1.00 58.54 ? 85  ARG A NH1 1 
ATOM   512  N  NH2 . ARG A 1 86  ? -8.398  -19.979 -12.778 1.00 64.14 ? 85  ARG A NH2 1 
ATOM   513  N  N   . ARG A 1 87  ? -9.531  -12.082 -17.198 1.00 51.24 ? 86  ARG A N   1 
ATOM   514  C  CA  . ARG A 1 87  ? -9.307  -11.010 -18.192 1.00 52.14 ? 86  ARG A CA  1 
ATOM   515  C  C   . ARG A 1 87  ? -9.166  -9.662  -17.498 1.00 50.90 ? 86  ARG A C   1 
ATOM   516  O  O   . ARG A 1 87  ? -8.243  -8.895  -17.795 1.00 51.00 ? 86  ARG A O   1 
ATOM   517  C  CB  . ARG A 1 87  ? -10.434 -10.932 -19.235 1.00 52.09 ? 86  ARG A CB  1 
ATOM   518  C  CG  . ARG A 1 87  ? -10.483 -12.111 -20.170 1.00 53.64 ? 86  ARG A CG  1 
ATOM   519  C  CD  . ARG A 1 87  ? -11.357 -11.845 -21.408 1.00 56.49 ? 86  ARG A CD  1 
ATOM   520  N  NE  . ARG A 1 87  ? -10.759 -10.842 -22.304 1.00 63.68 ? 86  ARG A NE  1 
ATOM   521  C  CZ  . ARG A 1 87  ? -11.177 -10.543 -23.541 1.00 61.61 ? 86  ARG A CZ  1 
ATOM   522  N  NH1 . ARG A 1 87  ? -12.214 -11.169 -24.108 1.00 64.07 ? 86  ARG A NH1 1 
ATOM   523  N  NH2 . ARG A 1 87  ? -10.526 -9.604  -24.235 1.00 63.34 ? 86  ARG A NH2 1 
ATOM   524  N  N   . GLU A 1 88  ? -10.096 -9.388  -16.580 1.00 50.68 ? 87  GLU A N   1 
ATOM   525  C  CA  . GLU A 1 88  ? -10.076 -8.168  -15.761 1.00 49.90 ? 87  GLU A CA  1 
ATOM   526  C  C   . GLU A 1 88  ? -8.761  -8.100  -14.961 1.00 48.54 ? 87  GLU A C   1 
ATOM   527  O  O   . GLU A 1 88  ? -8.127  -7.047  -14.913 1.00 47.73 ? 87  GLU A O   1 
ATOM   528  C  CB  . GLU A 1 88  ? -11.311 -8.117  -14.838 1.00 50.00 ? 87  GLU A CB  1 
ATOM   529  C  CG  . GLU A 1 88  ? -11.493 -6.826  -14.034 1.00 51.38 ? 87  GLU A CG  1 
ATOM   530  C  CD  . GLU A 1 88  ? -11.595 -5.565  -14.890 1.00 56.84 ? 87  GLU A CD  1 
ATOM   531  O  OE1 . GLU A 1 88  ? -12.085 -5.635  -16.040 1.00 60.95 ? 87  GLU A OE1 1 
ATOM   532  O  OE2 . GLU A 1 88  ? -11.193 -4.489  -14.398 1.00 61.62 ? 87  GLU A OE2 1 
ATOM   533  N  N   . LEU A 1 89  ? -8.357  -9.241  -14.383 1.00 48.54 ? 88  LEU A N   1 
ATOM   534  C  CA  . LEU A 1 89  ? -7.081  -9.386  -13.655 1.00 49.38 ? 88  LEU A CA  1 
ATOM   535  C  C   . LEU A 1 89  ? -5.879  -8.979  -14.525 1.00 50.10 ? 88  LEU A C   1 
ATOM   536  O  O   . LEU A 1 89  ? -5.091  -8.137  -14.085 1.00 48.07 ? 88  LEU A O   1 
ATOM   537  C  CB  . LEU A 1 89  ? -6.926  -10.814 -13.101 1.00 47.92 ? 88  LEU A CB  1 
ATOM   538  C  CG  . LEU A 1 89  ? -5.610  -11.259 -12.457 1.00 48.11 ? 88  LEU A CG  1 
ATOM   539  C  CD1 . LEU A 1 89  ? -5.109  -10.242 -11.448 1.00 44.77 ? 88  LEU A CD1 1 
ATOM   540  C  CD2 . LEU A 1 89  ? -5.794  -12.628 -11.819 1.00 47.19 ? 88  LEU A CD2 1 
ATOM   541  N  N   . HIS A 1 90  ? -5.774  -9.525  -15.753 1.00 52.19 ? 89  HIS A N   1 
ATOM   542  C  CA  A HIS A 1 90  ? -4.679  -9.177  -16.698 0.50 52.42 ? 89  HIS A CA  1 
ATOM   543  C  CA  B HIS A 1 90  ? -4.666  -9.161  -16.657 0.50 52.80 ? 89  HIS A CA  1 
ATOM   544  C  C   . HIS A 1 90  ? -4.713  -7.689  -17.081 1.00 53.33 ? 89  HIS A C   1 
ATOM   545  O  O   . HIS A 1 90  ? -3.670  -7.022  -17.109 1.00 53.44 ? 89  HIS A O   1 
ATOM   546  C  CB  A HIS A 1 90  ? -4.724  -10.051 -17.968 0.50 53.81 ? 89  HIS A CB  1 
ATOM   547  C  CB  B HIS A 1 90  ? -4.551  -10.111 -17.852 0.50 54.60 ? 89  HIS A CB  1 
ATOM   548  C  CG  A HIS A 1 90  ? -3.741  -9.644  -19.031 0.50 54.81 ? 89  HIS A CG  1 
ATOM   549  C  CG  B HIS A 1 90  ? -3.760  -11.344 -17.550 0.50 58.60 ? 89  HIS A CG  1 
ATOM   550  N  ND1 A HIS A 1 90  ? -2.431  -10.074 -19.046 0.50 59.36 ? 89  HIS A ND1 1 
ATOM   551  N  ND1 B HIS A 1 90  ? -2.415  -11.439 -17.835 0.50 62.37 ? 89  HIS A ND1 1 
ATOM   552  C  CD2 A HIS A 1 90  ? -3.884  -8.843  -20.116 0.50 57.82 ? 89  HIS A CD2 1 
ATOM   553  C  CD2 B HIS A 1 90  ? -4.101  -12.507 -16.947 0.50 60.33 ? 89  HIS A CD2 1 
ATOM   554  C  CE1 A HIS A 1 90  ? -1.811  -9.556  -20.093 0.50 57.24 ? 89  HIS A CE1 1 
ATOM   555  C  CE1 B HIS A 1 90  ? -1.970  -12.620 -17.451 0.50 63.82 ? 89  HIS A CE1 1 
ATOM   556  N  NE2 A HIS A 1 90  ? -2.668  -8.802  -20.754 0.50 57.14 ? 89  HIS A NE2 1 
ATOM   557  N  NE2 B HIS A 1 90  ? -2.971  -13.287 -16.906 0.50 63.25 ? 89  HIS A NE2 1 
ATOM   558  N  N   . SER A 1 91  ? -5.911  -7.186  -17.383 1.00 53.92 ? 90  SER A N   1 
ATOM   559  C  CA  . SER A 1 91  ? -6.116  -5.771  -17.747 1.00 53.97 ? 90  SER A CA  1 
ATOM   560  C  C   . SER A 1 91  ? -5.649  -4.841  -16.620 1.00 53.68 ? 90  SER A C   1 
ATOM   561  O  O   . SER A 1 91  ? -4.926  -3.868  -16.866 1.00 54.08 ? 90  SER A O   1 
ATOM   562  C  CB  . SER A 1 91  ? -7.597  -5.519  -18.077 1.00 55.41 ? 90  SER A CB  1 
ATOM   563  O  OG  . SER A 1 91  ? -7.863  -4.149  -18.317 1.00 60.09 ? 90  SER A OG  1 
ATOM   564  N  N   . LEU A 1 92  ? -6.056  -5.156  -15.391 1.00 53.54 ? 91  LEU A N   1 
ATOM   565  C  CA  . LEU A 1 92  ? -5.632  -4.393  -14.198 1.00 52.86 ? 91  LEU A CA  1 
ATOM   566  C  C   . LEU A 1 92  ? -4.141  -4.529  -13.909 1.00 51.62 ? 91  LEU A C   1 
ATOM   567  O  O   . LEU A 1 92  ? -3.471  -3.537  -13.587 1.00 53.48 ? 91  LEU A O   1 
ATOM   568  C  CB  . LEU A 1 92  ? -6.417  -4.844  -12.957 1.00 52.44 ? 91  LEU A CB  1 
ATOM   569  C  CG  . LEU A 1 92  ? -7.897  -4.461  -12.952 1.00 54.26 ? 91  LEU A CG  1 
ATOM   570  C  CD1 . LEU A 1 92  ? -8.693  -5.310  -11.965 1.00 57.42 ? 91  LEU A CD1 1 
ATOM   571  C  CD2 . LEU A 1 92  ? -8.050  -2.975  -12.662 1.00 51.88 ? 91  LEU A CD2 1 
ATOM   572  N  N   . LEU A 1 93  ? -3.640  -5.754  -14.029 1.00 51.14 ? 92  LEU A N   1 
ATOM   573  C  CA  . LEU A 1 93  ? -2.244  -6.082  -13.714 1.00 51.36 ? 92  LEU A CA  1 
ATOM   574  C  C   . LEU A 1 93  ? -1.228  -5.476  -14.692 1.00 53.23 ? 92  LEU A C   1 
ATOM   575  O  O   . LEU A 1 93  ? -0.135  -5.089  -14.278 1.00 54.41 ? 92  LEU A O   1 
ATOM   576  C  CB  . LEU A 1 93  ? -2.090  -7.611  -13.614 1.00 49.48 ? 92  LEU A CB  1 
ATOM   577  C  CG  . LEU A 1 93  ? -0.814  -8.256  -13.105 1.00 50.25 ? 92  LEU A CG  1 
ATOM   578  C  CD1 . LEU A 1 93  ? -0.425  -7.711  -11.734 1.00 41.40 ? 92  LEU A CD1 1 
ATOM   579  C  CD2 . LEU A 1 93  ? -1.012  -9.766  -13.069 1.00 50.47 ? 92  LEU A CD2 1 
ATOM   580  N  N   . THR A 1 94  ? -1.599  -5.379  -15.966 1.00 56.56 ? 93  THR A N   1 
ATOM   581  C  CA  . THR A 1 94  ? -0.746  -4.809  -17.009 1.00 58.95 ? 93  THR A CA  1 
ATOM   582  C  C   . THR A 1 94  ? -1.229  -3.390  -17.337 1.00 62.57 ? 93  THR A C   1 
ATOM   583  O  O   . THR A 1 94  ? -1.685  -3.124  -18.453 1.00 65.60 ? 93  THR A O   1 
ATOM   584  C  CB  . THR A 1 94  ? -0.773  -5.694  -18.266 1.00 58.18 ? 93  THR A CB  1 
ATOM   585  O  OG1 . THR A 1 94  ? -2.102  -5.716  -18.800 1.00 55.88 ? 93  THR A OG1 1 
ATOM   586  C  CG2 . THR A 1 94  ? -0.320  -7.126  -17.940 1.00 55.26 ? 93  THR A CG2 1 
ATOM   587  N  N   . ALA A 1 95  ? -1.158  -2.507  -16.344 1.00 65.19 ? 94  ALA A N   1 
ATOM   588  C  CA  . ALA A 1 95  ? -1.566  -1.100  -16.461 1.00 67.39 ? 94  ALA A CA  1 
ATOM   589  C  C   . ALA A 1 95  ? -0.448  -0.217  -15.926 1.00 69.67 ? 94  ALA A C   1 
ATOM   590  O  O   . ALA A 1 95  ? 0.220   -0.589  -14.960 1.00 71.42 ? 94  ALA A O   1 
ATOM   591  C  CB  . ALA A 1 95  ? -2.835  -0.856  -15.684 1.00 68.17 ? 94  ALA A CB  1 
ATOM   592  N  N   . ARG A 1 96  ? -0.256  0.949   -16.537 1.00 71.08 ? 95  ARG A N   1 
ATOM   593  C  CA  . ARG A 1 96  ? 0.838   1.850   -16.149 1.00 72.71 ? 95  ARG A CA  1 
ATOM   594  C  C   . ARG A 1 96  ? 0.636   2.505   -14.784 1.00 74.21 ? 95  ARG A C   1 
ATOM   595  O  O   . ARG A 1 96  ? -0.489  2.644   -14.315 1.00 75.71 ? 95  ARG A O   1 
ATOM   596  C  CB  . ARG A 1 96  ? 1.052   2.941   -17.215 1.00 73.26 ? 95  ARG A CB  1 
ATOM   597  N  N   . LEU A 1 97  ? 1.745   2.864   -14.143 1.00 75.66 ? 96  LEU A N   1 
ATOM   598  C  CA  . LEU A 1 97  ? 1.735   3.624   -12.897 1.00 77.30 ? 96  LEU A CA  1 
ATOM   599  C  C   . LEU A 1 97  ? 1.746   5.092   -13.318 1.00 79.42 ? 96  LEU A C   1 
ATOM   600  O  O   . LEU A 1 97  ? 1.515   5.422   -14.487 1.00 79.61 ? 96  LEU A O   1 
ATOM   601  C  CB  . LEU A 1 97  ? 3.005   3.352   -12.066 1.00 77.14 ? 96  LEU A CB  1 
ATOM   602  C  CG  . LEU A 1 97  ? 3.348   1.998   -11.471 1.00 75.53 ? 96  LEU A CG  1 
ATOM   603  C  CD1 . LEU A 1 97  ? 4.729   2.116   -10.886 1.00 73.01 ? 96  LEU A CD1 1 
ATOM   604  C  CD2 . LEU A 1 97  ? 2.353   1.599   -10.418 1.00 75.92 ? 96  LEU A CD2 1 
ATOM   605  N  N   . ARG A 1 98  ? 1.945   5.979   -12.350 1.00 81.03 ? 97  ARG A N   1 
ATOM   606  C  CA  . ARG A 1 98  ? 2.235   7.368   -12.643 1.00 83.06 ? 97  ARG A CA  1 
ATOM   607  C  C   . ARG A 1 98  ? 2.883   8.011   -11.432 1.00 85.12 ? 97  ARG A C   1 
ATOM   608  O  O   . ARG A 1 98  ? 2.708   7.525   -10.296 1.00 84.66 ? 97  ARG A O   1 
ATOM   609  C  CB  . ARG A 1 98  ? 0.983   8.146   -13.039 1.00 83.72 ? 97  ARG A CB  1 
ATOM   610  N  N   . PRO A 1 99  ? 3.681   9.074   -11.668 1.00 86.56 ? 98  PRO A N   1 
ATOM   611  C  CA  . PRO A 1 99  ? 4.153   9.855   -10.519 1.00 88.09 ? 98  PRO A CA  1 
ATOM   612  C  C   . PRO A 1 99  ? 2.963   10.688  -9.966  1.00 88.54 ? 98  PRO A C   1 
ATOM   613  O  O   . PRO A 1 99  ? 3.073   11.233  -8.872  1.00 87.79 ? 98  PRO A O   1 
ATOM   614  C  CB  . PRO A 1 99  ? 5.287   10.692  -11.092 1.00 88.63 ? 98  PRO A CB  1 
ATOM   615  C  CG  . PRO A 1 99  ? 5.063   10.718  -12.556 1.00 86.67 ? 98  PRO A CG  1 
ATOM   616  C  CD  . PRO A 1 99  ? 4.165   9.614   -12.950 1.00 85.86 ? 98  PRO A CD  1 
ATOM   617  N  N   . GLY A 1 100 ? 1.890   10.836  -10.774 1.00 89.02 ? 99  GLY A N   1 
ATOM   618  C  CA  . GLY A 1 100 ? 0.582   11.332  -10.338 1.00 88.48 ? 99  GLY A CA  1 
ATOM   619  C  C   . GLY A 1 100 ? -0.052  10.089  -9.706  1.00 88.97 ? 99  GLY A C   1 
ATOM   620  O  O   . GLY A 1 100 ? -0.019  9.005   -10.304 1.00 90.32 ? 99  GLY A O   1 
ATOM   621  N  N   . SER A 1 101 ? -0.628  10.263  -8.513  1.00 87.86 ? 100 SER A N   1 
ATOM   622  C  CA  . SER A 1 101 ? -1.191  9.194   -7.619  1.00 85.76 ? 100 SER A CA  1 
ATOM   623  C  C   . SER A 1 101 ? -0.166  8.758   -6.518  1.00 83.95 ? 100 SER A C   1 
ATOM   624  O  O   . SER A 1 101 ? 0.012   7.577   -6.203  1.00 82.20 ? 100 SER A O   1 
ATOM   625  C  CB  . SER A 1 101 ? -1.815  7.996   -8.364  1.00 85.88 ? 100 SER A CB  1 
ATOM   626  O  OG  . SER A 1 101 ? -2.721  7.323   -7.517  1.00 89.39 ? 100 SER A OG  1 
ATOM   627  N  N   . ASP A 1 102 ? 0.497   9.777   -5.962  1.00 82.42 ? 101 ASP A N   1 
ATOM   628  C  CA  . ASP A 1 102 ? 1.443   9.701   -4.821  1.00 77.83 ? 101 ASP A CA  1 
ATOM   629  C  C   . ASP A 1 102 ? 1.755   11.181  -4.408  1.00 73.30 ? 101 ASP A C   1 
ATOM   630  O  O   . ASP A 1 102 ? 2.909   11.639  -4.408  1.00 69.53 ? 101 ASP A O   1 
ATOM   631  C  CB  . ASP A 1 102 ? 2.675   8.843   -5.143  1.00 79.89 ? 101 ASP A CB  1 
ATOM   632  C  CG  . ASP A 1 102 ? 3.331   9.212   -6.456  1.00 81.00 ? 101 ASP A CG  1 
ATOM   633  O  OD1 . ASP A 1 102 ? 4.188   10.124  -6.460  1.00 88.65 ? 101 ASP A OD1 1 
ATOM   634  O  OD2 . ASP A 1 102 ? 3.025   8.548   -7.472  1.00 87.02 ? 101 ASP A OD2 1 
ATOM   635  N  N   . LEU A 1 103 ? 0.656   11.887  -4.069  1.00 68.94 ? 102 LEU A N   1 
ATOM   636  C  CA  . LEU A 1 103 ? 0.610   13.338  -3.750  1.00 65.52 ? 102 LEU A CA  1 
ATOM   637  C  C   . LEU A 1 103 ? 1.432   13.754  -2.539  1.00 59.13 ? 102 LEU A C   1 
ATOM   638  O  O   . LEU A 1 103 ? 1.794   14.932  -2.419  1.00 54.21 ? 102 LEU A O   1 
ATOM   639  C  CB  . LEU A 1 103 ? -0.839  13.804  -3.574  1.00 64.20 ? 102 LEU A CB  1 
ATOM   640  C  CG  . LEU A 1 103 ? -1.166  15.302  -3.601  1.00 65.35 ? 102 LEU A CG  1 
ATOM   641  C  CD1 . LEU A 1 103 ? -0.947  15.871  -4.976  1.00 59.76 ? 102 LEU A CD1 1 
ATOM   642  C  CD2 . LEU A 1 103 ? -2.609  15.531  -3.183  1.00 66.22 ? 102 LEU A CD2 1 
ATOM   643  N  N   . SER A 1 104 ? 1.696   12.804  -1.638  1.00 54.53 ? 103 SER A N   1 
ATOM   644  C  CA  . SER A 1 104 ? 2.578   13.026  -0.499  1.00 53.48 ? 103 SER A CA  1 
ATOM   645  C  C   . SER A 1 104 ? 3.957   13.526  -0.903  1.00 50.69 ? 103 SER A C   1 
ATOM   646  O  O   . SER A 1 104 ? 4.555   14.248  -0.129  1.00 52.48 ? 103 SER A O   1 
ATOM   647  C  CB  . SER A 1 104 ? 2.732   11.764  0.369   1.00 52.48 ? 103 SER A CB  1 
ATOM   648  O  OG  . SER A 1 104 ? 1.570   11.599  1.153   1.00 61.16 ? 103 SER A OG  1 
ATOM   649  N  N   . LYS A 1 105 ? 4.464   13.127  -2.078  1.00 49.00 ? 104 LYS A N   1 
ATOM   650  C  CA  . LYS A 1 105 ? 5.766   13.634  -2.560  1.00 48.64 ? 104 LYS A CA  1 
ATOM   651  C  C   . LYS A 1 105 ? 5.711   15.169  -2.752  1.00 43.32 ? 104 LYS A C   1 
ATOM   652  O  O   . LYS A 1 105 ? 6.635   15.862  -2.356  1.00 44.83 ? 104 LYS A O   1 
ATOM   653  C  CB  . LYS A 1 105 ? 6.228   12.954  -3.853  1.00 46.56 ? 104 LYS A CB  1 
ATOM   654  C  CG  . LYS A 1 105 ? 6.508   11.467  -3.750  1.00 53.43 ? 104 LYS A CG  1 
ATOM   655  C  CD  . LYS A 1 105 ? 7.091   10.916  -5.061  1.00 54.97 ? 104 LYS A CD  1 
ATOM   656  N  N   . LEU A 1 106 ? 4.626   15.661  -3.331  1.00 41.37 ? 105 LEU A N   1 
ATOM   657  C  CA  . LEU A 1 106 ? 4.414   17.100  -3.508  1.00 41.86 ? 105 LEU A CA  1 
ATOM   658  C  C   . LEU A 1 106 ? 4.255   17.805  -2.178  1.00 43.09 ? 105 LEU A C   1 
ATOM   659  O  O   . LEU A 1 106 ? 4.879   18.859  -1.964  1.00 40.67 ? 105 LEU A O   1 
ATOM   660  C  CB  . LEU A 1 106 ? 3.201   17.392  -4.386  1.00 41.29 ? 105 LEU A CB  1 
ATOM   661  C  CG  . LEU A 1 106 ? 2.884   18.854  -4.699  1.00 39.91 ? 105 LEU A CG  1 
ATOM   662  C  CD1 . LEU A 1 106 ? 4.114   19.547  -5.331  1.00 38.80 ? 105 LEU A CD1 1 
ATOM   663  C  CD2 . LEU A 1 106 ? 1.647   18.940  -5.583  1.00 38.85 ? 105 LEU A CD2 1 
ATOM   664  N  N   . VAL A 1 107 ? 3.439   17.228  -1.294  1.00 39.77 ? 106 VAL A N   1 
ATOM   665  C  CA  . VAL A 1 107 ? 3.185   17.847  0.010   1.00 43.07 ? 106 VAL A CA  1 
ATOM   666  C  C   . VAL A 1 107 ? 4.489   17.937  0.823   1.00 42.62 ? 106 VAL A C   1 
ATOM   667  O  O   . VAL A 1 107 ? 4.773   18.982  1.391   1.00 42.34 ? 106 VAL A O   1 
ATOM   668  C  CB  . VAL A 1 107 ? 2.036   17.151  0.793   1.00 43.93 ? 106 VAL A CB  1 
ATOM   669  C  CG1 . VAL A 1 107 ? 1.803   17.824  2.175   1.00 41.75 ? 106 VAL A CG1 1 
ATOM   670  C  CG2 . VAL A 1 107 ? 0.743   17.201  -0.031  1.00 43.54 ? 106 VAL A CG2 1 
ATOM   671  N  N   . VAL A 1 108 ? 5.302   16.884  0.816   1.00 43.40 ? 107 VAL A N   1 
ATOM   672  C  CA  . VAL A 1 108 ? 6.570   16.923  1.564   1.00 44.65 ? 107 VAL A CA  1 
ATOM   673  C  C   . VAL A 1 108 ? 7.535   17.925  0.931   1.00 41.76 ? 107 VAL A C   1 
ATOM   674  O  O   . VAL A 1 108 ? 8.205   18.674  1.652   1.00 40.07 ? 107 VAL A O   1 
ATOM   675  C  CB  . VAL A 1 108 ? 7.250   15.545  1.756   1.00 46.30 ? 107 VAL A CB  1 
ATOM   676  C  CG1 . VAL A 1 108 ? 8.416   15.661  2.736   1.00 48.79 ? 107 VAL A CG1 1 
ATOM   677  C  CG2 . VAL A 1 108 ? 6.279   14.600  2.345   1.00 53.67 ? 107 VAL A CG2 1 
ATOM   678  N  N   . ALA A 1 109 ? 7.589   17.945  -0.401  1.00 38.60 ? 108 ALA A N   1 
ATOM   679  C  CA  . ALA A 1 109 ? 8.423   18.899  -1.146  1.00 37.48 ? 108 ALA A CA  1 
ATOM   680  C  C   . ALA A 1 109 ? 8.009   20.346  -0.810  1.00 38.06 ? 108 ALA A C   1 
ATOM   681  O  O   . ALA A 1 109 ? 8.865   21.204  -0.633  1.00 39.02 ? 108 ALA A O   1 
ATOM   682  C  CB  . ALA A 1 109 ? 8.342   18.631  -2.682  1.00 34.77 ? 108 ALA A CB  1 
ATOM   683  N  N   . LEU A 1 110 ? 6.703   20.596  -0.708  1.00 38.55 ? 109 LEU A N   1 
ATOM   684  C  CA  . LEU A 1 110 ? 6.180   21.915  -0.326  1.00 37.40 ? 109 LEU A CA  1 
ATOM   685  C  C   . LEU A 1 110 ? 6.539   22.281  1.145   1.00 37.78 ? 109 LEU A C   1 
ATOM   686  O  O   . LEU A 1 110 ? 6.925   23.420  1.420   1.00 37.51 ? 109 LEU A O   1 
ATOM   687  C  CB  . LEU A 1 110 ? 4.679   22.017  -0.621  1.00 36.91 ? 109 LEU A CB  1 
ATOM   688  C  CG  . LEU A 1 110 ? 4.293   22.085  -2.099  1.00 39.03 ? 109 LEU A CG  1 
ATOM   689  C  CD1 . LEU A 1 110 ? 2.777   21.931  -2.317  1.00 36.37 ? 109 LEU A CD1 1 
ATOM   690  C  CD2 . LEU A 1 110 ? 4.789   23.376  -2.708  1.00 38.71 ? 109 LEU A CD2 1 
ATOM   691  N  N   . LYS A 1 111 ? 6.441   21.314  2.060   1.00 39.51 ? 110 LYS A N   1 
ATOM   692  C  CA  . LYS A 1 111 ? 6.871   21.504  3.469   1.00 40.64 ? 110 LYS A CA  1 
ATOM   693  C  C   . LYS A 1 111 ? 8.372   21.892  3.561   1.00 40.85 ? 110 LYS A C   1 
ATOM   694  O  O   . LYS A 1 111 ? 8.749   22.806  4.310   1.00 40.56 ? 110 LYS A O   1 
ATOM   695  C  CB  . LYS A 1 111 ? 6.590   20.252  4.304   1.00 43.07 ? 110 LYS A CB  1 
ATOM   696  C  CG  . LYS A 1 111 ? 5.098   19.980  4.619   1.00 44.15 ? 110 LYS A CG  1 
ATOM   697  C  CD  . LYS A 1 111 ? 4.980   18.706  5.461   1.00 47.19 ? 110 LYS A CD  1 
ATOM   698  C  CE  . LYS A 1 111 ? 3.534   18.359  5.818   1.00 47.40 ? 110 LYS A CE  1 
ATOM   699  N  NZ  . LYS A 1 111 ? 2.906   19.407  6.674   1.00 44.54 ? 110 LYS A NZ  1 
HETATM 700  N  N   . MSE A 1 112 ? 9.206   21.226  2.763   1.00 40.25 ? 111 MSE A N   1 
HETATM 701  C  CA  . MSE A 1 112 ? 10.646  21.506  2.708   1.00 40.30 ? 111 MSE A CA  1 
HETATM 702  C  C   . MSE A 1 112 ? 10.907  22.866  2.110   1.00 39.24 ? 111 MSE A C   1 
HETATM 703  O  O   . MSE A 1 112 ? 11.677  23.653  2.673   1.00 39.74 ? 111 MSE A O   1 
HETATM 704  C  CB  . MSE A 1 112 ? 11.399  20.428  1.916   1.00 38.55 ? 111 MSE A CB  1 
HETATM 705  C  CG  . MSE A 1 112 ? 11.363  19.084  2.562   1.00 40.44 ? 111 MSE A CG  1 
HETATM 706  SE SE  . MSE A 1 112 ? 12.403  19.034  4.229   0.75 46.54 ? 111 MSE A SE  1 
HETATM 707  C  CE  . MSE A 1 112 ? 11.941  17.278  4.937   1.00 44.10 ? 111 MSE A CE  1 
ATOM   708  N  N   . ARG A 1 113 ? 10.248  23.162  0.983   1.00 38.07 ? 112 ARG A N   1 
ATOM   709  C  CA  . ARG A 1 113 ? 10.411  24.441  0.323   1.00 36.92 ? 112 ARG A CA  1 
ATOM   710  C  C   . ARG A 1 113 ? 9.996   25.620  1.191   1.00 36.22 ? 112 ARG A C   1 
ATOM   711  O  O   . ARG A 1 113 ? 10.678  26.666  1.170   1.00 31.97 ? 112 ARG A O   1 
ATOM   712  C  CB  . ARG A 1 113 ? 9.628   24.482  -0.980  1.00 36.50 ? 112 ARG A CB  1 
ATOM   713  C  CG  . ARG A 1 113 ? 9.796   25.745  -1.787  1.00 38.49 ? 112 ARG A CG  1 
ATOM   714  C  CD  . ARG A 1 113 ? 8.942   25.647  -2.989  1.00 39.04 ? 112 ARG A CD  1 
ATOM   715  N  NE  . ARG A 1 113 ? 8.957   26.863  -3.762  1.00 36.06 ? 112 ARG A NE  1 
ATOM   716  C  CZ  . ARG A 1 113 ? 8.155   27.112  -4.800  1.00 40.62 ? 112 ARG A CZ  1 
ATOM   717  N  NH1 . ARG A 1 113 ? 7.242   26.220  -5.198  1.00 40.49 ? 112 ARG A NH1 1 
ATOM   718  N  NH2 . ARG A 1 113 ? 8.258   28.275  -5.433  1.00 44.65 ? 112 ARG A NH2 1 
ATOM   719  N  N   . PHE A 1 114 ? 8.890   25.469  1.918   1.00 37.62 ? 113 PHE A N   1 
ATOM   720  C  CA  . PHE A 1 114 ? 8.356   26.585  2.743   1.00 38.17 ? 113 PHE A CA  1 
ATOM   721  C  C   . PHE A 1 114 ? 8.586   26.421  4.271   1.00 39.69 ? 113 PHE A C   1 
ATOM   722  O  O   . PHE A 1 114 ? 7.915   27.076  5.098   1.00 38.37 ? 113 PHE A O   1 
ATOM   723  C  CB  . PHE A 1 114 ? 6.884   26.835  2.401   1.00 39.41 ? 113 PHE A CB  1 
ATOM   724  C  CG  . PHE A 1 114 ? 6.628   27.072  0.926   1.00 38.51 ? 113 PHE A CG  1 
ATOM   725  C  CD1 . PHE A 1 114 ? 7.311   28.071  0.234   1.00 44.55 ? 113 PHE A CD1 1 
ATOM   726  C  CD2 . PHE A 1 114 ? 5.676   26.313  0.236   1.00 42.16 ? 113 PHE A CD2 1 
ATOM   727  C  CE1 . PHE A 1 114 ? 7.084   28.283  -1.127  1.00 46.17 ? 113 PHE A CE1 1 
ATOM   728  C  CE2 . PHE A 1 114 ? 5.439   26.528  -1.120  1.00 38.42 ? 113 PHE A CE2 1 
ATOM   729  C  CZ  . PHE A 1 114 ? 6.141   27.514  -1.801  1.00 39.80 ? 113 PHE A CZ  1 
ATOM   730  N  N   . LEU A 1 115 ? 9.589   25.616  4.627   1.00 38.90 ? 114 LEU A N   1 
ATOM   731  C  CA  . LEU A 1 115 ? 9.955   25.343  6.027   1.00 39.56 ? 114 LEU A CA  1 
ATOM   732  C  C   . LEU A 1 115 ? 10.288  26.620  6.800   1.00 41.28 ? 114 LEU A C   1 
ATOM   733  O  O   . LEU A 1 115 ? 9.927   26.734  7.965   1.00 42.64 ? 114 LEU A O   1 
ATOM   734  C  CB  . LEU A 1 115 ? 11.147  24.365  6.092   1.00 39.64 ? 114 LEU A CB  1 
ATOM   735  C  CG  . LEU A 1 115 ? 11.345  23.568  7.372   1.00 40.83 ? 114 LEU A CG  1 
ATOM   736  C  CD1 . LEU A 1 115 ? 10.243  22.520  7.538   1.00 42.56 ? 114 LEU A CD1 1 
ATOM   737  C  CD2 . LEU A 1 115 ? 12.682  22.863  7.339   1.00 43.24 ? 114 LEU A CD2 1 
ATOM   738  N  N   . GLY A 1 116 ? 10.927  27.585  6.125   1.00 41.22 ? 115 GLY A N   1 
ATOM   739  C  CA  . GLY A 1 116 ? 11.281  28.874  6.708   1.00 42.57 ? 115 GLY A CA  1 
ATOM   740  C  C   . GLY A 1 116 ? 10.098  29.764  7.045   1.00 43.18 ? 115 GLY A C   1 
ATOM   741  O  O   . GLY A 1 116 ? 10.233  30.666  7.863   1.00 44.23 ? 115 GLY A O   1 
ATOM   742  N  N   . LEU A 1 117 ? 8.948   29.526  6.408   1.00 43.43 ? 116 LEU A N   1 
ATOM   743  C  CA  . LEU A 1 117 ? 7.723   30.261  6.696   1.00 44.29 ? 116 LEU A CA  1 
ATOM   744  C  C   . LEU A 1 117 ? 7.033   29.827  8.000   1.00 44.72 ? 116 LEU A C   1 
ATOM   745  O  O   . LEU A 1 117 ? 6.097   30.496  8.431   1.00 45.88 ? 116 LEU A O   1 
ATOM   746  C  CB  . LEU A 1 117 ? 6.729   30.179  5.524   1.00 43.73 ? 116 LEU A CB  1 
ATOM   747  C  CG  . LEU A 1 117 ? 7.204   30.661  4.142   1.00 45.11 ? 116 LEU A CG  1 
ATOM   748  C  CD1 . LEU A 1 117 ? 6.054   30.571  3.141   1.00 38.15 ? 116 LEU A CD1 1 
ATOM   749  C  CD2 . LEU A 1 117 ? 7.749   32.069  4.164   1.00 40.91 ? 116 LEU A CD2 1 
HETATM 750  N  N   . MSE A 1 118 ? 7.454   28.715  8.603   1.00 44.65 ? 117 MSE A N   1 
HETATM 751  C  CA  . MSE A 1 118 ? 6.904   28.243  9.872   1.00 47.26 ? 117 MSE A CA  1 
HETATM 752  C  C   . MSE A 1 118 ? 7.761   28.736  11.019  1.00 46.55 ? 117 MSE A C   1 
HETATM 753  O  O   . MSE A 1 118 ? 8.933   29.058  10.823  1.00 46.11 ? 117 MSE A O   1 
HETATM 754  C  CB  . MSE A 1 118 ? 6.915   26.720  9.916   1.00 47.75 ? 117 MSE A CB  1 
HETATM 755  C  CG  . MSE A 1 118 ? 6.137   26.070  8.812   1.00 50.90 ? 117 MSE A CG  1 
HETATM 756  SE SE  . MSE A 1 118 ? 6.260   24.166  9.003   0.75 60.34 ? 117 MSE A SE  1 
HETATM 757  C  CE  . MSE A 1 118 ? 8.100   23.891  8.751   1.00 68.24 ? 117 MSE A CE  1 
ATOM   758  N  N   . GLU A 1 119 ? 7.183   28.783  12.219  1.00 45.78 ? 118 GLU A N   1 
ATOM   759  C  CA  . GLU A 1 119 ? 7.952   29.115  13.429  1.00 45.59 ? 118 GLU A CA  1 
ATOM   760  C  C   . GLU A 1 119 ? 8.865   27.913  13.747  1.00 44.80 ? 118 GLU A C   1 
ATOM   761  O  O   . GLU A 1 119 ? 8.550   26.765  13.375  1.00 43.86 ? 118 GLU A O   1 
ATOM   762  C  CB  . GLU A 1 119 ? 7.039   29.433  14.622  1.00 45.41 ? 118 GLU A CB  1 
ATOM   763  C  CG  . GLU A 1 119 ? 6.235   30.739  14.501  1.00 50.64 ? 118 GLU A CG  1 
ATOM   764  C  CD  . GLU A 1 119 ? 7.084   31.996  14.692  1.00 48.61 ? 118 GLU A CD  1 
ATOM   765  N  N   . ALA A 1 120 ? 9.992   28.198  14.409  1.00 45.02 ? 119 ALA A N   1 
ATOM   766  C  CA  . ALA A 1 120 ? 11.023  27.199  14.786  1.00 45.14 ? 119 ALA A CA  1 
ATOM   767  C  C   . ALA A 1 120 ? 10.479  25.937  15.439  1.00 44.05 ? 119 ALA A C   1 
ATOM   768  O  O   . ALA A 1 120 ? 10.839  24.830  15.042  1.00 43.07 ? 119 ALA A O   1 
ATOM   769  C  CB  . ALA A 1 120 ? 12.080  27.837  15.704  1.00 46.66 ? 119 ALA A CB  1 
ATOM   770  N  N   . GLU A 1 121 ? 9.604   26.115  16.423  1.00 43.07 ? 120 GLU A N   1 
ATOM   771  C  CA  . GLU A 1 121 ? 8.970   24.989  17.127  1.00 44.18 ? 120 GLU A CA  1 
ATOM   772  C  C   . GLU A 1 121 ? 8.149   24.118  16.171  1.00 45.30 ? 120 GLU A C   1 
ATOM   773  O  O   . GLU A 1 121 ? 8.245   22.888  16.219  1.00 44.92 ? 120 GLU A O   1 
ATOM   774  C  CB  . GLU A 1 121 ? 8.091   25.480  18.286  1.00 44.64 ? 120 GLU A CB  1 
ATOM   775  N  N   . GLU A 1 122 ? 7.383   24.764  15.287  1.00 46.32 ? 121 GLU A N   1 
ATOM   776  C  CA  . GLU A 1 122 ? 6.557   24.066  14.289  1.00 45.44 ? 121 GLU A CA  1 
ATOM   777  C  C   . GLU A 1 122 ? 7.404   23.285  13.272  1.00 43.29 ? 121 GLU A C   1 
ATOM   778  O  O   . GLU A 1 122 ? 7.001   22.195  12.894  1.00 43.82 ? 121 GLU A O   1 
ATOM   779  C  CB  . GLU A 1 122 ? 5.583   25.037  13.584  1.00 46.59 ? 121 GLU A CB  1 
ATOM   780  C  CG  . GLU A 1 122 ? 4.563   24.370  12.609  1.00 49.65 ? 121 GLU A CG  1 
ATOM   781  C  CD  . GLU A 1 122 ? 3.620   23.364  13.285  1.00 55.70 ? 121 GLU A CD  1 
ATOM   782  O  OE1 . GLU A 1 122 ? 3.118   23.644  14.399  1.00 57.82 ? 121 GLU A OE1 1 
ATOM   783  O  OE2 . GLU A 1 122 ? 3.368   22.297  12.687  1.00 58.44 ? 121 GLU A OE2 1 
ATOM   784  N  N   . ARG A 1 123 ? 8.565   23.819  12.864  1.00 42.26 ? 122 ARG A N   1 
ATOM   785  C  CA  . ARG A 1 123 ? 9.483   23.114  11.943  1.00 44.31 ? 122 ARG A CA  1 
ATOM   786  C  C   . ARG A 1 123 ? 9.943   21.786  12.543  1.00 42.96 ? 122 ARG A C   1 
ATOM   787  O  O   . ARG A 1 123 ? 9.831   20.766  11.897  1.00 44.80 ? 122 ARG A O   1 
ATOM   788  C  CB  . ARG A 1 123 ? 10.731  23.930  11.604  1.00 43.24 ? 122 ARG A CB  1 
ATOM   789  C  CG  . ARG A 1 123 ? 10.500  25.241  10.872  1.00 45.54 ? 122 ARG A CG  1 
ATOM   790  C  CD  . ARG A 1 123 ? 11.794  26.022  10.811  1.00 45.82 ? 122 ARG A CD  1 
ATOM   791  N  NE  . ARG A 1 123 ? 11.569  27.438  10.546  1.00 48.67 ? 122 ARG A NE  1 
ATOM   792  C  CZ  . ARG A 1 123 ? 12.435  28.424  10.798  1.00 52.11 ? 122 ARG A CZ  1 
ATOM   793  N  NH1 . ARG A 1 123 ? 13.629  28.192  11.356  1.00 53.87 ? 122 ARG A NH1 1 
ATOM   794  N  NH2 . ARG A 1 123 ? 12.089  29.677  10.504  1.00 53.49 ? 122 ARG A NH2 1 
ATOM   795  N  N   . ALA A 1 124 ? 10.453  21.834  13.778  1.00 43.17 ? 123 ALA A N   1 
ATOM   796  C  CA  . ALA A 1 124 ? 10.886  20.639  14.525  1.00 43.04 ? 123 ALA A CA  1 
ATOM   797  C  C   . ALA A 1 124 ? 9.754   19.611  14.619  1.00 43.04 ? 123 ALA A C   1 
ATOM   798  O  O   . ALA A 1 124 ? 9.977   18.419  14.361  1.00 44.94 ? 123 ALA A O   1 
ATOM   799  C  CB  . ALA A 1 124 ? 11.372  21.020  15.932  1.00 40.68 ? 123 ALA A CB  1 
ATOM   800  N  N   . HIS A 1 125 ? 8.551   20.084  14.958  1.00 42.66 ? 124 HIS A N   1 
ATOM   801  C  CA  . HIS A 1 125 ? 7.349   19.229  15.041  1.00 44.50 ? 124 HIS A CA  1 
ATOM   802  C  C   . HIS A 1 125 ? 6.998   18.532  13.714  1.00 44.38 ? 124 HIS A C   1 
ATOM   803  O  O   . HIS A 1 125 ? 6.631   17.354  13.703  1.00 44.81 ? 124 HIS A O   1 
ATOM   804  C  CB  . HIS A 1 125 ? 6.148   20.031  15.562  1.00 46.29 ? 124 HIS A CB  1 
ATOM   805  C  CG  . HIS A 1 125 ? 4.876   19.243  15.622  1.00 50.96 ? 124 HIS A CG  1 
ATOM   806  N  ND1 . HIS A 1 125 ? 4.688   18.200  16.504  1.00 52.78 ? 124 HIS A ND1 1 
ATOM   807  C  CD2 . HIS A 1 125 ? 3.736   19.337  14.900  1.00 52.40 ? 124 HIS A CD2 1 
ATOM   808  C  CE1 . HIS A 1 125 ? 3.487   17.685  16.320  1.00 49.98 ? 124 HIS A CE1 1 
ATOM   809  N  NE2 . HIS A 1 125 ? 2.887   18.359  15.356  1.00 50.86 ? 124 HIS A NE2 1 
ATOM   810  N  N   . GLN A 1 126 ? 7.103   19.268  12.610  1.00 44.15 ? 125 GLN A N   1 
ATOM   811  C  CA  . GLN A 1 126 ? 6.838   18.718  11.274  1.00 43.77 ? 125 GLN A CA  1 
ATOM   812  C  C   . GLN A 1 126 ? 7.827   17.619  10.924  1.00 43.94 ? 125 GLN A C   1 
ATOM   813  O  O   . GLN A 1 126 ? 7.417   16.570  10.399  1.00 39.75 ? 125 GLN A O   1 
ATOM   814  C  CB  . GLN A 1 126 ? 6.838   19.825  10.217  1.00 45.64 ? 125 GLN A CB  1 
ATOM   815  C  CG  . GLN A 1 126 ? 5.640   20.786  10.352  1.00 45.69 ? 125 GLN A CG  1 
ATOM   816  C  CD  . GLN A 1 126 ? 4.294   20.148  10.010  1.00 52.17 ? 125 GLN A CD  1 
ATOM   817  O  OE1 . GLN A 1 126 ? 4.183   19.361  9.060   1.00 46.61 ? 125 GLN A OE1 1 
ATOM   818  N  NE2 . GLN A 1 126 ? 3.264   20.503  10.771  1.00 48.45 ? 125 GLN A NE2 1 
ATOM   819  N  N   . ILE A 1 127 ? 9.100   17.815  11.293  1.00 42.85 ? 126 ILE A N   1 
ATOM   820  C  CA  . ILE A 1 127 ? 10.125  16.782  11.057  1.00 43.65 ? 126 ILE A CA  1 
ATOM   821  C  C   . ILE A 1 127 ? 9.865   15.560  11.969  1.00 43.78 ? 126 ILE A C   1 
ATOM   822  O  O   . ILE A 1 127 ? 9.996   14.436  11.493  1.00 43.90 ? 126 ILE A O   1 
ATOM   823  C  CB  . ILE A 1 127 ? 11.579  17.316  11.145  1.00 41.23 ? 126 ILE A CB  1 
ATOM   824  C  CG1 . ILE A 1 127 ? 11.792  18.488  10.174  1.00 41.85 ? 126 ILE A CG1 1 
ATOM   825  C  CG2 . ILE A 1 127 ? 12.581  16.186  10.840  1.00 44.50 ? 126 ILE A CG2 1 
ATOM   826  C  CD1 . ILE A 1 127 ? 11.457  18.212  8.686   1.00 40.02 ? 126 ILE A CD1 1 
ATOM   827  N  N   . ASP A 1 128 ? 9.454   15.789  13.228  1.00 45.52 ? 127 ASP A N   1 
ATOM   828  C  CA  . ASP A 1 128 ? 9.052   14.702  14.147  1.00 45.47 ? 127 ASP A CA  1 
ATOM   829  C  C   . ASP A 1 128 ? 7.912   13.863  13.522  1.00 45.08 ? 127 ASP A C   1 
ATOM   830  O  O   . ASP A 1 128 ? 7.959   12.632  13.553  1.00 44.14 ? 127 ASP A O   1 
ATOM   831  C  CB  . ASP A 1 128 ? 8.593   15.213  15.522  1.00 46.76 ? 127 ASP A CB  1 
ATOM   832  C  CG  . ASP A 1 128 ? 9.719   15.835  16.358  1.00 51.13 ? 127 ASP A CG  1 
ATOM   833  O  OD1 . ASP A 1 128 ? 10.916  15.608  16.089  1.00 46.34 ? 127 ASP A OD1 1 
ATOM   834  O  OD2 . ASP A 1 128 ? 9.378   16.542  17.323  1.00 50.94 ? 127 ASP A OD2 1 
ATOM   835  N  N   . LEU A 1 129 ? 6.916   14.535  12.944  1.00 44.85 ? 128 LEU A N   1 
ATOM   836  C  CA  . LEU A 1 129 ? 5.801   13.842  12.265  1.00 45.09 ? 128 LEU A CA  1 
ATOM   837  C  C   . LEU A 1 129 ? 6.247   12.991  11.073  1.00 45.06 ? 128 LEU A C   1 
ATOM   838  O  O   . LEU A 1 129 ? 5.730   11.888  10.893  1.00 45.10 ? 128 LEU A O   1 
ATOM   839  C  CB  . LEU A 1 129 ? 4.693   14.823  11.841  1.00 46.82 ? 128 LEU A CB  1 
ATOM   840  C  CG  . LEU A 1 129 ? 3.857   15.502  12.937  1.00 49.71 ? 128 LEU A CG  1 
ATOM   841  C  CD1 . LEU A 1 129 ? 2.859   16.472  12.325  1.00 50.53 ? 128 LEU A CD1 1 
ATOM   842  C  CD2 . LEU A 1 129 ? 3.131   14.472  13.773  1.00 50.15 ? 128 LEU A CD2 1 
ATOM   843  N  N   . LEU A 1 130 ? 7.197   13.486  10.269  1.00 44.37 ? 129 LEU A N   1 
ATOM   844  C  CA  . LEU A 1 130 ? 7.732   12.711  9.127   1.00 44.07 ? 129 LEU A CA  1 
ATOM   845  C  C   . LEU A 1 130 ? 8.469   11.455  9.583   1.00 44.53 ? 129 LEU A C   1 
ATOM   846  O  O   . LEU A 1 130 ? 8.326   10.392  8.954   1.00 44.08 ? 129 LEU A O   1 
ATOM   847  C  CB  . LEU A 1 130 ? 8.634   13.557  8.218   1.00 43.19 ? 129 LEU A CB  1 
ATOM   848  C  CG  . LEU A 1 130 ? 8.007   14.777  7.527   1.00 45.47 ? 129 LEU A CG  1 
ATOM   849  C  CD1 . LEU A 1 130 ? 9.051   15.517  6.677   1.00 39.48 ? 129 LEU A CD1 1 
ATOM   850  C  CD2 . LEU A 1 130 ? 6.819   14.398  6.680   1.00 44.38 ? 129 LEU A CD2 1 
ATOM   851  N  N   . ILE A 1 131 ? 9.244   11.571  10.672  1.00 42.84 ? 130 ILE A N   1 
ATOM   852  C  CA  . ILE A 1 131 ? 9.961   10.442  11.290  1.00 42.76 ? 130 ILE A CA  1 
ATOM   853  C  C   . ILE A 1 131 ? 8.965   9.357   11.786  1.00 45.58 ? 130 ILE A C   1 
ATOM   854  O  O   . ILE A 1 131 ? 9.148   8.153   11.535  1.00 45.23 ? 130 ILE A O   1 
ATOM   855  C  CB  . ILE A 1 131 ? 10.887  10.930  12.478  1.00 42.16 ? 130 ILE A CB  1 
ATOM   856  C  CG1 . ILE A 1 131 ? 12.039  11.790  11.947  1.00 41.27 ? 130 ILE A CG1 1 
ATOM   857  C  CG2 . ILE A 1 131 ? 11.451  9.756   13.276  1.00 40.22 ? 130 ILE A CG2 1 
ATOM   858  C  CD1 . ILE A 1 131 ? 12.860  12.518  13.039  1.00 39.06 ? 130 ILE A CD1 1 
ATOM   859  N  N   . GLU A 1 132 ? 7.926   9.813   12.486  1.00 47.71 ? 131 GLU A N   1 
ATOM   860  C  CA  . GLU A 1 132 ? 6.839   8.971   13.017  1.00 48.33 ? 131 GLU A CA  1 
ATOM   861  C  C   . GLU A 1 132 ? 6.157   8.171   11.882  1.00 48.08 ? 131 GLU A C   1 
ATOM   862  O  O   . GLU A 1 132 ? 5.916   6.961   12.024  1.00 45.72 ? 131 GLU A O   1 
ATOM   863  C  CB  . GLU A 1 132 ? 5.857   9.883   13.779  1.00 48.82 ? 131 GLU A CB  1 
ATOM   864  C  CG  . GLU A 1 132 ? 4.595   9.297   14.365  1.00 53.42 ? 131 GLU A CG  1 
ATOM   865  C  CD  . GLU A 1 132 ? 3.762   10.383  15.099  1.00 57.84 ? 131 GLU A CD  1 
ATOM   866  O  OE1 . GLU A 1 132 ? 4.320   11.092  15.980  1.00 73.65 ? 131 GLU A OE1 1 
ATOM   867  O  OE2 . GLU A 1 132 ? 2.564   10.557  14.765  1.00 75.09 ? 131 GLU A OE2 1 
ATOM   868  N  N   . GLY A 1 133 ? 5.902   8.846   10.761  1.00 46.16 ? 132 GLY A N   1 
ATOM   869  C  CA  . GLY A 1 133 ? 5.327   8.233   9.573   1.00 47.25 ? 132 GLY A CA  1 
ATOM   870  C  C   . GLY A 1 133 ? 6.227   7.175   8.938   1.00 47.97 ? 132 GLY A C   1 
ATOM   871  O  O   . GLY A 1 133 ? 5.748   6.103   8.578   1.00 45.57 ? 132 GLY A O   1 
ATOM   872  N  N   . VAL A 1 134 ? 7.524   7.467   8.802   1.00 46.52 ? 133 VAL A N   1 
ATOM   873  C  CA  . VAL A 1 134 ? 8.483   6.495   8.238   1.00 47.37 ? 133 VAL A CA  1 
ATOM   874  C  C   . VAL A 1 134 ? 8.607   5.272   9.167   1.00 46.26 ? 133 VAL A C   1 
ATOM   875  O  O   . VAL A 1 134 ? 8.580   4.138   8.682   1.00 49.20 ? 133 VAL A O   1 
ATOM   876  C  CB  . VAL A 1 134 ? 9.873   7.128   7.915   1.00 48.86 ? 133 VAL A CB  1 
ATOM   877  C  CG1 . VAL A 1 134 ? 10.874  6.063   7.408   1.00 47.64 ? 133 VAL A CG1 1 
ATOM   878  C  CG2 . VAL A 1 134 ? 9.721   8.234   6.884   1.00 47.85 ? 133 VAL A CG2 1 
ATOM   879  N  N   . ASP A 1 135 ? 8.720   5.507   10.475  1.00 48.04 ? 134 ASP A N   1 
ATOM   880  C  CA  . ASP A 1 135 ? 8.769   4.432   11.492  1.00 48.13 ? 134 ASP A CA  1 
ATOM   881  C  C   . ASP A 1 135 ? 7.563   3.493   11.353  1.00 48.06 ? 134 ASP A C   1 
ATOM   882  O  O   . ASP A 1 135 ? 7.697   2.261   11.375  1.00 47.84 ? 134 ASP A O   1 
ATOM   883  C  CB  . ASP A 1 135 ? 8.731   5.008   12.923  1.00 51.22 ? 134 ASP A CB  1 
ATOM   884  C  CG  . ASP A 1 135 ? 10.099  5.429   13.451  1.00 56.26 ? 134 ASP A CG  1 
ATOM   885  O  OD1 . ASP A 1 135 ? 11.109  4.760   13.146  1.00 63.85 ? 134 ASP A OD1 1 
ATOM   886  O  OD2 . ASP A 1 135 ? 10.143  6.390   14.258  1.00 64.38 ? 134 ASP A OD2 1 
ATOM   887  N  N   . SER A 1 136 ? 6.394   4.112   11.266  1.00 46.52 ? 135 SER A N   1 
ATOM   888  C  CA  . SER A 1 136 ? 5.135   3.395   11.135  1.00 49.49 ? 135 SER A CA  1 
ATOM   889  C  C   . SER A 1 136 ? 5.086   2.560   9.850   1.00 47.08 ? 135 SER A C   1 
ATOM   890  O  O   . SER A 1 136 ? 4.671   1.400   9.875   1.00 47.52 ? 135 SER A O   1 
ATOM   891  C  CB  . SER A 1 136 ? 3.975   4.389   11.176  1.00 47.81 ? 135 SER A CB  1 
ATOM   892  O  OG  . SER A 1 136 ? 2.756   3.706   11.012  1.00 60.99 ? 135 SER A OG  1 
ATOM   893  N  N   . GLU A 1 137 ? 5.535   3.153   8.747   1.00 46.30 ? 136 GLU A N   1 
ATOM   894  C  CA  . GLU A 1 137 ? 5.545   2.497   7.463   1.00 46.17 ? 136 GLU A CA  1 
ATOM   895  C  C   . GLU A 1 137 ? 6.488   1.274   7.476   1.00 45.98 ? 136 GLU A C   1 
ATOM   896  O  O   . GLU A 1 137 ? 6.124   0.213   6.971   1.00 42.14 ? 136 GLU A O   1 
ATOM   897  C  CB  . GLU A 1 137 ? 5.915   3.485   6.356   1.00 46.89 ? 136 GLU A CB  1 
ATOM   898  C  CG  . GLU A 1 137 ? 5.706   2.930   4.992   1.00 48.68 ? 136 GLU A CG  1 
ATOM   899  C  CD  . GLU A 1 137 ? 5.862   3.958   3.887   1.00 50.42 ? 136 GLU A CD  1 
ATOM   900  O  OE1 . GLU A 1 137 ? 6.068   5.165   4.161   1.00 58.31 ? 136 GLU A OE1 1 
ATOM   901  O  OE2 . GLU A 1 137 ? 5.778   3.529   2.723   1.00 55.05 ? 136 GLU A OE2 1 
ATOM   902  N  N   . LEU A 1 138 ? 7.687   1.439   8.039   1.00 43.01 ? 137 LEU A N   1 
ATOM   903  C  CA  . LEU A 1 138 ? 8.648   0.317   8.223   1.00 45.25 ? 137 LEU A CA  1 
ATOM   904  C  C   . LEU A 1 138 ? 8.070   -0.858  9.011   1.00 44.15 ? 137 LEU A C   1 
ATOM   905  O  O   . LEU A 1 138 ? 8.315   -2.011  8.669   1.00 45.91 ? 137 LEU A O   1 
ATOM   906  C  CB  . LEU A 1 138 ? 9.930   0.793   8.928   1.00 44.60 ? 137 LEU A CB  1 
ATOM   907  C  CG  . LEU A 1 138 ? 10.931  1.466   8.015   1.00 45.56 ? 137 LEU A CG  1 
ATOM   908  C  CD1 . LEU A 1 138 ? 11.897  2.383   8.832   1.00 43.84 ? 137 LEU A CD1 1 
ATOM   909  C  CD2 . LEU A 1 138 ? 11.656  0.374   7.190   1.00 46.01 ? 137 LEU A CD2 1 
ATOM   910  N  N   . ALA A 1 139 ? 7.332   -0.549  10.072  1.00 44.04 ? 138 ALA A N   1 
ATOM   911  C  CA  . ALA A 1 139 ? 6.716   -1.579  10.926  1.00 45.94 ? 138 ALA A CA  1 
ATOM   912  C  C   . ALA A 1 139 ? 5.625   -2.368  10.179  1.00 45.67 ? 138 ALA A C   1 
ATOM   913  O  O   . ALA A 1 139 ? 5.525   -3.584  10.337  1.00 46.72 ? 138 ALA A O   1 
ATOM   914  C  CB  . ALA A 1 139 ? 6.163   -0.960  12.212  1.00 45.72 ? 138 ALA A CB  1 
ATOM   915  N  N   . ARG A 1 140 ? 4.835   -1.676  9.357   1.00 46.64 ? 139 ARG A N   1 
ATOM   916  C  CA  . ARG A 1 140 ? 3.789   -2.313  8.539   1.00 45.43 ? 139 ARG A CA  1 
ATOM   917  C  C   . ARG A 1 140 ? 4.411   -3.211  7.476   1.00 44.14 ? 139 ARG A C   1 
ATOM   918  O  O   . ARG A 1 140 ? 3.956   -4.337  7.278   1.00 42.72 ? 139 ARG A O   1 
ATOM   919  C  CB  . ARG A 1 140 ? 2.830   -1.289  7.885   1.00 43.72 ? 139 ARG A CB  1 
ATOM   920  C  CG  . ARG A 1 140 ? 2.041   -0.448  8.882   1.00 48.38 ? 139 ARG A CG  1 
ATOM   921  C  CD  . ARG A 1 140 ? 0.876   0.334   8.255   1.00 48.14 ? 139 ARG A CD  1 
ATOM   922  N  NE  . ARG A 1 140 ? 1.247   1.048   7.030   1.00 57.37 ? 139 ARG A NE  1 
ATOM   923  C  CZ  . ARG A 1 140 ? 1.740   2.287   6.930   1.00 58.60 ? 139 ARG A CZ  1 
ATOM   924  N  NH1 . ARG A 1 140 ? 1.946   3.063   7.997   1.00 66.69 ? 139 ARG A NH1 1 
ATOM   925  N  NH2 . ARG A 1 140 ? 2.036   2.759   5.718   1.00 62.11 ? 139 ARG A NH2 1 
ATOM   926  N  N   . LEU A 1 141 ? 5.440   -2.717  6.797   1.00 42.55 ? 140 LEU A N   1 
ATOM   927  C  CA  . LEU A 1 141 ? 6.130   -3.510  5.773   1.00 43.73 ? 140 LEU A CA  1 
ATOM   928  C  C   . LEU A 1 141 ? 6.860   -4.715  6.375   1.00 44.23 ? 140 LEU A C   1 
ATOM   929  O  O   . LEU A 1 141 ? 6.880   -5.785  5.744   1.00 45.59 ? 140 LEU A O   1 
ATOM   930  C  CB  . LEU A 1 141 ? 7.060   -2.663  4.921   1.00 41.58 ? 140 LEU A CB  1 
ATOM   931  C  CG  . LEU A 1 141 ? 6.397   -1.579  4.056   1.00 44.16 ? 140 LEU A CG  1 
ATOM   932  C  CD1 . LEU A 1 141 ? 7.498   -0.869  3.227   1.00 45.07 ? 140 LEU A CD1 1 
ATOM   933  C  CD2 . LEU A 1 141 ? 5.292   -2.191  3.136   1.00 40.79 ? 140 LEU A CD2 1 
ATOM   934  N  N   . ALA A 1 142 ? 7.410   -4.554  7.581   1.00 43.80 ? 141 ALA A N   1 
ATOM   935  C  CA  . ALA A 1 142 ? 8.062   -5.670  8.322   1.00 46.03 ? 141 ALA A CA  1 
ATOM   936  C  C   . ALA A 1 142 ? 7.027   -6.757  8.666   1.00 46.41 ? 141 ALA A C   1 
ATOM   937  O  O   . ALA A 1 142 ? 7.317   -7.958  8.557   1.00 46.48 ? 141 ALA A O   1 
ATOM   938  C  CB  . ALA A 1 142 ? 8.753   -5.166  9.600   1.00 44.63 ? 141 ALA A CB  1 
ATOM   939  N  N   . ASP A 1 143 ? 5.833   -6.310  9.075   1.00 47.28 ? 142 ASP A N   1 
ATOM   940  C  CA  . ASP A 1 143 ? 4.671   -7.175  9.333   1.00 48.09 ? 142 ASP A CA  1 
ATOM   941  C  C   . ASP A 1 143 ? 4.334   -7.979  8.076   1.00 47.74 ? 142 ASP A C   1 
ATOM   942  O  O   . ASP A 1 143 ? 4.220   -9.192  8.125   1.00 49.87 ? 142 ASP A O   1 
ATOM   943  C  CB  . ASP A 1 143 ? 3.447   -6.322  9.754   1.00 48.38 ? 142 ASP A CB  1 
ATOM   944  C  CG  . ASP A 1 143 ? 2.247   -7.150  10.231  1.00 50.94 ? 142 ASP A CG  1 
ATOM   945  O  OD1 . ASP A 1 143 ? 2.314   -8.388  10.285  1.00 62.07 ? 142 ASP A OD1 1 
ATOM   946  O  OD2 . ASP A 1 143 ? 1.224   -6.525  10.585  1.00 51.04 ? 142 ASP A OD2 1 
ATOM   947  N  N   . LEU A 1 144 ? 4.201   -7.291  6.954   1.00 46.42 ? 143 LEU A N   1 
ATOM   948  C  CA  . LEU A 1 144 ? 3.875   -7.932  5.679   1.00 46.38 ? 143 LEU A CA  1 
ATOM   949  C  C   . LEU A 1 144 ? 4.965   -8.891  5.177   1.00 49.83 ? 143 LEU A C   1 
ATOM   950  O  O   . LEU A 1 144 ? 4.656   -9.978  4.668   1.00 48.09 ? 143 LEU A O   1 
ATOM   951  C  CB  . LEU A 1 144 ? 3.600   -6.843  4.637   1.00 47.62 ? 143 LEU A CB  1 
ATOM   952  C  CG  . LEU A 1 144 ? 2.858   -7.188  3.377   1.00 46.99 ? 143 LEU A CG  1 
ATOM   953  C  CD1 . LEU A 1 144 ? 1.487   -7.828  3.733   1.00 44.92 ? 143 LEU A CD1 1 
ATOM   954  C  CD2 . LEU A 1 144 ? 2.680   -5.900  2.577   1.00 46.10 ? 143 LEU A CD2 1 
ATOM   955  N  N   . ARG A 1 145 ? 6.229   -8.496  5.347   1.00 49.45 ? 144 ARG A N   1 
ATOM   956  C  CA  . ARG A 1 145 ? 7.373   -9.296  4.906   1.00 50.80 ? 144 ARG A CA  1 
ATOM   957  C  C   . ARG A 1 145 ? 7.468   -10.621 5.679   1.00 53.57 ? 144 ARG A C   1 
ATOM   958  O  O   . ARG A 1 145 ? 7.670   -11.661 5.069   1.00 54.57 ? 144 ARG A O   1 
ATOM   959  C  CB  . ARG A 1 145 ? 8.687   -8.478  5.036   1.00 50.09 ? 144 ARG A CB  1 
ATOM   960  C  CG  . ARG A 1 145 ? 9.999   -9.190  4.651   1.00 49.00 ? 144 ARG A CG  1 
ATOM   961  C  CD  . ARG A 1 145 ? 10.046  -9.599  3.204   1.00 47.82 ? 144 ARG A CD  1 
ATOM   962  N  NE  . ARG A 1 145 ? 11.313  -10.258 2.879   1.00 46.87 ? 144 ARG A NE  1 
ATOM   963  C  CZ  . ARG A 1 145 ? 11.596  -11.546 3.067   1.00 46.91 ? 144 ARG A CZ  1 
ATOM   964  N  NH1 . ARG A 1 145 ? 10.691  -12.417 3.511   1.00 47.80 ? 144 ARG A NH1 1 
ATOM   965  N  NH2 . ARG A 1 145 ? 12.801  -11.986 2.734   1.00 46.96 ? 144 ARG A NH2 1 
ATOM   966  N  N   . GLY A 1 146 ? 7.314   -10.567 7.000   1.00 56.42 ? 145 GLY A N   1 
ATOM   967  C  CA  . GLY A 1 146 ? 7.403   -11.748 7.861   1.00 59.90 ? 145 GLY A CA  1 
ATOM   968  C  C   . GLY A 1 146 ? 8.826   -12.292 7.985   1.00 62.01 ? 145 GLY A C   1 
ATOM   969  O  O   . GLY A 1 146 ? 9.816   -11.555 7.836   1.00 63.94 ? 145 GLY A O   1 
ATOM   970  N  N   . GLY A 1 149 ? 12.103  -13.567 6.745   1.00 86.37 ? 148 GLY A N   1 
ATOM   971  C  CA  . GLY A 1 149 ? 12.452  -14.978 6.569   1.00 85.79 ? 148 GLY A CA  1 
ATOM   972  C  C   . GLY A 1 149 ? 11.800  -15.615 5.340   1.00 85.99 ? 148 GLY A C   1 
ATOM   973  O  O   . GLY A 1 149 ? 10.651  -15.296 5.018   1.00 86.23 ? 148 GLY A O   1 
ATOM   974  N  N   . GLU A 1 150 ? 12.533  -16.538 4.698   1.00 84.19 ? 149 GLU A N   1 
ATOM   975  C  CA  . GLU A 1 150 ? 12.138  -17.261 3.460   1.00 82.14 ? 149 GLU A CA  1 
ATOM   976  C  C   . GLU A 1 150 ? 11.865  -16.338 2.243   1.00 81.25 ? 149 GLU A C   1 
ATOM   977  O  O   . GLU A 1 150 ? 10.724  -15.939 1.978   1.00 82.55 ? 149 GLU A O   1 
ATOM   978  C  CB  . GLU A 1 150 ? 11.023  -18.320 3.688   1.00 82.45 ? 149 GLU A CB  1 
ATOM   979  C  CG  . GLU A 1 150 ? 9.610   -17.842 4.014   1.00 83.49 ? 149 GLU A CG  1 
ATOM   980  N  N   . GLY A 1 151 ? 12.944  -16.015 1.520   1.00 78.18 ? 150 GLY A N   1 
ATOM   981  C  CA  . GLY A 1 151 ? 12.896  -15.165 0.321   1.00 75.56 ? 150 GLY A CA  1 
ATOM   982  C  C   . GLY A 1 151 ? 12.626  -15.936 -0.965  1.00 69.77 ? 150 GLY A C   1 
ATOM   983  O  O   . GLY A 1 151 ? 12.124  -17.069 -0.928  1.00 69.05 ? 150 GLY A O   1 
ATOM   984  N  N   . GLY A 1 152 ? 12.977  -15.315 -2.097  1.00 62.48 ? 151 GLY A N   1 
ATOM   985  C  CA  . GLY A 1 152 ? 12.787  -15.883 -3.441  1.00 56.07 ? 151 GLY A CA  1 
ATOM   986  C  C   . GLY A 1 152 ? 11.754  -15.149 -4.286  1.00 51.30 ? 151 GLY A C   1 
ATOM   987  O  O   . GLY A 1 152 ? 11.985  -14.919 -5.476  1.00 48.57 ? 151 GLY A O   1 
ATOM   988  N  N   . SER A 1 153 ? 10.626  -14.753 -3.682  1.00 44.76 ? 152 SER A N   1 
ATOM   989  C  CA  . SER A 1 153 ? 9.581   -14.065 -4.436  1.00 38.77 ? 152 SER A CA  1 
ATOM   990  C  C   . SER A 1 153 ? 9.961   -12.636 -4.833  1.00 36.79 ? 152 SER A C   1 
ATOM   991  O  O   . SER A 1 153 ? 10.790  -11.981 -4.177  1.00 36.53 ? 152 SER A O   1 
ATOM   992  C  CB  . SER A 1 153 ? 8.246   -14.076 -3.673  1.00 39.87 ? 152 SER A CB  1 
ATOM   993  O  OG  . SER A 1 153 ? 8.271   -13.224 -2.553  1.00 36.04 ? 152 SER A OG  1 
ATOM   994  N  N   . ALA A 1 154 ? 9.370   -12.163 -5.933  1.00 36.17 ? 153 ALA A N   1 
ATOM   995  C  CA  . ALA A 1 154 ? 9.518   -10.762 -6.357  1.00 35.78 ? 153 ALA A CA  1 
ATOM   996  C  C   . ALA A 1 154 ? 8.997   -9.838  -5.266  1.00 35.08 ? 153 ALA A C   1 
ATOM   997  O  O   . ALA A 1 154 ? 9.616   -8.812  -4.983  1.00 35.39 ? 153 ALA A O   1 
ATOM   998  C  CB  . ALA A 1 154 ? 8.795   -10.506 -7.673  1.00 36.47 ? 153 ALA A CB  1 
ATOM   999  N  N   . LEU A 1 155 ? 7.897   -10.208 -4.610  1.00 35.28 ? 154 LEU A N   1 
ATOM   1000 C  CA  . LEU A 1 155 ? 7.366   -9.369  -3.511  1.00 35.60 ? 154 LEU A CA  1 
ATOM   1001 C  C   . LEU A 1 155 ? 8.343   -9.259  -2.330  1.00 35.94 ? 154 LEU A C   1 
ATOM   1002 O  O   . LEU A 1 155 ? 8.585   -8.147  -1.827  1.00 34.86 ? 154 LEU A O   1 
ATOM   1003 C  CB  . LEU A 1 155 ? 6.014   -9.893  -3.012  1.00 36.05 ? 154 LEU A CB  1 
ATOM   1004 C  CG  . LEU A 1 155 ? 5.361   -9.098  -1.875  1.00 33.85 ? 154 LEU A CG  1 
ATOM   1005 C  CD1 . LEU A 1 155 ? 5.168   -7.613  -2.266  1.00 37.14 ? 154 LEU A CD1 1 
ATOM   1006 C  CD2 . LEU A 1 155 ? 4.075   -9.764  -1.479  1.00 39.51 ? 154 LEU A CD2 1 
ATOM   1007 N  N   . ALA A 1 156 ? 8.900   -10.387 -1.889  1.00 33.96 ? 155 ALA A N   1 
ATOM   1008 C  CA  . ALA A 1 156 ? 9.877   -10.354 -0.766  1.00 35.46 ? 155 ALA A CA  1 
ATOM   1009 C  C   . ALA A 1 156 ? 11.096  -9.485  -1.126  1.00 37.09 ? 155 ALA A C   1 
ATOM   1010 O  O   . ALA A 1 156 ? 11.545  -8.667  -0.311  1.00 35.88 ? 155 ALA A O   1 
ATOM   1011 C  CB  . ALA A 1 156 ? 10.311  -11.769 -0.354  1.00 34.16 ? 155 ALA A CB  1 
ATOM   1012 N  N   . ALA A 1 157 ? 11.584  -9.635  -2.364  1.00 37.22 ? 156 ALA A N   1 
ATOM   1013 C  CA  . ALA A 1 157 ? 12.717  -8.848  -2.880  1.00 35.80 ? 156 ALA A CA  1 
ATOM   1014 C  C   . ALA A 1 157 ? 12.388  -7.356  -2.901  1.00 36.45 ? 156 ALA A C   1 
ATOM   1015 O  O   . ALA A 1 157 ? 13.167  -6.537  -2.424  1.00 35.87 ? 156 ALA A O   1 
ATOM   1016 C  CB  . ALA A 1 157 ? 13.119  -9.326  -4.271  1.00 33.83 ? 156 ALA A CB  1 
ATOM   1017 N  N   . TRP A 1 158 ? 11.216  -7.017  -3.428  1.00 37.47 ? 157 TRP A N   1 
ATOM   1018 C  CA  . TRP A 1 158 ? 10.748  -5.628  -3.474  1.00 39.50 ? 157 TRP A CA  1 
ATOM   1019 C  C   . TRP A 1 158 ? 10.581  -5.042  -2.065  1.00 39.26 ? 157 TRP A C   1 
ATOM   1020 O  O   . TRP A 1 158 ? 10.987  -3.904  -1.806  1.00 40.67 ? 157 TRP A O   1 
ATOM   1021 C  CB  . TRP A 1 158 ? 9.417   -5.528  -4.249  1.00 40.14 ? 157 TRP A CB  1 
ATOM   1022 C  CG  . TRP A 1 158 ? 8.838   -4.168  -4.219  1.00 39.15 ? 157 TRP A CG  1 
ATOM   1023 C  CD1 . TRP A 1 158 ? 7.772   -3.732  -3.452  1.00 41.95 ? 157 TRP A CD1 1 
ATOM   1024 C  CD2 . TRP A 1 158 ? 9.297   -3.044  -4.945  1.00 40.98 ? 157 TRP A CD2 1 
ATOM   1025 N  NE1 . TRP A 1 158 ? 7.555   -2.401  -3.681  1.00 46.70 ? 157 TRP A NE1 1 
ATOM   1026 C  CE2 . TRP A 1 158 ? 8.472   -1.948  -4.591  1.00 42.44 ? 157 TRP A CE2 1 
ATOM   1027 C  CE3 . TRP A 1 158 ? 10.338  -2.845  -5.860  1.00 45.18 ? 157 TRP A CE3 1 
ATOM   1028 C  CZ2 . TRP A 1 158 ? 8.654   -0.670  -5.126  1.00 47.51 ? 157 TRP A CZ2 1 
ATOM   1029 C  CZ3 . TRP A 1 158 ? 10.519  -1.561  -6.412  1.00 47.87 ? 157 TRP A CZ3 1 
ATOM   1030 C  CH2 . TRP A 1 158 ? 9.671   -0.497  -6.044  1.00 47.50 ? 157 TRP A CH2 1 
ATOM   1031 N  N   . LEU A 1 159 ? 9.966   -5.803  -1.169  1.00 39.23 ? 158 LEU A N   1 
ATOM   1032 C  CA  . LEU A 1 159 ? 9.782   -5.322  0.212   1.00 40.92 ? 158 LEU A CA  1 
ATOM   1033 C  C   . LEU A 1 159 ? 11.123  -5.085  0.920   1.00 41.66 ? 158 LEU A C   1 
ATOM   1034 O  O   . LEU A 1 159 ? 11.247  -4.105  1.632   1.00 40.53 ? 158 LEU A O   1 
ATOM   1035 C  CB  . LEU A 1 159 ? 8.879   -6.251  1.036   1.00 42.23 ? 158 LEU A CB  1 
ATOM   1036 C  CG  . LEU A 1 159 ? 7.376   -6.305  0.722   1.00 40.92 ? 158 LEU A CG  1 
ATOM   1037 C  CD1 . LEU A 1 159 ? 6.715   -7.407  1.583   1.00 43.00 ? 158 LEU A CD1 1 
ATOM   1038 C  CD2 . LEU A 1 159 ? 6.656   -4.958  0.903   1.00 42.44 ? 158 LEU A CD2 1 
ATOM   1039 N  N   . ASP A 1 160 ? 12.115  -5.962  0.707   1.00 41.45 ? 159 ASP A N   1 
ATOM   1040 C  CA  . ASP A 1 160 ? 13.441  -5.790  1.336   1.00 41.70 ? 159 ASP A CA  1 
ATOM   1041 C  C   . ASP A 1 160 ? 14.103  -4.522  0.816   1.00 41.05 ? 159 ASP A C   1 
ATOM   1042 O  O   . ASP A 1 160 ? 14.717  -3.787  1.591   1.00 41.17 ? 159 ASP A O   1 
ATOM   1043 C  CB  . ASP A 1 160 ? 14.352  -7.009  1.115   1.00 40.40 ? 159 ASP A CB  1 
ATOM   1044 C  CG  . ASP A 1 160 ? 13.884  -8.236  1.860   1.00 44.90 ? 159 ASP A CG  1 
ATOM   1045 O  OD1 . ASP A 1 160 ? 13.063  -8.124  2.821   1.00 45.18 ? 159 ASP A OD1 1 
ATOM   1046 O  OD2 . ASP A 1 160 ? 14.337  -9.328  1.468   1.00 41.20 ? 159 ASP A OD2 1 
ATOM   1047 N  N   . HIS A 1 161 ? 13.968  -4.280  -0.495  1.00 41.01 ? 160 HIS A N   1 
ATOM   1048 C  CA  . HIS A 1 161 ? 14.477  -3.078  -1.127  1.00 41.13 ? 160 HIS A CA  1 
ATOM   1049 C  C   . HIS A 1 161 ? 13.766  -1.810  -0.639  1.00 40.50 ? 160 HIS A C   1 
ATOM   1050 O  O   . HIS A 1 161 ? 14.421  -0.812  -0.302  1.00 39.69 ? 160 HIS A O   1 
ATOM   1051 C  CB  . HIS A 1 161 ? 14.405  -3.207  -2.662  1.00 42.41 ? 160 HIS A CB  1 
ATOM   1052 C  CG  . HIS A 1 161 ? 14.653  -1.926  -3.388  1.00 46.91 ? 160 HIS A CG  1 
ATOM   1053 N  ND1 . HIS A 1 161 ? 15.861  -1.262  -3.342  1.00 41.49 ? 160 HIS A ND1 1 
ATOM   1054 C  CD2 . HIS A 1 161 ? 13.852  -1.197  -4.197  1.00 45.74 ? 160 HIS A CD2 1 
ATOM   1055 C  CE1 . HIS A 1 161 ? 15.789  -0.173  -4.087  1.00 43.49 ? 160 HIS A CE1 1 
ATOM   1056 N  NE2 . HIS A 1 161 ? 14.579  -0.107  -4.611  1.00 47.44 ? 160 HIS A NE2 1 
ATOM   1057 N  N   . ASP A 1 162 ? 12.439  -1.837  -0.615  1.00 40.27 ? 161 ASP A N   1 
ATOM   1058 C  CA  . ASP A 1 162 ? 11.676  -0.662  -0.182  1.00 39.99 ? 161 ASP A CA  1 
ATOM   1059 C  C   . ASP A 1 162 ? 11.989  -0.303  1.283   1.00 40.32 ? 161 ASP A C   1 
ATOM   1060 O  O   . ASP A 1 162 ? 12.153  0.854   1.611   1.00 38.92 ? 161 ASP A O   1 
ATOM   1061 C  CB  . ASP A 1 162 ? 10.190  -0.866  -0.397  1.00 39.38 ? 161 ASP A CB  1 
ATOM   1062 C  CG  . ASP A 1 162 ? 9.423   0.432   -0.352  1.00 44.18 ? 161 ASP A CG  1 
ATOM   1063 O  OD1 . ASP A 1 162 ? 9.758   1.310   -1.131  1.00 43.89 ? 161 ASP A OD1 1 
ATOM   1064 O  OD2 . ASP A 1 162 ? 8.479   0.565   0.420   1.00 45.11 ? 161 ASP A OD2 1 
HETATM 1065 N  N   . MSE A 1 163 ? 12.096  -1.310  2.137   1.00 40.39 ? 162 MSE A N   1 
HETATM 1066 C  CA  . MSE A 1 163 ? 12.471  -1.111  3.530   1.00 41.75 ? 162 MSE A CA  1 
HETATM 1067 C  C   . MSE A 1 163 ? 13.888  -0.546  3.687   1.00 39.49 ? 162 MSE A C   1 
HETATM 1068 O  O   . MSE A 1 163 ? 14.084  0.325   4.524   1.00 42.72 ? 162 MSE A O   1 
HETATM 1069 C  CB  . MSE A 1 163 ? 12.276  -2.383  4.342   1.00 39.42 ? 162 MSE A CB  1 
HETATM 1070 C  CG  . MSE A 1 163 ? 10.835  -2.764  4.518   1.00 43.01 ? 162 MSE A CG  1 
HETATM 1071 SE SE  . MSE A 1 163 ? 10.658  -4.446  5.548   0.75 50.79 ? 162 MSE A SE  1 
HETATM 1072 C  CE  . MSE A 1 163 ? 11.137  -3.762  7.308   1.00 58.64 ? 162 MSE A CE  1 
ATOM   1073 N  N   . ALA A 1 164 ? 14.845  -0.994  2.862   1.00 39.92 ? 163 ALA A N   1 
ATOM   1074 C  CA  . ALA A 1 164 ? 16.212  -0.445  2.870   1.00 39.97 ? 163 ALA A CA  1 
ATOM   1075 C  C   . ALA A 1 164 ? 16.197  1.068   2.550   1.00 40.49 ? 163 ALA A C   1 
ATOM   1076 O  O   . ALA A 1 164 ? 16.865  1.844   3.227   1.00 39.78 ? 163 ALA A O   1 
ATOM   1077 C  CB  . ALA A 1 164 ? 17.142  -1.208  1.913   1.00 38.00 ? 163 ALA A CB  1 
ATOM   1078 N  N   . LEU A 1 165 ? 15.433  1.482   1.536   1.00 40.29 ? 164 LEU A N   1 
ATOM   1079 C  CA  . LEU A 1 165 ? 15.293  2.909   1.197   1.00 42.02 ? 164 LEU A CA  1 
ATOM   1080 C  C   . LEU A 1 165 ? 14.577  3.675   2.311   1.00 40.56 ? 164 LEU A C   1 
ATOM   1081 O  O   . LEU A 1 165 ? 14.954  4.805   2.609   1.00 43.01 ? 164 LEU A O   1 
ATOM   1082 C  CB  . LEU A 1 165 ? 14.544  3.113   -0.143  1.00 44.68 ? 164 LEU A CB  1 
ATOM   1083 C  CG  . LEU A 1 165 ? 15.181  2.497   -1.398  1.00 49.07 ? 164 LEU A CG  1 
ATOM   1084 C  CD1 . LEU A 1 165 ? 14.494  3.033   -2.647  1.00 50.30 ? 164 LEU A CD1 1 
ATOM   1085 C  CD2 . LEU A 1 165 ? 16.651  2.764   -1.494  1.00 47.82 ? 164 LEU A CD2 1 
ATOM   1086 N  N   . LEU A 1 166 ? 13.546  3.080   2.915   1.00 40.56 ? 165 LEU A N   1 
ATOM   1087 C  CA  . LEU A 1 166 ? 12.866  3.693   4.066   1.00 40.67 ? 165 LEU A CA  1 
ATOM   1088 C  C   . LEU A 1 166 ? 13.790  3.885   5.277   1.00 42.00 ? 165 LEU A C   1 
ATOM   1089 O  O   . LEU A 1 166 ? 13.655  4.888   5.975   1.00 41.16 ? 165 LEU A O   1 
ATOM   1090 C  CB  . LEU A 1 166 ? 11.598  2.929   4.493   1.00 41.29 ? 165 LEU A CB  1 
ATOM   1091 C  CG  . LEU A 1 166 ? 10.374  3.087   3.569   1.00 47.70 ? 165 LEU A CG  1 
ATOM   1092 C  CD1 . LEU A 1 166 ? 9.307   2.037   3.947   1.00 49.00 ? 165 LEU A CD1 1 
ATOM   1093 C  CD2 . LEU A 1 166 ? 9.800   4.527   3.599   1.00 50.08 ? 165 LEU A CD2 1 
ATOM   1094 N  N   . GLU A 1 167 ? 14.658  2.904   5.549   1.00 39.47 ? 166 GLU A N   1 
ATOM   1095 C  CA  A GLU A 1 167 ? 15.640  3.012   6.639   0.50 41.66 ? 166 GLU A CA  1 
ATOM   1096 C  CA  B GLU A 1 167 ? 15.662  3.009   6.634   0.50 41.27 ? 166 GLU A CA  1 
ATOM   1097 C  C   . GLU A 1 167 ? 16.605  4.193   6.378   1.00 40.42 ? 166 GLU A C   1 
ATOM   1098 O  O   . GLU A 1 167 ? 16.952  4.925   7.305   1.00 40.97 ? 166 GLU A O   1 
ATOM   1099 C  CB  A GLU A 1 167 ? 16.362  1.663   6.859   0.50 39.96 ? 166 GLU A CB  1 
ATOM   1100 C  CB  B GLU A 1 167 ? 16.483  1.713   6.775   0.50 40.13 ? 166 GLU A CB  1 
ATOM   1101 C  CG  A GLU A 1 167 ? 15.444  0.636   7.536   0.50 43.04 ? 166 GLU A CG  1 
ATOM   1102 C  CG  B GLU A 1 167 ? 15.733  0.535   7.370   0.50 41.91 ? 166 GLU A CG  1 
ATOM   1103 C  CD  A GLU A 1 167 ? 15.910  -0.831  7.486   0.50 45.10 ? 166 GLU A CD  1 
ATOM   1104 C  CD  B GLU A 1 167 ? 15.561  0.567   8.899   0.50 46.24 ? 166 GLU A CD  1 
ATOM   1105 O  OE1 A GLU A 1 167 ? 17.026  -1.128  6.996   0.50 44.54 ? 166 GLU A OE1 1 
ATOM   1106 O  OE1 B GLU A 1 167 ? 15.891  1.583   9.564   0.50 50.28 ? 166 GLU A OE1 1 
ATOM   1107 O  OE2 A GLU A 1 167 ? 15.108  -1.702  7.921   0.50 50.01 ? 166 GLU A OE2 1 
ATOM   1108 O  OE2 B GLU A 1 167 ? 15.072  -0.455  9.441   0.50 49.36 ? 166 GLU A OE2 1 
ATOM   1109 N  N   . SER A 1 168 ? 17.004  4.375   5.117   1.00 42.29 ? 167 SER A N   1 
ATOM   1110 C  CA  A SER A 1 168 ? 17.847  5.516   4.707   0.50 42.21 ? 167 SER A CA  1 
ATOM   1111 C  CA  B SER A 1 168 ? 17.839  5.515   4.684   0.50 42.77 ? 167 SER A CA  1 
ATOM   1112 C  C   . SER A 1 168 ? 17.098  6.844   4.879   1.00 43.95 ? 167 SER A C   1 
ATOM   1113 O  O   . SER A 1 168 ? 17.679  7.837   5.348   1.00 43.41 ? 167 SER A O   1 
ATOM   1114 C  CB  A SER A 1 168 ? 18.348  5.361   3.272   0.50 41.65 ? 167 SER A CB  1 
ATOM   1115 C  CB  B SER A 1 168 ? 18.262  5.361   3.222   0.50 42.52 ? 167 SER A CB  1 
ATOM   1116 O  OG  A SER A 1 168 ? 19.156  4.199   3.152   0.50 39.10 ? 167 SER A OG  1 
ATOM   1117 O  OG  B SER A 1 168 ? 18.987  6.483   2.768   0.50 46.09 ? 167 SER A OG  1 
ATOM   1118 N  N   . ARG A 1 169 ? 15.825  6.870   4.517   1.00 44.15 ? 168 ARG A N   1 
ATOM   1119 C  CA  . ARG A 1 169 ? 14.996  8.047   4.731   1.00 43.66 ? 168 ARG A CA  1 
ATOM   1120 C  C   . ARG A 1 169 ? 14.852  8.374   6.225   1.00 43.04 ? 168 ARG A C   1 
ATOM   1121 O  O   . ARG A 1 169 ? 14.925  9.551   6.596   1.00 40.84 ? 168 ARG A O   1 
ATOM   1122 C  CB  . ARG A 1 169 ? 13.618  7.892   4.099   1.00 45.42 ? 168 ARG A CB  1 
ATOM   1123 C  CG  . ARG A 1 169 ? 12.684  9.059   4.420   1.00 47.24 ? 168 ARG A CG  1 
ATOM   1124 C  CD  . ARG A 1 169 ? 11.829  9.375   3.266   1.00 55.53 ? 168 ARG A CD  1 
ATOM   1125 N  NE  . ARG A 1 169 ? 12.661  9.910   2.194   1.00 52.11 ? 168 ARG A NE  1 
ATOM   1126 C  CZ  . ARG A 1 169 ? 12.275  10.031  0.927   1.00 57.31 ? 168 ARG A CZ  1 
ATOM   1127 N  NH1 . ARG A 1 169 ? 11.050  9.679   0.535   1.00 55.98 ? 168 ARG A NH1 1 
ATOM   1128 N  NH2 . ARG A 1 169 ? 13.128  10.528  0.041   1.00 55.38 ? 168 ARG A NH2 1 
ATOM   1129 N  N   . LEU A 1 170 ? 14.634  7.354   7.047   1.00 42.22 ? 169 LEU A N   1 
ATOM   1130 C  CA  . LEU A 1 170 ? 14.520  7.529   8.508   1.00 43.71 ? 169 LEU A CA  1 
ATOM   1131 C  C   . LEU A 1 170 ? 15.809  8.164   9.095   1.00 42.65 ? 169 LEU A C   1 
ATOM   1132 O  O   . LEU A 1 170 ? 15.713  9.119   9.855   1.00 41.45 ? 169 LEU A O   1 
ATOM   1133 C  CB  . LEU A 1 170 ? 14.202  6.213   9.222   1.00 44.34 ? 169 LEU A CB  1 
ATOM   1134 C  CG  . LEU A 1 170 ? 13.979  6.249   10.742  1.00 44.39 ? 169 LEU A CG  1 
ATOM   1135 C  CD1 . LEU A 1 170 ? 12.868  7.230   11.153  1.00 43.97 ? 169 LEU A CD1 1 
ATOM   1136 C  CD2 . LEU A 1 170 ? 13.670  4.834   11.306  1.00 45.76 ? 169 LEU A CD2 1 
ATOM   1137 N  N   . ALA A 1 171 ? 16.972  7.643   8.696   1.00 40.32 ? 170 ALA A N   1 
ATOM   1138 C  CA  . ALA A 1 171 ? 18.289  8.150   9.133   1.00 42.98 ? 170 ALA A CA  1 
ATOM   1139 C  C   . ALA A 1 171 ? 18.511  9.588   8.661   1.00 42.51 ? 170 ALA A C   1 
ATOM   1140 O  O   . ALA A 1 171 ? 18.991  10.437  9.421   1.00 40.01 ? 170 ALA A O   1 
ATOM   1141 C  CB  . ALA A 1 171 ? 19.441  7.220   8.635   1.00 42.67 ? 170 ALA A CB  1 
ATOM   1142 N  N   . TRP A 1 172 ? 18.132  9.882   7.418   1.00 39.61 ? 171 TRP A N   1 
ATOM   1143 C  CA  . TRP A 1 172 ? 18.235  11.239  6.890   1.00 39.79 ? 171 TRP A CA  1 
ATOM   1144 C  C   . TRP A 1 172 ? 17.365  12.223  7.693   1.00 40.05 ? 171 TRP A C   1 
ATOM   1145 O  O   . TRP A 1 172 ? 17.831  13.308  8.052   1.00 38.25 ? 171 TRP A O   1 
ATOM   1146 C  CB  . TRP A 1 172 ? 17.829  11.279  5.414   1.00 40.95 ? 171 TRP A CB  1 
ATOM   1147 C  CG  . TRP A 1 172 ? 18.084  12.596  4.775   1.00 37.16 ? 171 TRP A CG  1 
ATOM   1148 C  CD1 . TRP A 1 172 ? 19.227  12.981  4.167   1.00 39.68 ? 171 TRP A CD1 1 
ATOM   1149 C  CD2 . TRP A 1 172 ? 17.185  13.704  4.686   1.00 38.42 ? 171 TRP A CD2 1 
ATOM   1150 N  NE1 . TRP A 1 172 ? 19.109  14.256  3.709   1.00 38.39 ? 171 TRP A NE1 1 
ATOM   1151 C  CE2 . TRP A 1 172 ? 17.867  14.731  4.015   1.00 34.16 ? 171 TRP A CE2 1 
ATOM   1152 C  CE3 . TRP A 1 172 ? 15.869  13.931  5.116   1.00 44.37 ? 171 TRP A CE3 1 
ATOM   1153 C  CZ2 . TRP A 1 172 ? 17.283  15.965  3.740   1.00 37.79 ? 171 TRP A CZ2 1 
ATOM   1154 C  CZ3 . TRP A 1 172 ? 15.295  15.165  4.871   1.00 43.18 ? 171 TRP A CZ3 1 
ATOM   1155 C  CH2 . TRP A 1 172 ? 16.000  16.164  4.173   1.00 41.44 ? 171 TRP A CH2 1 
ATOM   1156 N  N   . LEU A 1 173 ? 16.119  11.832  7.976   1.00 37.93 ? 172 LEU A N   1 
ATOM   1157 C  CA  . LEU A 1 173 ? 15.185  12.661  8.765   1.00 40.73 ? 172 LEU A CA  1 
ATOM   1158 C  C   . LEU A 1 173 ? 15.655  12.892  10.210  1.00 39.52 ? 172 LEU A C   1 
ATOM   1159 O  O   . LEU A 1 173 ? 15.477  13.992  10.770  1.00 38.25 ? 172 LEU A O   1 
ATOM   1160 C  CB  . LEU A 1 173 ? 13.764  12.079  8.759   1.00 40.25 ? 172 LEU A CB  1 
ATOM   1161 C  CG  . LEU A 1 173 ? 13.004  12.161  7.417   1.00 41.88 ? 172 LEU A CG  1 
ATOM   1162 C  CD1 . LEU A 1 173 ? 11.783  11.217  7.451   1.00 43.57 ? 172 LEU A CD1 1 
ATOM   1163 C  CD2 . LEU A 1 173 ? 12.593  13.584  7.071   1.00 39.17 ? 172 LEU A CD2 1 
ATOM   1164 N  N   . GLU A 1 174 ? 16.220  11.855  10.815  1.00 40.16 ? 173 GLU A N   1 
ATOM   1165 C  CA  . GLU A 1 174 ? 16.792  11.967  12.168  1.00 40.66 ? 173 GLU A CA  1 
ATOM   1166 C  C   . GLU A 1 174 ? 18.013  12.902  12.181  1.00 40.77 ? 173 GLU A C   1 
ATOM   1167 O  O   . GLU A 1 174 ? 18.173  13.671  13.127  1.00 39.64 ? 173 GLU A O   1 
ATOM   1168 C  CB  . GLU A 1 174 ? 17.110  10.591  12.732  1.00 38.99 ? 173 GLU A CB  1 
ATOM   1169 C  CG  . GLU A 1 174 ? 15.825  9.800   13.042  1.00 42.25 ? 173 GLU A CG  1 
ATOM   1170 C  CD  . GLU A 1 174 ? 16.060  8.352   13.447  1.00 46.97 ? 173 GLU A CD  1 
ATOM   1171 O  OE1 . GLU A 1 174 ? 17.045  7.733   12.966  1.00 54.99 ? 173 GLU A OE1 1 
ATOM   1172 O  OE2 . GLU A 1 174 ? 15.249  7.839   14.263  1.00 56.63 ? 173 GLU A OE2 1 
ATOM   1173 N  N   . ASP A 1 175 ? 18.838  12.841  11.129  1.00 39.01 ? 174 ASP A N   1 
ATOM   1174 C  CA  . ASP A 1 175 ? 20.000  13.717  10.949  1.00 39.08 ? 174 ASP A CA  1 
ATOM   1175 C  C   . ASP A 1 175 ? 19.483  15.165  10.851  1.00 38.84 ? 174 ASP A C   1 
ATOM   1176 O  O   . ASP A 1 175 ? 19.917  16.035  11.609  1.00 36.96 ? 174 ASP A O   1 
ATOM   1177 C  CB  . ASP A 1 175 ? 20.802  13.251  9.717   1.00 41.29 ? 174 ASP A CB  1 
ATOM   1178 C  CG  . ASP A 1 175 ? 22.022  14.120  9.385   1.00 46.87 ? 174 ASP A CG  1 
ATOM   1179 O  OD1 . ASP A 1 175 ? 22.284  15.152  10.026  1.00 67.91 ? 174 ASP A OD1 1 
ATOM   1180 O  OD2 . ASP A 1 175 ? 22.737  13.774  8.417   1.00 67.43 ? 174 ASP A OD2 1 
ATOM   1181 N  N   . PHE A 1 176 ? 18.524  15.390  9.957   1.00 36.77 ? 175 PHE A N   1 
ATOM   1182 C  CA  . PHE A 1 176 ? 17.853  16.687  9.767   1.00 37.42 ? 175 PHE A CA  1 
ATOM   1183 C  C   . PHE A 1 176 ? 17.319  17.232  11.091  1.00 37.90 ? 175 PHE A C   1 
ATOM   1184 O  O   . PHE A 1 176 ? 17.606  18.390  11.462  1.00 39.29 ? 175 PHE A O   1 
ATOM   1185 C  CB  . PHE A 1 176 ? 16.697  16.521  8.760   1.00 40.11 ? 175 PHE A CB  1 
ATOM   1186 C  CG  . PHE A 1 176 ? 16.147  17.817  8.198   1.00 39.37 ? 175 PHE A CG  1 
ATOM   1187 C  CD1 . PHE A 1 176 ? 15.364  18.682  8.970   1.00 45.41 ? 175 PHE A CD1 1 
ATOM   1188 C  CD2 . PHE A 1 176 ? 16.347  18.135  6.866   1.00 49.77 ? 175 PHE A CD2 1 
ATOM   1189 C  CE1 . PHE A 1 176 ? 14.841  19.874  8.431   1.00 42.94 ? 175 PHE A CE1 1 
ATOM   1190 C  CE2 . PHE A 1 176 ? 15.806  19.316  6.315   1.00 50.24 ? 175 PHE A CE2 1 
ATOM   1191 C  CZ  . PHE A 1 176 ? 15.063  20.184  7.105   1.00 45.98 ? 175 PHE A CZ  1 
ATOM   1192 N  N   . ARG A 1 177 ? 16.562  16.397  11.818  1.00 37.92 ? 176 ARG A N   1 
ATOM   1193 C  CA  . ARG A 1 177 ? 15.985  16.800  13.106  1.00 37.42 ? 176 ARG A CA  1 
ATOM   1194 C  C   . ARG A 1 177 ? 17.068  17.211  14.125  1.00 36.32 ? 176 ARG A C   1 
ATOM   1195 O  O   . ARG A 1 177 ? 16.895  18.174  14.883  1.00 35.35 ? 176 ARG A O   1 
ATOM   1196 C  CB  . ARG A 1 177 ? 15.100  15.692  13.691  1.00 37.51 ? 176 ARG A CB  1 
ATOM   1197 C  CG  . ARG A 1 177 ? 14.411  16.024  15.040  1.00 38.55 ? 176 ARG A CG  1 
ATOM   1198 C  CD  . ARG A 1 177 ? 13.458  17.227  14.939  1.00 43.34 ? 176 ARG A CD  1 
ATOM   1199 N  NE  . ARG A 1 177 ? 12.949  17.617  16.260  1.00 41.53 ? 176 ARG A NE  1 
ATOM   1200 C  CZ  . ARG A 1 177 ? 13.579  18.405  17.141  1.00 48.30 ? 176 ARG A CZ  1 
ATOM   1201 N  NH1 . ARG A 1 177 ? 14.751  18.977  16.881  1.00 45.26 ? 176 ARG A NH1 1 
ATOM   1202 N  NH2 . ARG A 1 177 ? 12.997  18.649  18.315  1.00 46.93 ? 176 ARG A NH2 1 
ATOM   1203 N  N   . ALA A 1 178 ? 18.179  16.489  14.129  1.00 36.28 ? 177 ALA A N   1 
ATOM   1204 C  CA  . ALA A 1 178 ? 19.300  16.777  15.047  1.00 36.24 ? 177 ALA A CA  1 
ATOM   1205 C  C   . ALA A 1 178 ? 20.057  18.083  14.702  1.00 34.70 ? 177 ALA A C   1 
ATOM   1206 O  O   . ALA A 1 178 ? 20.761  18.661  15.571  1.00 34.64 ? 177 ALA A O   1 
ATOM   1207 C  CB  . ALA A 1 178 ? 20.251  15.579  15.084  1.00 36.02 ? 177 ALA A CB  1 
ATOM   1208 N  N   . ARG A 1 179 ? 19.941  18.545  13.450  1.00 34.31 ? 178 ARG A N   1 
ATOM   1209 C  CA  A ARG A 1 179 ? 20.576  19.795  13.013  0.50 36.24 ? 178 ARG A CA  1 
ATOM   1210 C  CA  B ARG A 1 179 ? 20.583  19.807  13.014  0.50 36.49 ? 178 ARG A CA  1 
ATOM   1211 C  C   . ARG A 1 179 ? 19.736  21.052  13.328  1.00 37.43 ? 178 ARG A C   1 
ATOM   1212 O  O   . ARG A 1 179 ? 20.252  22.188  13.292  1.00 34.60 ? 178 ARG A O   1 
ATOM   1213 C  CB  A ARG A 1 179 ? 20.933  19.694  11.533  0.50 34.29 ? 178 ARG A CB  1 
ATOM   1214 C  CB  B ARG A 1 179 ? 20.943  19.798  11.524  0.50 34.45 ? 178 ARG A CB  1 
ATOM   1215 C  CG  A ARG A 1 179 ? 22.043  18.665  11.279  0.50 35.37 ? 178 ARG A CG  1 
ATOM   1216 C  CG  B ARG A 1 179 ? 21.864  18.657  11.077  0.50 36.74 ? 178 ARG A CG  1 
ATOM   1217 C  CD  A ARG A 1 179 ? 22.246  18.380  9.804   0.50 34.36 ? 178 ARG A CD  1 
ATOM   1218 C  CD  B ARG A 1 179 ? 22.535  18.912  9.724   0.50 35.64 ? 178 ARG A CD  1 
ATOM   1219 N  NE  A ARG A 1 179 ? 23.576  17.819  9.530   0.50 34.60 ? 178 ARG A NE  1 
ATOM   1220 N  NE  B ARG A 1 179 ? 23.813  19.643  9.859   0.50 38.07 ? 178 ARG A NE  1 
ATOM   1221 C  CZ  A ARG A 1 179 ? 24.718  18.520  9.504   0.50 40.11 ? 178 ARG A CZ  1 
ATOM   1222 C  CZ  B ARG A 1 179 ? 25.024  19.081  10.001  0.50 35.97 ? 178 ARG A CZ  1 
ATOM   1223 N  NH1 A ARG A 1 179 ? 24.753  19.832  9.778   0.50 36.59 ? 178 ARG A NH1 1 
ATOM   1224 N  NH1 B ARG A 1 179 ? 25.195  17.753  10.059  0.50 34.29 ? 178 ARG A NH1 1 
ATOM   1225 N  NH2 A ARG A 1 179 ? 25.865  17.898  9.225   0.50 42.20 ? 178 ARG A NH2 1 
ATOM   1226 N  NH2 B ARG A 1 179 ? 26.104  19.871  10.110  0.50 42.39 ? 178 ARG A NH2 1 
ATOM   1227 N  N   . LEU A 1 180 ? 18.447  20.859  13.634  1.00 39.30 ? 179 LEU A N   1 
ATOM   1228 C  CA  . LEU A 1 180 ? 17.543  21.974  13.978  1.00 41.22 ? 179 LEU A CA  1 
ATOM   1229 C  C   . LEU A 1 180 ? 17.742  22.406  15.423  1.00 43.86 ? 179 LEU A C   1 
ATOM   1230 O  O   . LEU A 1 180 ? 18.184  21.623  16.267  1.00 47.61 ? 179 LEU A O   1 
ATOM   1231 C  CB  . LEU A 1 180 ? 16.082  21.582  13.795  1.00 40.06 ? 179 LEU A CB  1 
ATOM   1232 C  CG  . LEU A 1 180 ? 15.600  21.159  12.426  1.00 42.60 ? 179 LEU A CG  1 
ATOM   1233 C  CD1 . LEU A 1 180 ? 14.146  20.757  12.541  1.00 45.81 ? 179 LEU A CD1 1 
ATOM   1234 C  CD2 . LEU A 1 180 ? 15.794  22.271  11.407  1.00 48.58 ? 179 LEU A CD2 1 
ATOM   1235 O  OXT . LEU A 1 180 ? 17.427  23.534  15.802  1.00 47.16 ? 179 LEU A OXT 1 
HETATM 1236 O  O   . HOH B 2 .   ? -2.291  0.122   8.565   1.00 39.49 ? 180 HOH A O   1 
HETATM 1237 O  O   . HOH B 2 .   ? 13.182  -12.658 -2.642  1.00 40.97 ? 181 HOH A O   1 
HETATM 1238 O  O   . HOH B 2 .   ? 1.558   -3.890  10.831  1.00 44.00 ? 182 HOH A O   1 
HETATM 1239 O  O   . HOH B 2 .   ? 4.331   28.011  12.362  1.00 59.53 ? 183 HOH A O   1 
HETATM 1240 O  O   . HOH B 2 .   ? 6.687   10.470  6.789   1.00 45.26 ? 184 HOH A O   1 
HETATM 1241 O  O   . HOH B 2 .   ? 9.451   -15.224 -0.869  1.00 46.34 ? 185 HOH A O   1 
HETATM 1242 O  O   . HOH B 2 .   ? 7.809   6.614   15.927  1.00 56.96 ? 186 HOH A O   1 
HETATM 1243 O  O   . HOH B 2 .   ? 13.210  5.536   14.803  1.00 63.65 ? 187 HOH A O   1 
HETATM 1244 O  O   . HOH B 2 .   ? 20.432  8.102   5.118   1.00 38.07 ? 188 HOH A O   1 
HETATM 1245 O  O   . HOH B 2 .   ? 9.028   11.570  15.785  1.00 51.10 ? 189 HOH A O   1 
HETATM 1246 O  O   . HOH B 2 .   ? 6.055   -12.158 -5.766  1.00 30.34 ? 190 HOH A O   1 
HETATM 1247 O  O   . HOH B 2 .   ? 9.588   0.723   12.692  1.00 42.12 ? 191 HOH A O   1 
HETATM 1248 O  O   . HOH B 2 .   ? 2.585   0.764   12.041  1.00 54.99 ? 192 HOH A O   1 
HETATM 1249 O  O   . HOH B 2 .   ? 3.194   6.200   7.888   1.00 38.98 ? 193 HOH A O   1 
HETATM 1250 O  O   . HOH B 2 .   ? 6.386   -4.818  12.527  1.00 43.67 ? 194 HOH A O   1 
HETATM 1251 O  O   . HOH B 2 .   ? 11.954  27.983  3.400   1.00 39.94 ? 195 HOH A O   1 
HETATM 1252 O  O   . HOH B 2 .   ? 19.179  1.360   4.402   1.00 37.73 ? 196 HOH A O   1 
HETATM 1253 O  O   . HOH B 2 .   ? 8.140   7.485   3.114   1.00 55.34 ? 197 HOH A O   1 
HETATM 1254 O  O   . HOH B 2 .   ? -4.801  -10.092 -0.562  1.00 38.46 ? 198 HOH A O   1 
HETATM 1255 O  O   . HOH B 2 .   ? 17.557  5.385   12.068  1.00 50.89 ? 199 HOH A O   1 
HETATM 1256 O  O   . HOH B 2 .   ? 19.633  3.498   0.599   0.50 41.33 ? 200 HOH A O   1 
HETATM 1257 O  O   . HOH B 2 .   ? 9.171   14.628  -2.624  1.00 42.25 ? 201 HOH A O   1 
HETATM 1258 O  O   . HOH B 2 .   ? 17.151  13.252  15.500  1.00 43.30 ? 202 HOH A O   1 
HETATM 1259 O  O   . HOH B 2 .   ? -4.133  5.639   4.885   1.00 46.58 ? 203 HOH A O   1 
HETATM 1260 O  O   . HOH B 2 .   ? 17.948  -2.174  -1.933  1.00 49.61 ? 204 HOH A O   1 
HETATM 1261 O  O   . HOH B 2 .   ? 4.247   1.180   1.860   1.00 39.80 ? 205 HOH A O   1 
HETATM 1262 O  O   . HOH B 2 .   ? 5.332   16.995  8.646   1.00 47.74 ? 206 HOH A O   1 
HETATM 1263 O  O   . HOH B 2 .   ? 3.043   11.000  11.273  1.00 54.39 ? 207 HOH A O   1 
HETATM 1264 O  O   . HOH B 2 .   ? 5.793   -0.077  -0.039  1.00 38.56 ? 208 HOH A O   1 
HETATM 1265 O  O   . HOH B 2 .   ? 13.266  24.270  14.320  1.00 53.00 ? 209 HOH A O   1 
HETATM 1266 O  O   . HOH B 2 .   ? -11.614 -6.233  2.429   1.00 57.57 ? 210 HOH A O   1 
HETATM 1267 O  O   . HOH B 2 .   ? 6.884   17.006  18.130  1.00 53.50 ? 211 HOH A O   1 
HETATM 1268 O  O   . HOH B 2 .   ? 9.257   28.856  17.452  1.00 57.61 ? 212 HOH A O   1 
HETATM 1269 O  O   . HOH B 2 .   ? -7.362  6.557   6.266   1.00 42.62 ? 213 HOH A O   1 
HETATM 1270 O  O   . HOH B 2 .   ? 4.682   -10.961 10.031  1.00 65.63 ? 214 HOH A O   1 
HETATM 1271 O  O   . HOH B 2 .   ? -5.454  -6.696  9.074   1.00 40.78 ? 215 HOH A O   1 
HETATM 1272 O  O   . HOH B 2 .   ? 2.630   -11.809 6.205   1.00 70.18 ? 216 HOH A O   1 
HETATM 1273 O  O   . HOH B 2 .   ? 14.546  -10.992 -0.914  1.00 41.19 ? 217 HOH A O   1 
HETATM 1274 O  O   . HOH B 2 .   ? 5.720   5.661   14.514  1.00 47.35 ? 218 HOH A O   1 
HETATM 1275 O  O   . HOH B 2 .   ? 4.521   11.378  7.901   1.00 51.73 ? 219 HOH A O   1 
HETATM 1276 O  O   . HOH B 2 .   ? 17.376  3.977   9.631   1.00 34.57 ? 220 HOH A O   1 
HETATM 1277 O  O   . HOH B 2 .   ? 19.748  2.958   8.953   1.00 53.01 ? 221 HOH A O   1 
HETATM 1278 O  O   . HOH B 2 .   ? 20.301  3.141   6.152   1.00 52.44 ? 222 HOH A O   1 
HETATM 1279 O  O   . HOH B 2 .   ? 15.756  -4.721  3.858   1.00 36.56 ? 223 HOH A O   1 
HETATM 1280 O  O   . HOH B 2 .   ? -7.503  -8.256  7.944   1.00 44.91 ? 224 HOH A O   1 
HETATM 1281 O  O   . HOH B 2 .   ? 17.518  -5.122  -1.158  1.00 51.70 ? 225 HOH A O   1 
HETATM 1282 O  O   . HOH B 2 .   ? 15.821  -6.930  -2.666  1.00 33.10 ? 226 HOH A O   1 
HETATM 1283 O  O   . HOH B 2 .   ? 25.067  14.761  9.241   1.00 57.54 ? 227 HOH A O   1 
HETATM 1284 O  O   . HOH B 2 .   ? 7.455   -14.173 -7.696  1.00 59.46 ? 228 HOH A O   1 
HETATM 1285 O  O   . HOH B 2 .   ? 10.158  -1.828  12.345  1.00 55.91 ? 229 HOH A O   1 
HETATM 1286 O  O   . HOH B 2 .   ? 13.505  -8.275  5.370   1.00 59.90 ? 230 HOH A O   1 
HETATM 1287 O  O   . HOH B 2 .   ? 19.123  -1.065  5.390   1.00 51.96 ? 231 HOH A O   1 
HETATM 1288 O  O   . HOH B 2 .   ? 7.329   2.969   0.759   1.00 50.53 ? 232 HOH A O   1 
HETATM 1289 O  O   . HOH B 2 .   ? 8.018   10.849  3.866   1.00 63.53 ? 233 HOH A O   1 
HETATM 1290 O  O   . HOH B 2 .   ? 4.050   0.548   -15.191 1.00 57.05 ? 234 HOH A O   1 
HETATM 1291 O  O   . HOH B 2 .   ? 17.287  15.310  17.419  1.00 58.22 ? 235 HOH A O   1 
HETATM 1292 O  O   . HOH B 2 .   ? 16.381  -9.725  -2.633  1.00 40.59 ? 236 HOH A O   1 
# 
